data_2N8W
#
_entry.id   2N8W
#
_entity_poly.entity_id   1
_entity_poly.type   'polypeptide(L)'
_entity_poly.pdbx_seq_one_letter_code
;ADENIAKFEKAYKKAEELNQGELMGRALYNIGLEKNKMGKAREAAEYFFRAAIVFYKEHDTDGLRRAAKSLKEAITAIPE
EEGRKEAKEMAKKAEEWLQAEQNN
;
_entity_poly.pdbx_strand_id   A
#
# COMPACT_ATOMS: atom_id res chain seq x y z
N ALA A 1 -19.40 2.13 9.25
CA ALA A 1 -18.15 2.77 8.77
C ALA A 1 -17.03 1.70 8.61
N ASP A 2 -16.28 1.79 7.49
CA ASP A 2 -15.09 0.96 7.17
C ASP A 2 -15.45 -0.46 6.67
N GLU A 3 -16.34 -1.14 7.42
CA GLU A 3 -16.95 -2.44 7.03
C GLU A 3 -15.89 -3.55 6.85
N ASN A 4 -15.37 -3.64 5.60
CA ASN A 4 -14.37 -4.64 5.21
C ASN A 4 -13.06 -4.38 5.97
N ILE A 5 -12.69 -3.08 6.04
CA ILE A 5 -11.49 -2.60 6.75
C ILE A 5 -11.50 -3.03 8.21
N ALA A 6 -12.66 -2.84 8.87
CA ALA A 6 -12.85 -3.13 10.29
C ALA A 6 -12.50 -4.59 10.61
N LYS A 7 -12.87 -5.48 9.67
CA LYS A 7 -12.53 -6.90 9.72
C LYS A 7 -11.01 -7.11 9.50
N PHE A 8 -10.45 -6.39 8.50
CA PHE A 8 -9.02 -6.49 8.13
C PHE A 8 -8.07 -5.90 9.20
N GLU A 9 -8.60 -5.04 10.09
CA GLU A 9 -7.84 -4.53 11.25
C GLU A 9 -7.56 -5.67 12.26
N LYS A 10 -8.43 -6.70 12.24
CA LYS A 10 -8.28 -7.93 13.05
C LYS A 10 -7.64 -9.06 12.23
N ALA A 11 -7.73 -8.98 10.90
CA ALA A 11 -7.15 -10.01 9.98
C ALA A 11 -5.65 -9.76 9.77
N TYR A 12 -5.26 -8.48 9.76
CA TYR A 12 -3.86 -8.06 9.66
C TYR A 12 -3.28 -8.04 11.09
N LYS A 13 -2.56 -9.11 11.46
CA LYS A 13 -1.83 -9.18 12.75
C LYS A 13 -0.50 -8.43 12.64
N LYS A 14 0.26 -8.36 13.74
CA LYS A 14 1.52 -7.59 13.80
C LYS A 14 2.59 -8.21 12.88
N ALA A 15 2.57 -7.77 11.61
CA ALA A 15 3.49 -8.27 10.56
C ALA A 15 4.88 -7.61 10.65
N GLU A 16 4.89 -6.36 11.14
CA GLU A 16 6.08 -5.47 11.09
C GLU A 16 6.91 -5.56 12.38
N GLU A 17 6.72 -6.65 13.14
CA GLU A 17 7.55 -6.95 14.34
C GLU A 17 7.62 -8.48 14.56
N LEU A 18 7.30 -9.23 13.50
CA LEU A 18 7.18 -10.70 13.53
C LEU A 18 7.57 -11.22 12.13
N ASN A 19 8.06 -12.47 12.04
CA ASN A 19 8.49 -13.07 10.75
C ASN A 19 7.30 -13.67 9.97
N GLN A 20 6.15 -12.96 10.02
CA GLN A 20 4.98 -13.22 9.17
C GLN A 20 4.79 -11.99 8.27
N GLY A 21 4.85 -12.16 6.94
CA GLY A 21 4.76 -11.02 6.00
C GLY A 21 3.88 -11.31 4.80
N GLU A 22 4.16 -12.44 4.14
CA GLU A 22 3.44 -12.90 2.94
C GLU A 22 1.92 -13.13 3.20
N LEU A 23 1.59 -13.44 4.47
CA LEU A 23 0.19 -13.65 4.94
C LEU A 23 -0.59 -12.32 4.95
N MET A 24 0.16 -11.22 5.00
CA MET A 24 -0.38 -9.85 5.11
C MET A 24 0.24 -8.94 4.04
N GLY A 25 0.25 -7.62 4.27
CA GLY A 25 0.60 -6.64 3.25
C GLY A 25 -0.60 -6.36 2.35
N ARG A 26 -1.09 -7.43 1.70
CA ARG A 26 -2.26 -7.41 0.80
C ARG A 26 -3.54 -7.00 1.55
N ALA A 27 -3.56 -7.23 2.88
CA ALA A 27 -4.66 -6.79 3.74
C ALA A 27 -4.66 -5.25 3.87
N LEU A 28 -3.46 -4.63 4.08
CA LEU A 28 -3.32 -3.15 4.09
C LEU A 28 -3.64 -2.56 2.71
N TYR A 29 -3.24 -3.30 1.65
CA TYR A 29 -3.53 -2.93 0.25
C TYR A 29 -5.06 -2.86 0.03
N ASN A 30 -5.79 -3.86 0.56
CA ASN A 30 -7.25 -3.97 0.39
C ASN A 30 -7.97 -2.88 1.19
N ILE A 31 -7.44 -2.57 2.41
CA ILE A 31 -7.92 -1.46 3.24
C ILE A 31 -7.71 -0.13 2.50
N GLY A 32 -6.55 -0.02 1.84
CA GLY A 32 -6.17 1.16 1.07
C GLY A 32 -7.16 1.46 -0.05
N LEU A 33 -7.55 0.39 -0.77
CA LEU A 33 -8.58 0.48 -1.83
C LEU A 33 -9.87 1.09 -1.27
N GLU A 34 -10.33 0.55 -0.12
CA GLU A 34 -11.56 0.98 0.55
C GLU A 34 -11.51 2.45 1.00
N LYS A 35 -10.33 2.90 1.51
CA LYS A 35 -10.13 4.29 1.96
C LYS A 35 -10.35 5.28 0.78
N ASN A 36 -9.78 4.90 -0.39
CA ASN A 36 -9.89 5.70 -1.63
C ASN A 36 -11.33 5.67 -2.18
N LYS A 37 -12.02 4.53 -1.99
CA LYS A 37 -13.44 4.35 -2.40
C LYS A 37 -14.38 5.25 -1.57
N MET A 38 -13.96 5.56 -0.33
CA MET A 38 -14.71 6.45 0.58
C MET A 38 -14.23 7.91 0.45
N GLY A 39 -13.27 8.16 -0.46
CA GLY A 39 -12.82 9.53 -0.77
C GLY A 39 -11.50 9.90 -0.13
N LYS A 40 -11.19 9.27 1.02
CA LYS A 40 -9.98 9.57 1.81
C LYS A 40 -8.78 8.80 1.26
N ALA A 41 -8.25 9.28 0.13
CA ALA A 41 -7.16 8.62 -0.60
C ALA A 41 -5.79 8.88 0.05
N ARG A 42 -5.73 9.69 1.13
CA ARG A 42 -4.48 9.92 1.87
C ARG A 42 -4.08 8.64 2.62
N GLU A 43 -4.99 8.11 3.47
CA GLU A 43 -4.76 6.86 4.23
C GLU A 43 -4.58 5.68 3.25
N ALA A 44 -5.31 5.76 2.12
CA ALA A 44 -5.18 4.80 1.00
C ALA A 44 -3.71 4.68 0.55
N ALA A 45 -3.11 5.83 0.22
CA ALA A 45 -1.74 5.93 -0.27
C ALA A 45 -0.73 5.40 0.77
N GLU A 46 -0.98 5.74 2.06
CA GLU A 46 -0.12 5.31 3.19
C GLU A 46 -0.07 3.77 3.26
N TYR A 47 -1.26 3.15 3.15
CA TYR A 47 -1.41 1.69 3.26
C TYR A 47 -0.85 0.97 2.05
N PHE A 48 -0.92 1.60 0.86
CA PHE A 48 -0.32 1.05 -0.37
C PHE A 48 1.21 1.03 -0.25
N PHE A 49 1.77 2.03 0.46
CA PHE A 49 3.21 2.16 0.69
C PHE A 49 3.70 1.11 1.70
N ARG A 50 3.01 1.04 2.86
CA ARG A 50 3.35 0.11 3.95
C ARG A 50 3.16 -1.34 3.50
N ALA A 51 2.15 -1.56 2.63
CA ALA A 51 1.91 -2.84 1.97
C ALA A 51 3.08 -3.16 1.04
N ALA A 52 3.50 -2.15 0.24
CA ALA A 52 4.59 -2.29 -0.74
C ALA A 52 5.93 -2.64 -0.06
N ILE A 53 6.14 -2.15 1.19
CA ILE A 53 7.32 -2.49 2.00
C ILE A 53 7.30 -4.00 2.35
N VAL A 54 6.10 -4.49 2.76
CA VAL A 54 5.90 -5.91 3.12
C VAL A 54 6.14 -6.82 1.90
N PHE A 55 5.53 -6.45 0.74
CA PHE A 55 5.68 -7.19 -0.53
C PHE A 55 7.15 -7.22 -0.99
N TYR A 56 7.82 -6.07 -0.83
CA TYR A 56 9.23 -5.89 -1.21
C TYR A 56 10.15 -6.86 -0.44
N LYS A 57 10.00 -6.90 0.90
CA LYS A 57 10.74 -7.82 1.78
C LYS A 57 10.43 -9.30 1.46
N GLU A 58 9.17 -9.60 1.14
CA GLU A 58 8.73 -10.97 0.82
C GLU A 58 8.98 -11.31 -0.66
N HIS A 59 9.45 -10.30 -1.44
CA HIS A 59 9.77 -10.42 -2.87
C HIS A 59 8.54 -10.83 -3.69
N ASP A 60 7.37 -10.45 -3.19
CA ASP A 60 6.07 -10.66 -3.83
C ASP A 60 5.89 -9.58 -4.91
N THR A 61 6.41 -9.90 -6.12
CA THR A 61 6.45 -8.99 -7.28
C THR A 61 5.04 -8.56 -7.72
N ASP A 62 4.06 -9.49 -7.65
CA ASP A 62 2.67 -9.20 -8.06
C ASP A 62 2.09 -8.06 -7.22
N GLY A 63 2.10 -8.27 -5.90
CA GLY A 63 1.55 -7.32 -4.95
C GLY A 63 2.32 -6.02 -4.90
N LEU A 64 3.66 -6.08 -5.09
CA LEU A 64 4.53 -4.88 -5.11
C LEU A 64 4.21 -4.01 -6.33
N ARG A 65 4.00 -4.68 -7.48
CA ARG A 65 3.63 -4.04 -8.76
C ARG A 65 2.21 -3.46 -8.68
N ARG A 66 1.35 -4.19 -7.96
CA ARG A 66 -0.06 -3.89 -7.78
C ARG A 66 -0.23 -2.70 -6.80
N ALA A 67 0.65 -2.67 -5.79
CA ALA A 67 0.68 -1.62 -4.76
C ALA A 67 1.27 -0.33 -5.34
N ALA A 68 2.34 -0.48 -6.15
CA ALA A 68 3.02 0.65 -6.83
C ALA A 68 2.07 1.38 -7.79
N LYS A 69 1.35 0.57 -8.57
CA LYS A 69 0.39 1.03 -9.57
C LYS A 69 -0.74 1.83 -8.91
N SER A 70 -1.34 1.24 -7.88
CA SER A 70 -2.45 1.84 -7.12
C SER A 70 -1.97 3.05 -6.28
N LEU A 71 -0.68 3.02 -5.86
CA LEU A 71 -0.09 4.05 -4.99
C LEU A 71 -0.16 5.42 -5.66
N LYS A 72 0.42 5.50 -6.88
CA LYS A 72 0.56 6.77 -7.64
C LYS A 72 -0.81 7.39 -8.00
N GLU A 73 -1.80 6.51 -8.22
CA GLU A 73 -3.15 6.89 -8.66
C GLU A 73 -4.06 7.24 -7.47
N ALA A 74 -3.73 6.73 -6.26
CA ALA A 74 -4.39 7.14 -5.01
C ALA A 74 -3.89 8.54 -4.59
N ILE A 75 -2.63 8.83 -4.93
CA ILE A 75 -1.96 10.12 -4.64
C ILE A 75 -2.61 11.28 -5.42
N THR A 76 -2.92 11.02 -6.70
CA THR A 76 -3.59 12.01 -7.56
C THR A 76 -5.06 12.22 -7.10
N ALA A 77 -5.57 11.26 -6.29
CA ALA A 77 -6.93 11.29 -5.74
C ALA A 77 -6.97 11.81 -4.28
N ILE A 78 -5.79 12.17 -3.71
CA ILE A 78 -5.69 12.70 -2.33
C ILE A 78 -6.39 14.08 -2.23
N PRO A 79 -7.29 14.30 -1.20
CA PRO A 79 -8.01 15.59 -1.00
C PRO A 79 -7.09 16.72 -0.45
N GLU A 80 -7.70 17.77 0.15
CA GLU A 80 -6.99 18.93 0.75
C GLU A 80 -6.03 18.46 1.87
N GLU A 81 -5.06 19.34 2.21
CA GLU A 81 -3.86 18.94 3.00
C GLU A 81 -3.04 17.91 2.23
N GLU A 82 -3.19 17.91 0.88
CA GLU A 82 -2.42 17.06 -0.05
C GLU A 82 -0.91 17.24 0.21
N GLY A 83 -0.33 16.23 0.89
CA GLY A 83 1.05 16.29 1.38
C GLY A 83 2.10 16.50 0.30
N ARG A 84 1.79 15.96 -0.90
CA ARG A 84 2.61 16.09 -2.12
C ARG A 84 4.03 15.52 -1.92
N LYS A 85 4.94 16.33 -1.36
CA LYS A 85 6.37 15.97 -1.22
C LYS A 85 6.61 14.89 -0.13
N GLU A 86 5.53 14.35 0.47
CA GLU A 86 5.61 13.19 1.38
C GLU A 86 4.92 11.96 0.74
N ALA A 87 3.64 12.11 0.35
CA ALA A 87 2.80 10.98 -0.10
C ALA A 87 3.16 10.54 -1.53
N LYS A 88 3.44 11.52 -2.41
CA LYS A 88 3.72 11.28 -3.83
C LYS A 88 5.08 10.59 -4.03
N GLU A 89 6.03 10.90 -3.14
CA GLU A 89 7.38 10.32 -3.15
C GLU A 89 7.36 8.81 -2.85
N MET A 90 6.33 8.38 -2.11
CA MET A 90 6.11 6.95 -1.78
C MET A 90 5.86 6.11 -3.05
N ALA A 91 5.18 6.71 -4.04
CA ALA A 91 4.97 6.09 -5.36
C ALA A 91 6.33 5.86 -6.04
N LYS A 92 7.21 6.89 -5.94
CA LYS A 92 8.57 6.84 -6.51
C LYS A 92 9.41 5.74 -5.83
N LYS A 93 9.20 5.53 -4.52
CA LYS A 93 9.84 4.44 -3.75
C LYS A 93 9.46 3.07 -4.34
N ALA A 94 8.14 2.90 -4.52
CA ALA A 94 7.55 1.66 -5.04
C ALA A 94 7.98 1.37 -6.49
N GLU A 95 8.25 2.46 -7.26
CA GLU A 95 8.86 2.38 -8.60
C GLU A 95 10.25 1.72 -8.52
N GLU A 96 11.09 2.26 -7.62
CA GLU A 96 12.50 1.86 -7.47
C GLU A 96 12.63 0.38 -7.05
N TRP A 97 11.76 -0.02 -6.10
CA TRP A 97 11.71 -1.39 -5.58
C TRP A 97 11.33 -2.37 -6.69
N LEU A 98 10.28 -1.99 -7.45
CA LEU A 98 9.71 -2.83 -8.52
C LEU A 98 10.71 -3.08 -9.65
N GLN A 99 11.37 -2.01 -10.13
CA GLN A 99 12.31 -2.09 -11.26
C GLN A 99 13.56 -2.91 -10.89
N ALA A 100 14.00 -2.78 -9.62
CA ALA A 100 15.16 -3.51 -9.09
C ALA A 100 14.81 -5.00 -8.87
N GLU A 101 13.52 -5.29 -8.57
CA GLU A 101 13.00 -6.68 -8.47
C GLU A 101 13.04 -7.37 -9.84
N GLN A 102 12.90 -6.59 -10.93
CA GLN A 102 12.93 -7.12 -12.30
C GLN A 102 14.39 -7.27 -12.77
N ASN A 103 15.06 -6.12 -13.04
CA ASN A 103 16.50 -6.06 -13.44
C ASN A 103 16.81 -7.00 -14.64
N ASN A 104 15.82 -7.14 -15.53
CA ASN A 104 15.88 -8.05 -16.68
C ASN A 104 16.64 -7.36 -17.85
N ALA A 1 -16.95 4.30 5.30
CA ALA A 1 -17.07 2.83 5.13
C ALA A 1 -15.78 2.15 5.60
N ASP A 2 -15.75 1.79 6.90
CA ASP A 2 -14.66 0.99 7.52
C ASP A 2 -15.20 -0.35 8.02
N GLU A 3 -16.36 -0.76 7.46
CA GLU A 3 -17.08 -1.99 7.83
C GLU A 3 -16.24 -3.24 7.46
N ASN A 4 -15.69 -3.23 6.23
CA ASN A 4 -14.80 -4.28 5.71
C ASN A 4 -13.42 -4.16 6.36
N ILE A 5 -12.95 -2.89 6.50
CA ILE A 5 -11.62 -2.54 7.04
C ILE A 5 -11.41 -3.08 8.47
N ALA A 6 -12.48 -3.01 9.30
CA ALA A 6 -12.45 -3.45 10.72
C ALA A 6 -12.05 -4.95 10.84
N LYS A 7 -12.38 -5.72 9.81
CA LYS A 7 -12.04 -7.15 9.71
C LYS A 7 -10.56 -7.31 9.33
N PHE A 8 -10.10 -6.45 8.39
CA PHE A 8 -8.69 -6.43 7.93
C PHE A 8 -7.73 -5.93 9.03
N GLU A 9 -8.29 -5.20 10.02
CA GLU A 9 -7.54 -4.79 11.23
C GLU A 9 -7.14 -6.02 12.05
N LYS A 10 -8.14 -6.89 12.32
CA LYS A 10 -7.93 -8.12 13.11
C LYS A 10 -7.04 -9.10 12.32
N ALA A 11 -7.15 -9.05 10.98
CA ALA A 11 -6.35 -9.84 10.06
C ALA A 11 -4.88 -9.38 10.06
N TYR A 12 -4.67 -8.05 10.15
CA TYR A 12 -3.33 -7.46 10.04
C TYR A 12 -2.71 -7.26 11.44
N LYS A 13 -1.90 -8.23 11.84
CA LYS A 13 -1.21 -8.31 13.14
C LYS A 13 0.19 -7.63 13.11
N LYS A 14 0.37 -6.65 12.18
CA LYS A 14 1.66 -5.92 11.98
C LYS A 14 2.73 -6.83 11.36
N ALA A 15 3.19 -6.50 10.14
CA ALA A 15 4.15 -7.33 9.38
C ALA A 15 5.50 -6.63 9.19
N GLU A 16 5.78 -5.62 10.03
CA GLU A 16 7.03 -4.83 9.98
C GLU A 16 7.94 -5.22 11.14
N GLU A 17 7.42 -5.00 12.38
CA GLU A 17 8.10 -5.41 13.63
C GLU A 17 8.26 -6.94 13.68
N LEU A 18 7.25 -7.65 13.15
CA LEU A 18 7.28 -9.09 12.96
C LEU A 18 7.87 -9.39 11.57
N ASN A 19 8.78 -10.37 11.51
CA ASN A 19 9.37 -10.84 10.24
C ASN A 19 8.31 -11.63 9.43
N GLN A 20 7.25 -12.07 10.14
CA GLN A 20 6.03 -12.63 9.55
C GLN A 20 5.39 -11.60 8.59
N GLY A 21 5.33 -11.93 7.30
CA GLY A 21 4.77 -11.03 6.28
C GLY A 21 3.63 -11.68 5.53
N GLU A 22 3.84 -12.97 5.18
CA GLU A 22 2.89 -13.81 4.42
C GLU A 22 1.53 -13.94 5.12
N LEU A 23 1.56 -13.90 6.47
CA LEU A 23 0.35 -14.02 7.30
C LEU A 23 -0.56 -12.78 7.15
N MET A 24 0.07 -11.64 6.80
CA MET A 24 -0.62 -10.35 6.62
C MET A 24 -0.35 -9.80 5.18
N GLY A 25 0.38 -8.65 5.06
CA GLY A 25 0.67 -7.99 3.77
C GLY A 25 -0.57 -7.48 3.03
N ARG A 26 -1.26 -8.41 2.35
CA ARG A 26 -2.44 -8.14 1.49
C ARG A 26 -3.57 -7.40 2.22
N ALA A 27 -3.70 -7.63 3.55
CA ALA A 27 -4.78 -7.04 4.36
C ALA A 27 -4.72 -5.49 4.37
N LEU A 28 -3.49 -4.89 4.41
CA LEU A 28 -3.34 -3.40 4.34
C LEU A 28 -3.69 -2.87 2.94
N TYR A 29 -3.39 -3.68 1.91
CA TYR A 29 -3.69 -3.34 0.50
C TYR A 29 -5.23 -3.16 0.32
N ASN A 30 -6.01 -4.08 0.94
CA ASN A 30 -7.49 -4.03 0.89
C ASN A 30 -8.04 -2.80 1.64
N ILE A 31 -7.38 -2.40 2.75
CA ILE A 31 -7.76 -1.21 3.53
C ILE A 31 -7.57 0.04 2.66
N GLY A 32 -6.43 0.07 1.94
CA GLY A 32 -6.09 1.17 1.03
C GLY A 32 -7.10 1.32 -0.11
N LEU A 33 -7.54 0.18 -0.68
CA LEU A 33 -8.56 0.14 -1.76
C LEU A 33 -9.86 0.83 -1.30
N GLU A 34 -10.29 0.48 -0.07
CA GLU A 34 -11.50 1.04 0.56
C GLU A 34 -11.37 2.56 0.77
N LYS A 35 -10.18 3.00 1.21
CA LYS A 35 -9.87 4.43 1.44
C LYS A 35 -10.01 5.23 0.13
N ASN A 36 -9.42 4.66 -0.95
CA ASN A 36 -9.40 5.30 -2.28
C ASN A 36 -10.82 5.43 -2.85
N LYS A 37 -11.66 4.42 -2.54
CA LYS A 37 -13.08 4.39 -2.94
C LYS A 37 -13.93 5.40 -2.14
N MET A 38 -13.50 5.71 -0.90
CA MET A 38 -14.15 6.71 -0.04
C MET A 38 -13.63 8.14 -0.34
N GLY A 39 -12.68 8.25 -1.30
CA GLY A 39 -12.06 9.55 -1.62
C GLY A 39 -10.94 9.93 -0.65
N LYS A 40 -10.68 9.04 0.34
CA LYS A 40 -9.61 9.19 1.34
C LYS A 40 -8.29 8.68 0.77
N ALA A 41 -7.87 9.34 -0.32
CA ALA A 41 -6.72 8.95 -1.13
C ALA A 41 -5.38 9.11 -0.38
N ARG A 42 -5.40 9.93 0.70
CA ARG A 42 -4.24 10.14 1.58
C ARG A 42 -3.90 8.83 2.34
N GLU A 43 -4.92 8.23 2.99
CA GLU A 43 -4.75 6.94 3.69
C GLU A 43 -4.59 5.80 2.69
N ALA A 44 -5.23 5.94 1.51
CA ALA A 44 -5.14 4.93 0.45
C ALA A 44 -3.68 4.71 0.05
N ALA A 45 -3.03 5.83 -0.32
CA ALA A 45 -1.65 5.82 -0.82
C ALA A 45 -0.67 5.20 0.18
N GLU A 46 -0.82 5.55 1.48
CA GLU A 46 0.08 5.06 2.54
C GLU A 46 -0.17 3.58 2.84
N TYR A 47 -1.43 3.11 2.77
CA TYR A 47 -1.77 1.69 3.02
C TYR A 47 -1.23 0.78 1.91
N PHE A 48 -1.18 1.32 0.68
CA PHE A 48 -0.52 0.66 -0.45
C PHE A 48 0.99 0.60 -0.21
N PHE A 49 1.55 1.67 0.39
CA PHE A 49 2.99 1.79 0.67
C PHE A 49 3.46 0.82 1.77
N ARG A 50 2.66 0.77 2.87
CA ARG A 50 2.95 -0.08 4.05
C ARG A 50 2.92 -1.56 3.66
N ALA A 51 1.91 -1.90 2.82
CA ALA A 51 1.75 -3.23 2.24
C ALA A 51 2.90 -3.52 1.26
N ALA A 52 3.30 -2.49 0.48
CA ALA A 52 4.36 -2.62 -0.56
C ALA A 52 5.72 -2.98 0.04
N ILE A 53 5.98 -2.52 1.28
CA ILE A 53 7.20 -2.87 2.06
C ILE A 53 7.22 -4.38 2.34
N VAL A 54 6.05 -4.94 2.65
CA VAL A 54 5.86 -6.36 2.98
C VAL A 54 6.00 -7.23 1.70
N PHE A 55 5.49 -6.70 0.59
CA PHE A 55 5.60 -7.36 -0.73
C PHE A 55 7.05 -7.25 -1.26
N TYR A 56 7.76 -6.20 -0.85
CA TYR A 56 9.15 -5.94 -1.25
C TYR A 56 10.13 -6.89 -0.54
N LYS A 57 9.98 -6.97 0.80
CA LYS A 57 10.85 -7.82 1.64
C LYS A 57 10.71 -9.31 1.29
N GLU A 58 9.48 -9.73 0.92
CA GLU A 58 9.20 -11.11 0.48
C GLU A 58 9.46 -11.28 -1.03
N HIS A 59 9.68 -10.13 -1.72
CA HIS A 59 10.00 -10.07 -3.17
C HIS A 59 8.82 -10.56 -4.05
N ASP A 60 7.60 -10.37 -3.54
CA ASP A 60 6.35 -10.62 -4.28
C ASP A 60 6.09 -9.43 -5.20
N THR A 61 6.54 -9.56 -6.44
CA THR A 61 6.38 -8.55 -7.49
C THR A 61 4.92 -8.28 -7.83
N ASP A 62 4.06 -9.30 -7.64
CA ASP A 62 2.64 -9.23 -7.99
C ASP A 62 1.95 -8.18 -7.11
N GLY A 63 2.04 -8.38 -5.78
CA GLY A 63 1.47 -7.48 -4.80
C GLY A 63 2.17 -6.14 -4.76
N LEU A 64 3.50 -6.15 -4.95
CA LEU A 64 4.34 -4.93 -4.99
C LEU A 64 3.92 -4.02 -6.16
N ARG A 65 3.56 -4.67 -7.28
CA ARG A 65 3.10 -3.98 -8.51
C ARG A 65 1.70 -3.42 -8.31
N ARG A 66 0.83 -4.24 -7.68
CA ARG A 66 -0.56 -3.85 -7.34
C ARG A 66 -0.57 -2.63 -6.41
N ALA A 67 0.32 -2.65 -5.41
CA ALA A 67 0.43 -1.61 -4.40
C ALA A 67 1.04 -0.35 -5.00
N ALA A 68 2.12 -0.52 -5.81
CA ALA A 68 2.86 0.59 -6.45
C ALA A 68 1.98 1.37 -7.45
N LYS A 69 1.22 0.59 -8.25
CA LYS A 69 0.35 1.12 -9.31
C LYS A 69 -0.79 1.92 -8.66
N SER A 70 -1.47 1.29 -7.69
CA SER A 70 -2.62 1.88 -6.99
C SER A 70 -2.21 3.09 -6.13
N LEU A 71 -0.93 3.07 -5.66
CA LEU A 71 -0.33 4.11 -4.78
C LEU A 71 -0.39 5.47 -5.49
N LYS A 72 0.21 5.53 -6.69
CA LYS A 72 0.31 6.77 -7.48
C LYS A 72 -1.06 7.24 -7.99
N GLU A 73 -1.97 6.28 -8.25
CA GLU A 73 -3.34 6.55 -8.72
C GLU A 73 -4.22 7.15 -7.60
N ALA A 74 -3.87 6.84 -6.34
CA ALA A 74 -4.50 7.47 -5.16
C ALA A 74 -4.02 8.92 -5.03
N ILE A 75 -2.73 9.16 -5.31
CA ILE A 75 -2.06 10.47 -5.13
C ILE A 75 -2.61 11.55 -6.07
N THR A 76 -3.05 11.14 -7.27
CA THR A 76 -3.69 12.04 -8.24
C THR A 76 -5.04 12.60 -7.68
N ALA A 77 -5.61 11.88 -6.69
CA ALA A 77 -6.88 12.24 -6.03
C ALA A 77 -6.66 12.84 -4.61
N ILE A 78 -5.38 13.03 -4.20
CA ILE A 78 -5.04 13.69 -2.92
C ILE A 78 -5.16 15.22 -3.07
N PRO A 79 -5.82 15.96 -2.10
CA PRO A 79 -5.86 17.45 -2.09
C PRO A 79 -4.46 18.05 -1.89
N GLU A 80 -4.24 19.26 -2.44
CA GLU A 80 -2.94 19.99 -2.38
C GLU A 80 -2.50 20.28 -0.93
N GLU A 81 -3.48 20.34 -0.02
CA GLU A 81 -3.25 20.53 1.42
C GLU A 81 -2.94 19.16 2.09
N GLU A 82 -1.62 18.90 2.29
CA GLU A 82 -1.09 17.70 2.98
C GLU A 82 -1.27 16.41 2.11
N GLY A 83 -0.33 15.45 2.22
CA GLY A 83 -0.35 14.23 1.41
C GLY A 83 0.51 14.31 0.17
N ARG A 84 0.64 15.51 -0.40
CA ARG A 84 1.36 15.72 -1.67
C ARG A 84 2.88 15.58 -1.49
N LYS A 85 3.38 16.05 -0.33
CA LYS A 85 4.80 15.96 0.03
C LYS A 85 5.16 14.49 0.35
N GLU A 86 4.49 13.93 1.37
CA GLU A 86 4.78 12.59 1.89
C GLU A 86 4.43 11.50 0.86
N ALA A 87 3.12 11.40 0.50
CA ALA A 87 2.59 10.23 -0.23
C ALA A 87 3.17 10.11 -1.64
N LYS A 88 3.43 11.25 -2.30
CA LYS A 88 3.98 11.24 -3.67
C LYS A 88 5.41 10.64 -3.69
N GLU A 89 6.19 10.96 -2.64
CA GLU A 89 7.55 10.43 -2.44
C GLU A 89 7.49 8.90 -2.18
N MET A 90 6.41 8.47 -1.52
CA MET A 90 6.16 7.04 -1.22
C MET A 90 5.85 6.24 -2.51
N ALA A 91 5.18 6.90 -3.49
CA ALA A 91 5.00 6.34 -4.85
C ALA A 91 6.35 6.18 -5.54
N LYS A 92 7.26 7.17 -5.32
CA LYS A 92 8.63 7.14 -5.89
C LYS A 92 9.42 5.94 -5.33
N LYS A 93 9.21 5.64 -4.03
CA LYS A 93 9.80 4.45 -3.37
C LYS A 93 9.26 3.17 -4.01
N ALA A 94 7.95 3.17 -4.27
CA ALA A 94 7.24 2.04 -4.89
C ALA A 94 7.70 1.81 -6.34
N GLU A 95 8.10 2.92 -7.02
CA GLU A 95 8.73 2.86 -8.36
C GLU A 95 10.08 2.14 -8.24
N GLU A 96 10.91 2.61 -7.28
CA GLU A 96 12.29 2.11 -7.07
C GLU A 96 12.30 0.59 -6.83
N TRP A 97 11.39 0.14 -5.96
CA TRP A 97 11.27 -1.28 -5.58
C TRP A 97 10.81 -2.13 -6.76
N LEU A 98 9.78 -1.65 -7.46
CA LEU A 98 9.17 -2.35 -8.61
C LEU A 98 10.19 -2.56 -9.73
N GLN A 99 11.01 -1.52 -10.00
CA GLN A 99 12.06 -1.56 -11.04
C GLN A 99 13.26 -2.39 -10.57
N ALA A 100 13.52 -2.39 -9.25
CA ALA A 100 14.62 -3.18 -8.63
C ALA A 100 14.38 -4.68 -8.81
N GLU A 101 13.09 -5.05 -8.79
CA GLU A 101 12.65 -6.45 -8.97
C GLU A 101 12.72 -6.88 -10.45
N GLN A 102 12.75 -5.91 -11.38
CA GLN A 102 12.86 -6.17 -12.83
C GLN A 102 14.33 -6.49 -13.17
N ASN A 103 14.54 -7.33 -14.22
CA ASN A 103 15.88 -7.80 -14.65
C ASN A 103 16.82 -6.63 -14.97
N ASN A 104 17.87 -6.47 -14.12
CA ASN A 104 18.91 -5.44 -14.26
C ASN A 104 18.29 -4.02 -14.11
N ALA A 1 -20.17 4.29 7.51
CA ALA A 1 -20.15 2.98 8.20
C ALA A 1 -18.72 2.63 8.63
N ASP A 2 -17.92 2.16 7.65
CA ASP A 2 -16.51 1.72 7.84
C ASP A 2 -16.41 0.54 8.84
N GLU A 3 -16.27 -0.67 8.28
CA GLU A 3 -16.28 -1.93 9.06
C GLU A 3 -15.34 -2.96 8.40
N ASN A 4 -15.32 -2.98 7.05
CA ASN A 4 -14.55 -3.94 6.25
C ASN A 4 -13.03 -3.77 6.49
N ILE A 5 -12.62 -2.50 6.71
CA ILE A 5 -11.23 -2.14 7.10
C ILE A 5 -10.83 -2.84 8.40
N ALA A 6 -11.75 -2.84 9.40
CA ALA A 6 -11.54 -3.44 10.72
C ALA A 6 -11.36 -4.96 10.62
N LYS A 7 -11.94 -5.57 9.56
CA LYS A 7 -11.79 -7.01 9.27
C LYS A 7 -10.35 -7.31 8.81
N PHE A 8 -9.77 -6.40 8.01
CA PHE A 8 -8.38 -6.52 7.53
C PHE A 8 -7.38 -6.13 8.65
N GLU A 9 -7.82 -5.27 9.58
CA GLU A 9 -7.06 -4.90 10.79
C GLU A 9 -6.98 -6.10 11.74
N LYS A 10 -8.09 -6.87 11.83
CA LYS A 10 -8.17 -8.11 12.62
C LYS A 10 -7.33 -9.22 11.94
N ALA A 11 -7.30 -9.19 10.59
CA ALA A 11 -6.46 -10.08 9.78
C ALA A 11 -4.97 -9.71 9.93
N TYR A 12 -4.69 -8.41 10.17
CA TYR A 12 -3.32 -7.89 10.40
C TYR A 12 -3.02 -7.87 11.91
N LYS A 13 -1.83 -7.31 12.28
CA LYS A 13 -1.18 -7.49 13.60
C LYS A 13 -0.98 -9.00 13.88
N LYS A 14 -0.51 -9.33 15.11
CA LYS A 14 -0.32 -10.74 15.56
C LYS A 14 0.74 -11.52 14.72
N ALA A 15 1.34 -10.87 13.71
CA ALA A 15 2.26 -11.51 12.76
C ALA A 15 3.62 -11.72 13.40
N GLU A 16 4.01 -10.76 14.26
CA GLU A 16 5.35 -10.72 14.89
C GLU A 16 5.47 -11.81 15.98
N GLU A 17 4.30 -12.31 16.41
CA GLU A 17 4.18 -13.40 17.40
C GLU A 17 4.88 -14.68 16.89
N LEU A 18 4.68 -15.00 15.61
CA LEU A 18 5.19 -16.25 14.98
C LEU A 18 6.19 -15.94 13.85
N ASN A 19 6.27 -14.64 13.46
CA ASN A 19 6.95 -14.18 12.22
C ASN A 19 6.16 -14.68 10.99
N GLN A 20 5.11 -13.93 10.63
CA GLN A 20 4.16 -14.28 9.55
C GLN A 20 4.06 -13.15 8.51
N GLY A 21 5.01 -12.19 8.55
CA GLY A 21 5.01 -11.02 7.67
C GLY A 21 5.15 -11.39 6.17
N GLU A 22 4.04 -11.83 5.60
CA GLU A 22 3.94 -12.39 4.25
C GLU A 22 2.45 -12.46 3.93
N LEU A 23 1.73 -13.28 4.75
CA LEU A 23 0.30 -13.59 4.58
C LEU A 23 -0.55 -12.32 4.45
N MET A 24 -0.20 -11.33 5.27
CA MET A 24 -0.81 -10.00 5.28
C MET A 24 -0.19 -9.11 4.16
N GLY A 25 -0.08 -7.78 4.41
CA GLY A 25 0.30 -6.82 3.37
C GLY A 25 -0.91 -6.43 2.55
N ARG A 26 -1.45 -7.45 1.84
CA ARG A 26 -2.71 -7.34 1.08
C ARG A 26 -3.89 -6.88 1.96
N ALA A 27 -3.80 -7.14 3.28
CA ALA A 27 -4.78 -6.65 4.26
C ALA A 27 -4.81 -5.11 4.26
N LEU A 28 -3.62 -4.46 4.35
CA LEU A 28 -3.52 -2.98 4.29
C LEU A 28 -3.88 -2.44 2.89
N TYR A 29 -3.50 -3.21 1.83
CA TYR A 29 -3.84 -2.87 0.43
C TYR A 29 -5.37 -2.73 0.27
N ASN A 30 -6.11 -3.70 0.86
CA ASN A 30 -7.58 -3.75 0.80
C ASN A 30 -8.20 -2.58 1.61
N ILE A 31 -7.55 -2.24 2.75
CA ILE A 31 -7.92 -1.07 3.55
C ILE A 31 -7.74 0.22 2.72
N GLY A 32 -6.67 0.25 1.92
CA GLY A 32 -6.37 1.36 1.03
C GLY A 32 -7.44 1.51 -0.05
N LEU A 33 -7.96 0.37 -0.56
CA LEU A 33 -9.03 0.35 -1.56
C LEU A 33 -10.30 0.98 -0.97
N GLU A 34 -10.60 0.63 0.29
CA GLU A 34 -11.76 1.14 1.04
C GLU A 34 -11.65 2.65 1.26
N LYS A 35 -10.45 3.10 1.72
CA LYS A 35 -10.15 4.52 1.96
C LYS A 35 -10.35 5.34 0.68
N ASN A 36 -9.74 4.85 -0.41
CA ASN A 36 -9.74 5.51 -1.73
C ASN A 36 -11.18 5.61 -2.29
N LYS A 37 -11.96 4.55 -2.01
CA LYS A 37 -13.39 4.44 -2.38
C LYS A 37 -14.25 5.45 -1.60
N MET A 38 -13.85 5.73 -0.33
CA MET A 38 -14.53 6.71 0.55
C MET A 38 -14.02 8.14 0.30
N GLY A 39 -13.06 8.29 -0.65
CA GLY A 39 -12.49 9.60 -1.01
C GLY A 39 -11.20 9.91 -0.27
N LYS A 40 -10.86 9.07 0.72
CA LYS A 40 -9.64 9.19 1.56
C LYS A 40 -8.41 8.61 0.81
N ALA A 41 -8.13 9.11 -0.42
CA ALA A 41 -6.97 8.66 -1.22
C ALA A 41 -5.63 9.08 -0.59
N ARG A 42 -5.68 10.08 0.33
CA ARG A 42 -4.54 10.50 1.16
C ARG A 42 -4.15 9.32 2.07
N GLU A 43 -5.14 8.86 2.86
CA GLU A 43 -4.98 7.75 3.83
C GLU A 43 -4.69 6.43 3.10
N ALA A 44 -5.30 6.27 1.91
CA ALA A 44 -5.15 5.08 1.05
C ALA A 44 -3.69 4.89 0.63
N ALA A 45 -3.04 6.01 0.26
CA ALA A 45 -1.64 6.04 -0.20
C ALA A 45 -0.68 5.47 0.87
N GLU A 46 -1.00 5.75 2.15
CA GLU A 46 -0.28 5.21 3.32
C GLU A 46 -0.35 3.66 3.32
N TYR A 47 -1.58 3.15 3.23
CA TYR A 47 -1.87 1.70 3.33
C TYR A 47 -1.29 0.91 2.14
N PHE A 48 -1.26 1.54 0.94
CA PHE A 48 -0.69 0.92 -0.27
C PHE A 48 0.85 0.82 -0.16
N PHE A 49 1.46 1.81 0.51
CA PHE A 49 2.92 1.86 0.69
C PHE A 49 3.36 0.80 1.70
N ARG A 50 2.65 0.76 2.84
CA ARG A 50 2.91 -0.20 3.94
C ARG A 50 2.67 -1.65 3.46
N ALA A 51 1.71 -1.81 2.53
CA ALA A 51 1.43 -3.08 1.85
C ALA A 51 2.62 -3.48 0.96
N ALA A 52 3.08 -2.50 0.14
CA ALA A 52 4.17 -2.69 -0.83
C ALA A 52 5.49 -3.10 -0.15
N ILE A 53 5.71 -2.59 1.10
CA ILE A 53 6.88 -2.96 1.94
C ILE A 53 6.92 -4.49 2.17
N VAL A 54 5.75 -5.07 2.50
CA VAL A 54 5.61 -6.50 2.82
C VAL A 54 5.98 -7.37 1.61
N PHE A 55 5.39 -7.02 0.45
CA PHE A 55 5.61 -7.74 -0.82
C PHE A 55 7.05 -7.55 -1.35
N TYR A 56 7.67 -6.41 -1.01
CA TYR A 56 9.06 -6.12 -1.41
C TYR A 56 10.05 -7.06 -0.66
N LYS A 57 9.87 -7.19 0.67
CA LYS A 57 10.66 -8.10 1.52
C LYS A 57 10.50 -9.56 1.06
N GLU A 58 9.26 -9.92 0.71
CA GLU A 58 8.93 -11.26 0.24
C GLU A 58 9.27 -11.43 -1.25
N HIS A 59 9.73 -10.32 -1.89
CA HIS A 59 10.22 -10.27 -3.27
C HIS A 59 9.15 -10.70 -4.29
N ASP A 60 7.88 -10.56 -3.89
CA ASP A 60 6.72 -10.87 -4.71
C ASP A 60 6.39 -9.63 -5.56
N THR A 61 6.81 -9.68 -6.83
CA THR A 61 6.71 -8.55 -7.77
C THR A 61 5.26 -8.22 -8.14
N ASP A 62 4.36 -9.22 -8.04
CA ASP A 62 2.94 -9.07 -8.40
C ASP A 62 2.24 -8.08 -7.45
N GLY A 63 2.29 -8.41 -6.15
CA GLY A 63 1.64 -7.61 -5.10
C GLY A 63 2.33 -6.27 -4.89
N LEU A 64 3.66 -6.26 -5.09
CA LEU A 64 4.48 -5.04 -4.99
C LEU A 64 4.07 -4.05 -6.10
N ARG A 65 3.96 -4.56 -7.33
CA ARG A 65 3.58 -3.78 -8.52
C ARG A 65 2.12 -3.30 -8.40
N ARG A 66 1.28 -4.20 -7.87
CA ARG A 66 -0.16 -3.96 -7.66
C ARG A 66 -0.37 -2.78 -6.68
N ALA A 67 0.38 -2.83 -5.57
CA ALA A 67 0.33 -1.79 -4.52
C ALA A 67 1.06 -0.51 -4.95
N ALA A 68 2.12 -0.66 -5.79
CA ALA A 68 2.94 0.48 -6.30
C ALA A 68 2.14 1.36 -7.26
N LYS A 69 1.44 0.69 -8.19
CA LYS A 69 0.59 1.34 -9.19
C LYS A 69 -0.62 2.00 -8.52
N SER A 70 -1.31 1.23 -7.66
CA SER A 70 -2.51 1.70 -6.93
C SER A 70 -2.15 2.85 -5.98
N LEU A 71 -0.89 2.85 -5.47
CA LEU A 71 -0.32 3.95 -4.66
C LEU A 71 -0.32 5.24 -5.49
N LYS A 72 0.31 5.15 -6.68
CA LYS A 72 0.47 6.27 -7.63
C LYS A 72 -0.91 6.78 -8.13
N GLU A 73 -1.85 5.83 -8.30
CA GLU A 73 -3.23 6.10 -8.72
C GLU A 73 -4.01 6.81 -7.61
N ALA A 74 -3.64 6.50 -6.34
CA ALA A 74 -4.20 7.18 -5.16
C ALA A 74 -3.63 8.60 -5.03
N ILE A 75 -2.35 8.79 -5.45
CA ILE A 75 -1.64 10.09 -5.34
C ILE A 75 -2.34 11.17 -6.17
N THR A 76 -2.57 10.84 -7.43
CA THR A 76 -3.23 11.73 -8.39
C THR A 76 -4.75 11.84 -8.11
N ALA A 77 -5.25 11.06 -7.13
CA ALA A 77 -6.65 11.12 -6.65
C ALA A 77 -6.76 11.77 -5.25
N ILE A 78 -5.61 12.11 -4.60
CA ILE A 78 -5.58 12.66 -3.21
C ILE A 78 -6.42 13.96 -3.10
N PRO A 79 -7.42 14.03 -2.15
CA PRO A 79 -8.16 15.26 -1.87
C PRO A 79 -7.29 16.25 -1.07
N GLU A 80 -7.57 17.56 -1.26
CA GLU A 80 -6.84 18.68 -0.60
C GLU A 80 -5.38 18.78 -1.11
N GLU A 81 -4.73 19.90 -0.78
CA GLU A 81 -3.29 20.12 -1.09
C GLU A 81 -2.41 19.27 -0.16
N GLU A 82 -2.95 18.95 1.04
CA GLU A 82 -2.28 18.08 2.02
C GLU A 82 -2.31 16.63 1.54
N GLY A 83 -1.23 15.90 1.85
CA GLY A 83 -1.04 14.54 1.39
C GLY A 83 -0.32 14.41 0.07
N ARG A 84 -0.49 15.42 -0.81
CA ARG A 84 0.02 15.39 -2.19
C ARG A 84 1.53 15.10 -2.22
N LYS A 85 2.32 15.94 -1.51
CA LYS A 85 3.79 15.85 -1.53
C LYS A 85 4.29 14.58 -0.82
N GLU A 86 3.91 14.44 0.46
CA GLU A 86 4.41 13.39 1.38
C GLU A 86 4.17 11.97 0.81
N ALA A 87 2.98 11.78 0.23
CA ALA A 87 2.55 10.50 -0.33
C ALA A 87 3.20 10.24 -1.70
N LYS A 88 3.46 11.33 -2.46
CA LYS A 88 4.07 11.25 -3.81
C LYS A 88 5.49 10.67 -3.70
N GLU A 89 6.19 11.05 -2.61
CA GLU A 89 7.55 10.55 -2.28
C GLU A 89 7.53 9.03 -2.09
N MET A 90 6.45 8.54 -1.47
CA MET A 90 6.25 7.10 -1.20
C MET A 90 5.95 6.34 -2.51
N ALA A 91 5.22 7.01 -3.44
CA ALA A 91 4.90 6.46 -4.78
C ALA A 91 6.18 6.27 -5.60
N LYS A 92 7.17 7.17 -5.38
CA LYS A 92 8.52 7.07 -5.97
C LYS A 92 9.21 5.79 -5.48
N LYS A 93 9.16 5.57 -4.15
CA LYS A 93 9.80 4.43 -3.48
C LYS A 93 9.28 3.08 -3.99
N ALA A 94 7.94 2.97 -4.04
CA ALA A 94 7.23 1.75 -4.50
C ALA A 94 7.58 1.43 -5.98
N GLU A 95 7.78 2.50 -6.78
CA GLU A 95 8.18 2.42 -8.20
C GLU A 95 9.64 1.90 -8.30
N GLU A 96 10.51 2.40 -7.40
CA GLU A 96 11.96 2.05 -7.34
C GLU A 96 12.17 0.61 -6.87
N TRP A 97 11.27 0.13 -5.99
CA TRP A 97 11.28 -1.25 -5.49
C TRP A 97 10.98 -2.21 -6.64
N LEU A 98 9.98 -1.81 -7.47
CA LEU A 98 9.60 -2.55 -8.68
C LEU A 98 10.78 -2.66 -9.67
N GLN A 99 11.54 -1.55 -9.83
CA GLN A 99 12.75 -1.48 -10.67
C GLN A 99 13.85 -2.44 -10.14
N ALA A 100 14.05 -2.41 -8.82
CA ALA A 100 15.10 -3.18 -8.12
C ALA A 100 14.83 -4.69 -8.19
N GLU A 101 13.55 -5.06 -8.23
CA GLU A 101 13.11 -6.45 -8.37
C GLU A 101 13.30 -6.94 -9.81
N GLN A 102 12.96 -6.07 -10.78
CA GLN A 102 13.10 -6.35 -12.21
C GLN A 102 14.55 -6.15 -12.68
N ASN A 103 15.38 -7.17 -12.42
CA ASN A 103 16.79 -7.21 -12.84
C ASN A 103 16.85 -7.79 -14.26
N ASN A 104 16.98 -6.88 -15.26
CA ASN A 104 17.04 -7.21 -16.70
C ASN A 104 15.71 -7.85 -17.20
N ALA A 1 -16.67 4.99 10.74
CA ALA A 1 -17.48 4.13 9.84
C ALA A 1 -16.60 3.06 9.14
N ASP A 2 -15.41 2.79 9.72
CA ASP A 2 -14.46 1.81 9.18
C ASP A 2 -14.99 0.39 9.46
N GLU A 3 -15.78 -0.14 8.53
CA GLU A 3 -16.38 -1.49 8.61
C GLU A 3 -15.48 -2.51 7.91
N ASN A 4 -15.37 -2.35 6.58
CA ASN A 4 -14.56 -3.23 5.72
C ASN A 4 -13.09 -3.17 6.14
N ILE A 5 -12.65 -1.95 6.44
CA ILE A 5 -11.30 -1.61 6.92
C ILE A 5 -10.97 -2.35 8.23
N ALA A 6 -11.88 -2.24 9.23
CA ALA A 6 -11.72 -2.91 10.53
C ALA A 6 -11.72 -4.45 10.39
N LYS A 7 -12.46 -4.92 9.38
CA LYS A 7 -12.56 -6.35 9.04
C LYS A 7 -11.22 -6.85 8.46
N PHE A 8 -10.55 -5.99 7.67
CA PHE A 8 -9.22 -6.29 7.10
C PHE A 8 -8.10 -6.14 8.14
N GLU A 9 -8.34 -5.30 9.17
CA GLU A 9 -7.43 -5.19 10.33
C GLU A 9 -7.54 -6.43 11.20
N LYS A 10 -8.76 -6.99 11.30
CA LYS A 10 -9.03 -8.23 12.05
C LYS A 10 -8.46 -9.43 11.25
N ALA A 11 -8.39 -9.29 9.91
CA ALA A 11 -7.76 -10.27 9.02
C ALA A 11 -6.22 -10.22 9.15
N TYR A 12 -5.70 -9.00 9.37
CA TYR A 12 -4.25 -8.74 9.54
C TYR A 12 -3.83 -9.09 10.98
N LYS A 13 -3.06 -10.15 11.16
CA LYS A 13 -2.40 -10.44 12.45
C LYS A 13 -1.04 -9.71 12.49
N LYS A 14 -0.70 -9.16 13.68
CA LYS A 14 0.52 -8.33 13.92
C LYS A 14 1.77 -8.93 13.23
N ALA A 15 2.37 -8.14 12.31
CA ALA A 15 3.59 -8.53 11.58
C ALA A 15 4.14 -7.35 10.75
N GLU A 16 5.03 -6.57 11.37
CA GLU A 16 5.85 -5.54 10.69
C GLU A 16 7.34 -5.98 10.72
N GLU A 17 7.56 -7.25 11.06
CA GLU A 17 8.88 -7.84 11.30
C GLU A 17 8.85 -9.32 10.84
N LEU A 18 10.03 -9.99 10.89
CA LEU A 18 10.22 -11.41 10.50
C LEU A 18 10.20 -11.54 8.96
N ASN A 19 11.02 -12.45 8.41
CA ASN A 19 11.08 -12.70 6.96
C ASN A 19 9.84 -13.51 6.54
N GLN A 20 8.72 -12.79 6.38
CA GLN A 20 7.41 -13.36 6.05
C GLN A 20 6.57 -12.32 5.30
N GLY A 21 5.56 -12.81 4.57
CA GLY A 21 4.67 -11.96 3.78
C GLY A 21 3.40 -12.68 3.38
N GLU A 22 2.55 -11.98 2.59
CA GLU A 22 1.24 -12.47 2.10
C GLU A 22 0.17 -12.51 3.23
N LEU A 23 0.49 -13.22 4.34
CA LEU A 23 -0.32 -13.25 5.57
C LEU A 23 -0.58 -11.81 6.10
N MET A 24 0.46 -10.98 5.92
CA MET A 24 0.44 -9.54 6.23
C MET A 24 0.73 -8.75 4.94
N GLY A 25 0.58 -7.41 5.02
CA GLY A 25 0.77 -6.52 3.87
C GLY A 25 -0.49 -6.40 3.02
N ARG A 26 -0.98 -7.55 2.52
CA ARG A 26 -2.12 -7.60 1.57
C ARG A 26 -3.41 -7.05 2.18
N ALA A 27 -3.54 -7.19 3.52
CA ALA A 27 -4.71 -6.68 4.25
C ALA A 27 -4.67 -5.15 4.36
N LEU A 28 -3.44 -4.57 4.47
CA LEU A 28 -3.24 -3.10 4.42
C LEU A 28 -3.63 -2.58 3.03
N TYR A 29 -3.21 -3.34 1.98
CA TYR A 29 -3.56 -3.06 0.59
C TYR A 29 -5.10 -2.99 0.43
N ASN A 30 -5.78 -3.96 1.08
CA ASN A 30 -7.25 -4.04 1.07
C ASN A 30 -7.88 -2.84 1.77
N ILE A 31 -7.30 -2.44 2.93
CA ILE A 31 -7.73 -1.25 3.68
C ILE A 31 -7.62 0.01 2.80
N GLY A 32 -6.50 0.07 2.04
CA GLY A 32 -6.23 1.19 1.15
C GLY A 32 -7.25 1.32 0.04
N LEU A 33 -7.66 0.17 -0.52
CA LEU A 33 -8.68 0.12 -1.58
C LEU A 33 -10.01 0.72 -1.08
N GLU A 34 -10.34 0.44 0.20
CA GLU A 34 -11.58 0.91 0.84
C GLU A 34 -11.47 2.40 1.24
N LYS A 35 -10.27 2.81 1.72
CA LYS A 35 -9.98 4.22 2.08
C LYS A 35 -10.18 5.11 0.85
N ASN A 36 -9.69 4.63 -0.30
CA ASN A 36 -9.76 5.34 -1.59
C ASN A 36 -11.23 5.55 -2.01
N LYS A 37 -12.11 4.62 -1.60
CA LYS A 37 -13.56 4.70 -1.89
C LYS A 37 -14.24 5.73 -0.97
N MET A 38 -13.72 5.83 0.26
CA MET A 38 -14.22 6.76 1.28
C MET A 38 -13.77 8.21 0.99
N GLY A 39 -12.90 8.39 -0.03
CA GLY A 39 -12.33 9.70 -0.39
C GLY A 39 -10.95 9.91 0.22
N LYS A 40 -10.55 8.95 1.07
CA LYS A 40 -9.28 8.97 1.81
C LYS A 40 -8.16 8.35 0.96
N ALA A 41 -7.85 8.98 -0.19
CA ALA A 41 -6.82 8.48 -1.13
C ALA A 41 -5.38 8.69 -0.59
N ARG A 42 -5.23 9.64 0.36
CA ARG A 42 -3.95 9.90 1.04
C ARG A 42 -3.63 8.77 2.03
N GLU A 43 -4.64 8.40 2.86
CA GLU A 43 -4.54 7.25 3.77
C GLU A 43 -4.32 5.97 2.97
N ALA A 44 -5.07 5.87 1.85
CA ALA A 44 -4.99 4.74 0.90
C ALA A 44 -3.55 4.56 0.43
N ALA A 45 -2.92 5.69 0.03
CA ALA A 45 -1.54 5.72 -0.46
C ALA A 45 -0.55 5.16 0.59
N GLU A 46 -0.80 5.48 1.87
CA GLU A 46 0.02 5.00 3.00
C GLU A 46 -0.14 3.49 3.22
N TYR A 47 -1.36 2.99 3.02
CA TYR A 47 -1.69 1.57 3.17
C TYR A 47 -1.16 0.74 1.99
N PHE A 48 -1.10 1.36 0.80
CA PHE A 48 -0.49 0.77 -0.39
C PHE A 48 1.03 0.70 -0.24
N PHE A 49 1.60 1.72 0.44
CA PHE A 49 3.04 1.82 0.68
C PHE A 49 3.50 0.73 1.65
N ARG A 50 2.83 0.66 2.81
CA ARG A 50 3.15 -0.28 3.90
C ARG A 50 2.87 -1.73 3.48
N ALA A 51 1.88 -1.91 2.58
CA ALA A 51 1.63 -3.19 1.92
C ALA A 51 2.83 -3.56 1.05
N ALA A 52 3.25 -2.60 0.20
CA ALA A 52 4.34 -2.76 -0.76
C ALA A 52 5.67 -3.11 -0.08
N ILE A 53 5.88 -2.58 1.14
CA ILE A 53 7.07 -2.86 1.97
C ILE A 53 7.19 -4.38 2.24
N VAL A 54 6.07 -4.99 2.69
CA VAL A 54 6.01 -6.44 2.99
C VAL A 54 6.31 -7.28 1.73
N PHE A 55 5.66 -6.91 0.61
CA PHE A 55 5.82 -7.61 -0.68
C PHE A 55 7.26 -7.47 -1.22
N TYR A 56 7.92 -6.36 -0.88
CA TYR A 56 9.30 -6.09 -1.31
C TYR A 56 10.30 -6.96 -0.50
N LYS A 57 10.10 -7.01 0.84
CA LYS A 57 10.85 -7.91 1.74
C LYS A 57 10.73 -9.38 1.28
N GLU A 58 9.50 -9.76 0.93
CA GLU A 58 9.19 -11.13 0.48
C GLU A 58 9.63 -11.33 -0.99
N HIS A 59 9.92 -10.20 -1.67
CA HIS A 59 10.31 -10.15 -3.09
C HIS A 59 9.21 -10.70 -4.01
N ASP A 60 7.96 -10.57 -3.54
CA ASP A 60 6.77 -10.84 -4.34
C ASP A 60 6.49 -9.61 -5.21
N THR A 61 7.12 -9.62 -6.39
CA THR A 61 7.02 -8.54 -7.40
C THR A 61 5.56 -8.28 -7.83
N ASP A 62 4.72 -9.33 -7.76
CA ASP A 62 3.31 -9.30 -8.16
C ASP A 62 2.49 -8.34 -7.26
N GLY A 63 2.50 -8.62 -5.95
CA GLY A 63 1.76 -7.84 -4.96
C GLY A 63 2.36 -6.48 -4.74
N LEU A 64 3.69 -6.39 -4.88
CA LEU A 64 4.42 -5.11 -4.86
C LEU A 64 3.93 -4.22 -5.99
N ARG A 65 3.73 -4.82 -7.18
CA ARG A 65 3.28 -4.12 -8.39
C ARG A 65 1.83 -3.66 -8.22
N ARG A 66 1.00 -4.51 -7.57
CA ARG A 66 -0.40 -4.19 -7.26
C ARG A 66 -0.47 -2.95 -6.33
N ALA A 67 0.36 -2.97 -5.28
CA ALA A 67 0.39 -1.91 -4.27
C ALA A 67 1.06 -0.63 -4.81
N ALA A 68 2.04 -0.81 -5.72
CA ALA A 68 2.79 0.30 -6.34
C ALA A 68 1.91 1.04 -7.34
N LYS A 69 1.20 0.27 -8.16
CA LYS A 69 0.29 0.78 -9.21
C LYS A 69 -0.87 1.56 -8.57
N SER A 70 -1.40 1.00 -7.48
CA SER A 70 -2.47 1.63 -6.71
C SER A 70 -1.98 2.92 -6.00
N LEU A 71 -0.71 2.92 -5.57
CA LEU A 71 -0.09 4.05 -4.82
C LEU A 71 0.03 5.29 -5.73
N LYS A 72 0.69 5.09 -6.88
CA LYS A 72 1.03 6.17 -7.83
C LYS A 72 -0.23 6.81 -8.47
N GLU A 73 -1.28 6.00 -8.65
CA GLU A 73 -2.55 6.46 -9.24
C GLU A 73 -3.50 7.01 -8.15
N ALA A 74 -3.20 6.71 -6.86
CA ALA A 74 -3.96 7.25 -5.71
C ALA A 74 -3.60 8.72 -5.49
N ILE A 75 -2.39 9.12 -5.92
CA ILE A 75 -1.85 10.47 -5.68
C ILE A 75 -2.74 11.55 -6.32
N THR A 76 -3.21 11.29 -7.54
CA THR A 76 -4.05 12.23 -8.29
C THR A 76 -5.47 12.34 -7.69
N ALA A 77 -5.86 11.33 -6.90
CA ALA A 77 -7.16 11.29 -6.21
C ALA A 77 -7.07 11.92 -4.80
N ILE A 78 -5.84 12.12 -4.30
CA ILE A 78 -5.58 12.73 -2.97
C ILE A 78 -6.14 14.19 -2.95
N PRO A 79 -6.88 14.58 -1.85
CA PRO A 79 -7.30 15.98 -1.63
C PRO A 79 -6.12 16.99 -1.66
N GLU A 80 -6.44 18.27 -1.87
CA GLU A 80 -5.43 19.36 -1.96
C GLU A 80 -4.90 19.74 -0.55
N GLU A 81 -4.22 18.77 0.10
CA GLU A 81 -3.78 18.89 1.50
C GLU A 81 -2.28 18.57 1.64
N GLU A 82 -1.80 18.60 2.89
CA GLU A 82 -0.39 18.36 3.27
C GLU A 82 0.10 16.97 2.78
N GLY A 83 -0.84 16.01 2.75
CA GLY A 83 -0.57 14.63 2.40
C GLY A 83 -0.19 14.42 0.94
N ARG A 84 -0.45 15.43 0.09
CA ARG A 84 -0.07 15.40 -1.33
C ARG A 84 1.45 15.19 -1.51
N LYS A 85 2.23 16.03 -0.81
CA LYS A 85 3.70 16.12 -0.98
C LYS A 85 4.37 14.80 -0.50
N GLU A 86 4.08 14.42 0.75
CA GLU A 86 4.70 13.27 1.42
C GLU A 86 4.32 11.93 0.74
N ALA A 87 3.02 11.78 0.36
CA ALA A 87 2.52 10.54 -0.25
C ALA A 87 3.04 10.36 -1.69
N LYS A 88 3.28 11.50 -2.37
CA LYS A 88 3.87 11.53 -3.73
C LYS A 88 5.24 10.84 -3.72
N GLU A 89 6.02 11.12 -2.66
CA GLU A 89 7.37 10.58 -2.49
C GLU A 89 7.34 9.07 -2.18
N MET A 90 6.25 8.61 -1.52
CA MET A 90 6.04 7.18 -1.25
C MET A 90 5.74 6.41 -2.54
N ALA A 91 4.96 7.05 -3.43
CA ALA A 91 4.64 6.51 -4.75
C ALA A 91 5.92 6.31 -5.58
N LYS A 92 6.86 7.26 -5.43
CA LYS A 92 8.19 7.19 -6.07
C LYS A 92 8.95 5.94 -5.59
N LYS A 93 8.93 5.71 -4.25
CA LYS A 93 9.60 4.55 -3.62
C LYS A 93 9.03 3.22 -4.13
N ALA A 94 7.70 3.17 -4.28
CA ALA A 94 6.97 2.00 -4.78
C ALA A 94 7.41 1.64 -6.21
N GLU A 95 7.64 2.69 -7.03
CA GLU A 95 8.13 2.55 -8.42
C GLU A 95 9.61 2.07 -8.42
N GLU A 96 10.42 2.63 -7.50
CA GLU A 96 11.86 2.29 -7.36
C GLU A 96 12.05 0.82 -7.01
N TRP A 97 11.17 0.33 -6.12
CA TRP A 97 11.14 -1.07 -5.70
C TRP A 97 10.72 -1.96 -6.88
N LEU A 98 9.71 -1.50 -7.63
CA LEU A 98 9.19 -2.23 -8.79
C LEU A 98 10.27 -2.40 -9.88
N GLN A 99 11.10 -1.34 -10.07
CA GLN A 99 12.22 -1.36 -11.04
C GLN A 99 13.37 -2.24 -10.51
N ALA A 100 13.54 -2.28 -9.18
CA ALA A 100 14.59 -3.08 -8.51
C ALA A 100 14.33 -4.58 -8.66
N GLU A 101 13.06 -4.96 -8.51
CA GLU A 101 12.61 -6.35 -8.68
C GLU A 101 12.69 -6.76 -10.15
N GLN A 102 12.05 -5.94 -11.02
CA GLN A 102 11.95 -6.20 -12.47
C GLN A 102 13.25 -5.81 -13.21
N ASN A 103 14.31 -5.48 -12.46
CA ASN A 103 15.64 -5.19 -13.04
C ASN A 103 16.21 -6.44 -13.72
N ASN A 104 16.13 -7.57 -13.00
CA ASN A 104 16.50 -8.90 -13.54
C ASN A 104 15.21 -9.55 -14.11
N ALA A 1 -16.29 5.68 6.80
CA ALA A 1 -17.45 4.77 6.75
C ALA A 1 -16.94 3.33 6.62
N ASP A 2 -16.52 2.79 7.76
CA ASP A 2 -15.73 1.56 7.84
C ASP A 2 -16.37 0.55 8.81
N GLU A 3 -17.02 -0.46 8.23
CA GLU A 3 -17.59 -1.60 8.97
C GLU A 3 -16.83 -2.87 8.55
N ASN A 4 -16.96 -3.23 7.27
CA ASN A 4 -16.31 -4.42 6.68
C ASN A 4 -14.79 -4.18 6.51
N ILE A 5 -14.40 -2.89 6.43
CA ILE A 5 -13.00 -2.43 6.36
C ILE A 5 -12.24 -2.79 7.64
N ALA A 6 -12.94 -2.62 8.79
CA ALA A 6 -12.38 -2.87 10.13
C ALA A 6 -11.92 -4.33 10.32
N LYS A 7 -12.54 -5.26 9.55
CA LYS A 7 -12.15 -6.68 9.54
C LYS A 7 -10.77 -6.86 8.88
N PHE A 8 -10.55 -6.15 7.75
CA PHE A 8 -9.27 -6.20 6.99
C PHE A 8 -8.12 -5.61 7.83
N GLU A 9 -8.46 -4.53 8.55
CA GLU A 9 -7.56 -3.82 9.46
C GLU A 9 -7.19 -4.70 10.66
N LYS A 10 -8.18 -5.43 11.17
CA LYS A 10 -8.01 -6.35 12.31
C LYS A 10 -7.19 -7.59 11.90
N ALA A 11 -7.33 -8.01 10.61
CA ALA A 11 -6.72 -9.24 10.08
C ALA A 11 -5.18 -9.20 10.08
N TYR A 12 -4.62 -7.98 10.05
CA TYR A 12 -3.17 -7.78 9.97
C TYR A 12 -2.51 -8.14 11.33
N LYS A 13 -1.51 -9.02 11.30
CA LYS A 13 -0.75 -9.50 12.48
C LYS A 13 0.72 -9.00 12.41
N LYS A 14 1.66 -9.70 13.08
CA LYS A 14 3.08 -9.31 13.15
C LYS A 14 3.85 -9.70 11.84
N ALA A 15 3.73 -8.82 10.83
CA ALA A 15 4.43 -9.00 9.52
C ALA A 15 5.78 -8.29 9.50
N GLU A 16 6.06 -7.51 10.54
CA GLU A 16 7.28 -6.68 10.65
C GLU A 16 8.14 -7.18 11.82
N GLU A 17 7.48 -7.69 12.88
CA GLU A 17 8.16 -8.28 14.07
C GLU A 17 8.73 -9.66 13.73
N LEU A 18 8.00 -10.41 12.88
CA LEU A 18 8.43 -11.74 12.37
C LEU A 18 8.40 -11.71 10.83
N ASN A 19 9.35 -12.44 10.20
CA ASN A 19 9.39 -12.62 8.75
C ASN A 19 8.34 -13.66 8.34
N GLN A 20 7.12 -13.17 8.11
CA GLN A 20 5.97 -13.98 7.68
C GLN A 20 4.92 -13.08 7.05
N GLY A 21 5.39 -11.96 6.44
CA GLY A 21 4.53 -10.92 5.89
C GLY A 21 3.85 -11.32 4.58
N GLU A 22 4.13 -12.54 4.08
CA GLU A 22 3.40 -13.14 2.94
C GLU A 22 1.95 -13.45 3.36
N LEU A 23 1.77 -13.78 4.65
CA LEU A 23 0.46 -14.05 5.26
C LEU A 23 -0.36 -12.74 5.41
N MET A 24 0.36 -11.60 5.33
CA MET A 24 -0.19 -10.24 5.43
C MET A 24 0.29 -9.42 4.23
N GLY A 25 0.38 -8.08 4.37
CA GLY A 25 0.82 -7.19 3.28
C GLY A 25 -0.32 -6.87 2.33
N ARG A 26 -0.86 -7.95 1.73
CA ARG A 26 -2.12 -7.94 0.96
C ARG A 26 -3.25 -7.37 1.82
N ALA A 27 -3.19 -7.61 3.14
CA ALA A 27 -4.15 -7.05 4.11
C ALA A 27 -4.11 -5.51 4.09
N LEU A 28 -2.89 -4.91 4.26
CA LEU A 28 -2.71 -3.41 4.21
C LEU A 28 -3.16 -2.84 2.86
N TYR A 29 -2.83 -3.58 1.78
CA TYR A 29 -3.19 -3.22 0.40
C TYR A 29 -4.71 -3.19 0.22
N ASN A 30 -5.38 -4.21 0.81
CA ASN A 30 -6.82 -4.42 0.67
C ASN A 30 -7.58 -3.31 1.41
N ILE A 31 -7.03 -2.91 2.58
CA ILE A 31 -7.53 -1.76 3.36
C ILE A 31 -7.40 -0.48 2.53
N GLY A 32 -6.26 -0.32 1.82
CA GLY A 32 -5.98 0.84 0.99
C GLY A 32 -7.02 1.03 -0.11
N LEU A 33 -7.48 -0.10 -0.68
CA LEU A 33 -8.54 -0.14 -1.70
C LEU A 33 -9.87 0.37 -1.10
N GLU A 34 -10.08 0.03 0.18
CA GLU A 34 -11.28 0.39 0.94
C GLU A 34 -11.24 1.85 1.42
N LYS A 35 -10.03 2.37 1.67
CA LYS A 35 -9.82 3.78 2.00
C LYS A 35 -10.15 4.61 0.76
N ASN A 36 -9.58 4.19 -0.38
CA ASN A 36 -9.79 4.81 -1.69
C ASN A 36 -11.29 4.75 -2.08
N LYS A 37 -11.99 3.65 -1.67
CA LYS A 37 -13.45 3.50 -1.86
C LYS A 37 -14.22 4.64 -1.17
N MET A 38 -13.79 4.98 0.06
CA MET A 38 -14.41 6.03 0.88
C MET A 38 -13.96 7.45 0.47
N GLY A 39 -12.94 7.53 -0.42
CA GLY A 39 -12.36 8.81 -0.83
C GLY A 39 -11.20 9.23 0.05
N LYS A 40 -10.77 8.32 0.95
CA LYS A 40 -9.60 8.52 1.81
C LYS A 40 -8.33 8.20 1.02
N ALA A 41 -7.90 9.16 0.22
CA ALA A 41 -6.79 8.99 -0.74
C ALA A 41 -5.43 9.07 -0.04
N ARG A 42 -5.33 9.92 1.01
CA ARG A 42 -4.10 10.06 1.83
C ARG A 42 -3.85 8.74 2.60
N GLU A 43 -4.91 8.23 3.25
CA GLU A 43 -4.87 6.94 3.97
C GLU A 43 -4.54 5.81 3.00
N ALA A 44 -5.24 5.80 1.83
CA ALA A 44 -5.05 4.79 0.77
C ALA A 44 -3.58 4.70 0.37
N ALA A 45 -2.97 5.87 0.09
CA ALA A 45 -1.57 5.99 -0.34
C ALA A 45 -0.59 5.34 0.68
N GLU A 46 -0.81 5.60 1.99
CA GLU A 46 0.04 5.08 3.09
C GLU A 46 -0.15 3.58 3.29
N TYR A 47 -1.40 3.10 3.17
CA TYR A 47 -1.75 1.68 3.27
C TYR A 47 -1.18 0.89 2.08
N PHE A 48 -1.06 1.57 0.91
CA PHE A 48 -0.42 1.01 -0.30
C PHE A 48 1.10 0.99 -0.16
N PHE A 49 1.66 2.02 0.51
CA PHE A 49 3.12 2.16 0.69
C PHE A 49 3.65 1.10 1.64
N ARG A 50 3.02 1.03 2.82
CA ARG A 50 3.37 0.05 3.86
C ARG A 50 3.16 -1.38 3.34
N ALA A 51 2.10 -1.58 2.53
CA ALA A 51 1.84 -2.85 1.83
C ALA A 51 3.02 -3.19 0.91
N ALA A 52 3.45 -2.18 0.12
CA ALA A 52 4.55 -2.33 -0.87
C ALA A 52 5.90 -2.65 -0.18
N ILE A 53 6.08 -2.12 1.06
CA ILE A 53 7.25 -2.44 1.91
C ILE A 53 7.27 -3.94 2.25
N VAL A 54 6.09 -4.46 2.67
CA VAL A 54 5.94 -5.87 3.09
C VAL A 54 6.08 -6.82 1.88
N PHE A 55 5.48 -6.42 0.74
CA PHE A 55 5.56 -7.17 -0.54
C PHE A 55 7.02 -7.25 -1.01
N TYR A 56 7.77 -6.14 -0.81
CA TYR A 56 9.18 -6.06 -1.19
C TYR A 56 10.06 -6.97 -0.30
N LYS A 57 9.81 -6.91 1.03
CA LYS A 57 10.46 -7.79 2.03
C LYS A 57 10.28 -9.28 1.69
N GLU A 58 9.07 -9.65 1.30
CA GLU A 58 8.73 -11.04 0.92
C GLU A 58 9.10 -11.31 -0.55
N HIS A 59 9.43 -10.23 -1.29
CA HIS A 59 9.77 -10.26 -2.73
C HIS A 59 8.60 -10.79 -3.58
N ASP A 60 7.38 -10.53 -3.09
CA ASP A 60 6.13 -10.78 -3.83
C ASP A 60 5.93 -9.60 -4.80
N THR A 61 6.46 -9.78 -6.01
CA THR A 61 6.55 -8.74 -7.02
C THR A 61 5.16 -8.39 -7.58
N ASP A 62 4.21 -9.34 -7.52
CA ASP A 62 2.84 -9.16 -8.06
C ASP A 62 2.10 -8.04 -7.30
N GLY A 63 2.10 -8.16 -5.96
CA GLY A 63 1.46 -7.19 -5.09
C GLY A 63 2.18 -5.84 -5.11
N LEU A 64 3.53 -5.91 -5.12
CA LEU A 64 4.43 -4.73 -5.20
C LEU A 64 4.18 -3.93 -6.49
N ARG A 65 3.90 -4.66 -7.59
CA ARG A 65 3.64 -4.11 -8.93
C ARG A 65 2.36 -3.27 -8.94
N ARG A 66 1.28 -3.89 -8.43
CA ARG A 66 -0.06 -3.31 -8.43
C ARG A 66 -0.14 -2.17 -7.39
N ALA A 67 0.64 -2.32 -6.30
CA ALA A 67 0.72 -1.31 -5.22
C ALA A 67 1.43 -0.05 -5.70
N ALA A 68 2.45 -0.21 -6.57
CA ALA A 68 3.21 0.91 -7.16
C ALA A 68 2.30 1.85 -7.97
N LYS A 69 1.38 1.24 -8.73
CA LYS A 69 0.41 1.98 -9.55
C LYS A 69 -0.72 2.57 -8.68
N SER A 70 -1.33 1.72 -7.82
CA SER A 70 -2.48 2.12 -6.96
C SER A 70 -2.10 3.27 -6.02
N LEU A 71 -0.80 3.32 -5.62
CA LEU A 71 -0.26 4.37 -4.75
C LEU A 71 -0.41 5.74 -5.42
N LYS A 72 0.12 5.87 -6.67
CA LYS A 72 0.14 7.15 -7.40
C LYS A 72 -1.29 7.60 -7.83
N GLU A 73 -2.18 6.62 -8.07
CA GLU A 73 -3.59 6.89 -8.44
C GLU A 73 -4.36 7.47 -7.24
N ALA A 74 -4.01 6.99 -6.02
CA ALA A 74 -4.56 7.53 -4.77
C ALA A 74 -4.02 8.96 -4.54
N ILE A 75 -2.74 9.19 -4.89
CA ILE A 75 -2.06 10.48 -4.69
C ILE A 75 -2.66 11.61 -5.55
N THR A 76 -3.01 11.29 -6.81
CA THR A 76 -3.66 12.25 -7.71
C THR A 76 -5.05 12.66 -7.16
N ALA A 77 -5.64 11.78 -6.33
CA ALA A 77 -6.95 12.01 -5.68
C ALA A 77 -6.81 12.72 -4.32
N ILE A 78 -5.58 12.72 -3.72
CA ILE A 78 -5.32 13.44 -2.43
C ILE A 78 -5.51 14.95 -2.66
N PRO A 79 -6.38 15.66 -1.86
CA PRO A 79 -6.48 17.14 -1.88
C PRO A 79 -5.13 17.80 -1.50
N GLU A 80 -4.87 19.02 -1.99
CA GLU A 80 -3.62 19.76 -1.75
C GLU A 80 -3.45 20.14 -0.27
N GLU A 81 -3.06 19.13 0.51
CA GLU A 81 -2.92 19.18 1.97
C GLU A 81 -1.78 18.21 2.36
N GLU A 82 -1.86 17.66 3.57
CA GLU A 82 -0.99 16.57 4.04
C GLU A 82 -1.18 15.35 3.11
N GLY A 83 -0.19 15.12 2.23
CA GLY A 83 -0.23 14.02 1.28
C GLY A 83 0.36 14.39 -0.07
N ARG A 84 0.22 15.66 -0.46
CA ARG A 84 0.88 16.20 -1.65
C ARG A 84 2.26 16.71 -1.22
N LYS A 85 3.31 16.38 -2.01
CA LYS A 85 4.73 16.61 -1.65
C LYS A 85 5.05 15.92 -0.28
N GLU A 86 4.52 14.70 -0.14
CA GLU A 86 4.70 13.86 1.06
C GLU A 86 4.47 12.39 0.68
N ALA A 87 3.22 12.08 0.31
CA ALA A 87 2.82 10.73 -0.14
C ALA A 87 3.26 10.46 -1.58
N LYS A 88 3.44 11.53 -2.40
CA LYS A 88 3.70 11.41 -3.85
C LYS A 88 5.00 10.64 -4.16
N GLU A 89 6.02 10.93 -3.34
CA GLU A 89 7.37 10.35 -3.45
C GLU A 89 7.38 8.89 -2.96
N MET A 90 6.41 8.52 -2.09
CA MET A 90 6.21 7.11 -1.67
C MET A 90 5.86 6.20 -2.86
N ALA A 91 5.11 6.76 -3.85
CA ALA A 91 4.78 6.05 -5.11
C ALA A 91 6.05 5.70 -5.88
N LYS A 92 6.98 6.69 -5.93
CA LYS A 92 8.29 6.54 -6.54
C LYS A 92 9.07 5.39 -5.87
N LYS A 93 9.00 5.33 -4.53
CA LYS A 93 9.66 4.28 -3.71
C LYS A 93 9.16 2.87 -4.09
N ALA A 94 7.83 2.72 -4.24
CA ALA A 94 7.18 1.46 -4.63
C ALA A 94 7.64 1.01 -6.02
N GLU A 95 7.91 2.01 -6.91
CA GLU A 95 8.46 1.79 -8.26
C GLU A 95 9.96 1.43 -8.22
N GLU A 96 10.71 2.01 -7.24
CA GLU A 96 12.16 1.74 -7.06
C GLU A 96 12.38 0.24 -6.80
N TRP A 97 11.54 -0.28 -5.89
CA TRP A 97 11.54 -1.68 -5.49
C TRP A 97 11.08 -2.58 -6.64
N LEU A 98 10.08 -2.07 -7.40
CA LEU A 98 9.54 -2.77 -8.57
C LEU A 98 10.62 -2.93 -9.67
N GLN A 99 11.50 -1.91 -9.82
CA GLN A 99 12.62 -1.95 -10.78
C GLN A 99 13.74 -2.89 -10.27
N ALA A 100 13.89 -2.98 -8.93
CA ALA A 100 14.86 -3.89 -8.29
C ALA A 100 14.48 -5.36 -8.57
N GLU A 101 13.16 -5.62 -8.64
CA GLU A 101 12.61 -6.95 -8.97
C GLU A 101 12.68 -7.21 -10.49
N GLN A 102 12.31 -6.19 -11.27
CA GLN A 102 12.28 -6.25 -12.77
C GLN A 102 13.65 -5.85 -13.37
N ASN A 103 14.73 -6.08 -12.61
CA ASN A 103 16.11 -5.83 -13.07
C ASN A 103 16.48 -6.85 -14.17
N ASN A 104 16.35 -6.42 -15.44
CA ASN A 104 16.59 -7.28 -16.62
C ASN A 104 16.83 -6.35 -17.85
N ALA A 1 -20.95 -0.47 6.86
CA ALA A 1 -20.18 -0.99 5.72
C ALA A 1 -18.69 -1.21 6.08
N ASP A 2 -18.14 -0.31 6.91
CA ASP A 2 -16.69 -0.23 7.20
C ASP A 2 -16.17 -1.35 8.14
N GLU A 3 -17.07 -2.25 8.58
CA GLU A 3 -16.70 -3.43 9.38
C GLU A 3 -15.79 -4.40 8.58
N ASN A 4 -15.89 -4.35 7.23
CA ASN A 4 -15.02 -5.14 6.34
C ASN A 4 -13.54 -4.71 6.47
N ILE A 5 -13.32 -3.40 6.73
CA ILE A 5 -11.98 -2.82 6.97
C ILE A 5 -11.41 -3.37 8.28
N ALA A 6 -12.25 -3.35 9.33
CA ALA A 6 -11.90 -3.86 10.67
C ALA A 6 -11.43 -5.33 10.61
N LYS A 7 -12.10 -6.11 9.72
CA LYS A 7 -11.76 -7.52 9.44
C LYS A 7 -10.32 -7.64 8.89
N PHE A 8 -9.94 -6.77 7.93
CA PHE A 8 -8.59 -6.77 7.34
C PHE A 8 -7.51 -6.40 8.39
N GLU A 9 -7.89 -5.51 9.32
CA GLU A 9 -7.01 -5.03 10.41
C GLU A 9 -6.79 -6.13 11.48
N LYS A 10 -7.80 -6.99 11.67
CA LYS A 10 -7.74 -8.18 12.55
C LYS A 10 -6.90 -9.28 11.89
N ALA A 11 -7.10 -9.42 10.56
CA ALA A 11 -6.36 -10.39 9.72
C ALA A 11 -4.87 -10.04 9.67
N TYR A 12 -4.58 -8.73 9.78
CA TYR A 12 -3.22 -8.21 9.90
C TYR A 12 -2.82 -8.22 11.39
N LYS A 13 -1.93 -9.12 11.78
CA LYS A 13 -1.47 -9.26 13.16
C LYS A 13 -0.11 -8.57 13.37
N LYS A 14 0.91 -9.00 12.62
CA LYS A 14 2.29 -8.53 12.81
C LYS A 14 3.16 -8.95 11.60
N ALA A 15 3.21 -8.11 10.55
CA ALA A 15 4.13 -8.33 9.39
C ALA A 15 5.09 -7.15 9.27
N GLU A 16 6.37 -7.47 9.36
CA GLU A 16 7.50 -6.54 9.22
C GLU A 16 8.64 -7.31 8.55
N GLU A 17 9.90 -6.92 8.80
CA GLU A 17 11.09 -7.54 8.18
C GLU A 17 11.48 -8.85 8.92
N LEU A 18 10.61 -9.86 8.82
CA LEU A 18 10.86 -11.23 9.33
C LEU A 18 10.75 -12.20 8.14
N ASN A 19 10.68 -13.51 8.43
CA ASN A 19 10.44 -14.56 7.39
C ASN A 19 8.93 -14.80 7.19
N GLN A 20 8.12 -13.74 7.45
CA GLN A 20 6.66 -13.74 7.27
C GLN A 20 6.26 -12.47 6.51
N GLY A 21 5.12 -12.53 5.82
CA GLY A 21 4.60 -11.41 5.05
C GLY A 21 3.51 -11.81 4.08
N GLU A 22 3.54 -13.10 3.67
CA GLU A 22 2.52 -13.69 2.78
C GLU A 22 1.16 -13.84 3.50
N LEU A 23 1.21 -14.04 4.83
CA LEU A 23 0.02 -14.16 5.70
C LEU A 23 -0.76 -12.84 5.74
N MET A 24 0.00 -11.73 5.75
CA MET A 24 -0.53 -10.36 5.91
C MET A 24 -0.03 -9.49 4.74
N GLY A 25 0.23 -8.19 4.96
CA GLY A 25 0.70 -7.28 3.90
C GLY A 25 -0.45 -6.80 3.03
N ARG A 26 -1.02 -7.75 2.27
CA ARG A 26 -2.16 -7.52 1.37
C ARG A 26 -3.40 -7.03 2.13
N ALA A 27 -3.47 -7.32 3.44
CA ALA A 27 -4.54 -6.85 4.32
C ALA A 27 -4.61 -5.31 4.35
N LEU A 28 -3.44 -4.63 4.49
CA LEU A 28 -3.36 -3.15 4.41
C LEU A 28 -3.79 -2.65 3.02
N TYR A 29 -3.41 -3.40 1.97
CA TYR A 29 -3.73 -3.05 0.58
C TYR A 29 -5.25 -2.91 0.37
N ASN A 30 -6.02 -3.88 0.92
CA ASN A 30 -7.49 -3.88 0.81
C ASN A 30 -8.12 -2.71 1.59
N ILE A 31 -7.50 -2.34 2.72
CA ILE A 31 -7.93 -1.17 3.54
C ILE A 31 -7.73 0.13 2.75
N GLY A 32 -6.64 0.18 1.97
CA GLY A 32 -6.31 1.31 1.11
C GLY A 32 -7.32 1.51 -0.02
N LEU A 33 -7.74 0.38 -0.64
CA LEU A 33 -8.76 0.39 -1.71
C LEU A 33 -10.09 1.00 -1.20
N GLU A 34 -10.40 0.74 0.08
CA GLU A 34 -11.59 1.28 0.75
C GLU A 34 -11.48 2.80 0.97
N LYS A 35 -10.30 3.25 1.46
CA LYS A 35 -10.03 4.68 1.71
C LYS A 35 -10.09 5.52 0.41
N ASN A 36 -9.67 4.89 -0.71
CA ASN A 36 -9.57 5.54 -2.03
C ASN A 36 -10.99 5.89 -2.55
N LYS A 37 -11.95 4.95 -2.37
CA LYS A 37 -13.38 5.16 -2.74
C LYS A 37 -13.98 6.32 -1.92
N MET A 38 -13.64 6.34 -0.62
CA MET A 38 -14.19 7.30 0.35
C MET A 38 -13.49 8.66 0.25
N GLY A 39 -12.54 8.79 -0.70
CA GLY A 39 -11.94 10.08 -1.07
C GLY A 39 -10.59 10.32 -0.43
N LYS A 40 -10.33 9.66 0.71
CA LYS A 40 -9.09 9.86 1.48
C LYS A 40 -7.94 9.04 0.87
N ALA A 41 -7.39 9.55 -0.24
CA ALA A 41 -6.38 8.84 -1.02
C ALA A 41 -4.96 9.03 -0.46
N ARG A 42 -4.79 9.88 0.59
CA ARG A 42 -3.54 9.91 1.40
C ARG A 42 -3.47 8.67 2.28
N GLU A 43 -4.62 8.36 2.93
CA GLU A 43 -4.77 7.16 3.75
C GLU A 43 -4.70 5.91 2.85
N ALA A 44 -5.28 5.98 1.65
CA ALA A 44 -5.14 4.92 0.63
C ALA A 44 -3.65 4.70 0.30
N ALA A 45 -2.95 5.81 0.02
CA ALA A 45 -1.54 5.83 -0.37
C ALA A 45 -0.62 5.15 0.67
N GLU A 46 -0.83 5.49 1.96
CA GLU A 46 0.03 4.97 3.06
C GLU A 46 -0.20 3.49 3.32
N TYR A 47 -1.45 3.02 3.11
CA TYR A 47 -1.78 1.58 3.23
C TYR A 47 -1.16 0.78 2.08
N PHE A 48 -1.14 1.39 0.89
CA PHE A 48 -0.49 0.80 -0.30
C PHE A 48 1.04 0.75 -0.11
N PHE A 49 1.58 1.74 0.63
CA PHE A 49 3.03 1.87 0.86
C PHE A 49 3.52 0.84 1.88
N ARG A 50 2.84 0.80 3.03
CA ARG A 50 3.19 -0.11 4.14
C ARG A 50 2.99 -1.57 3.69
N ALA A 51 1.99 -1.80 2.82
CA ALA A 51 1.78 -3.10 2.17
C ALA A 51 2.94 -3.40 1.21
N ALA A 52 3.31 -2.39 0.39
CA ALA A 52 4.41 -2.50 -0.61
C ALA A 52 5.76 -2.80 0.05
N ILE A 53 5.96 -2.32 1.30
CA ILE A 53 7.14 -2.64 2.12
C ILE A 53 7.19 -4.18 2.34
N VAL A 54 6.09 -4.72 2.86
CA VAL A 54 5.96 -6.16 3.19
C VAL A 54 6.11 -7.03 1.93
N PHE A 55 5.61 -6.53 0.78
CA PHE A 55 5.70 -7.23 -0.52
C PHE A 55 7.15 -7.30 -1.00
N TYR A 56 7.83 -6.14 -0.99
CA TYR A 56 9.21 -5.99 -1.48
C TYR A 56 10.20 -6.85 -0.66
N LYS A 57 10.09 -6.76 0.67
CA LYS A 57 10.91 -7.54 1.63
C LYS A 57 10.79 -9.06 1.37
N GLU A 58 9.55 -9.50 1.11
CA GLU A 58 9.26 -10.92 0.81
C GLU A 58 9.45 -11.25 -0.69
N HIS A 59 9.64 -10.20 -1.50
CA HIS A 59 9.80 -10.29 -2.97
C HIS A 59 8.57 -10.90 -3.65
N ASP A 60 7.45 -10.19 -3.49
CA ASP A 60 6.16 -10.49 -4.13
C ASP A 60 5.85 -9.36 -5.11
N THR A 61 6.36 -9.49 -6.35
CA THR A 61 6.23 -8.47 -7.41
C THR A 61 4.76 -8.32 -7.88
N ASP A 62 3.99 -9.40 -7.68
CA ASP A 62 2.53 -9.46 -7.95
C ASP A 62 1.80 -8.36 -7.16
N GLY A 63 1.98 -8.40 -5.84
CA GLY A 63 1.39 -7.41 -4.94
C GLY A 63 2.10 -6.07 -5.03
N LEU A 64 3.44 -6.09 -5.16
CA LEU A 64 4.29 -4.88 -5.16
C LEU A 64 3.94 -3.95 -6.33
N ARG A 65 3.77 -4.55 -7.53
CA ARG A 65 3.43 -3.80 -8.76
C ARG A 65 2.04 -3.18 -8.63
N ARG A 66 1.11 -3.99 -8.13
CA ARG A 66 -0.31 -3.63 -7.99
C ARG A 66 -0.51 -2.55 -6.92
N ALA A 67 0.32 -2.60 -5.86
CA ALA A 67 0.33 -1.61 -4.76
C ALA A 67 0.99 -0.30 -5.22
N ALA A 68 2.10 -0.45 -5.97
CA ALA A 68 2.89 0.69 -6.52
C ALA A 68 2.05 1.52 -7.50
N LYS A 69 1.31 0.79 -8.36
CA LYS A 69 0.45 1.38 -9.37
C LYS A 69 -0.71 2.13 -8.70
N SER A 70 -1.41 1.43 -7.79
CA SER A 70 -2.57 1.99 -7.08
C SER A 70 -2.16 3.18 -6.19
N LEU A 71 -0.91 3.15 -5.70
CA LEU A 71 -0.32 4.22 -4.87
C LEU A 71 -0.23 5.50 -5.71
N LYS A 72 0.37 5.38 -6.90
CA LYS A 72 0.62 6.49 -7.83
C LYS A 72 -0.70 7.01 -8.44
N GLU A 73 -1.68 6.10 -8.65
CA GLU A 73 -3.03 6.48 -9.10
C GLU A 73 -3.78 7.21 -7.96
N ALA A 74 -3.49 6.81 -6.70
CA ALA A 74 -4.07 7.43 -5.51
C ALA A 74 -3.53 8.85 -5.32
N ILE A 75 -2.26 9.11 -5.73
CA ILE A 75 -1.60 10.42 -5.54
C ILE A 75 -2.34 11.55 -6.27
N THR A 76 -2.64 11.29 -7.55
CA THR A 76 -3.43 12.22 -8.38
C THR A 76 -4.90 12.28 -7.90
N ALA A 77 -5.36 11.19 -7.29
CA ALA A 77 -6.73 11.06 -6.74
C ALA A 77 -6.86 11.70 -5.34
N ILE A 78 -5.73 12.12 -4.72
CA ILE A 78 -5.75 12.81 -3.42
C ILE A 78 -6.42 14.20 -3.57
N PRO A 79 -7.44 14.55 -2.74
CA PRO A 79 -8.12 15.86 -2.81
C PRO A 79 -7.30 16.98 -2.12
N GLU A 80 -7.74 18.24 -2.33
CA GLU A 80 -7.26 19.45 -1.61
C GLU A 80 -5.75 19.75 -1.86
N GLU A 81 -5.15 19.07 -2.87
CA GLU A 81 -3.73 19.21 -3.26
C GLU A 81 -2.79 18.76 -2.13
N GLU A 82 -3.23 17.73 -1.40
CA GLU A 82 -2.41 17.06 -0.38
C GLU A 82 -1.56 15.96 -1.05
N GLY A 83 -0.58 15.43 -0.29
CA GLY A 83 0.21 14.25 -0.70
C GLY A 83 0.96 14.40 -2.02
N ARG A 84 1.17 15.66 -2.44
CA ARG A 84 1.89 15.98 -3.69
C ARG A 84 3.41 16.00 -3.40
N LYS A 85 3.74 16.55 -2.23
CA LYS A 85 5.12 16.72 -1.73
C LYS A 85 5.41 15.62 -0.65
N GLU A 86 4.34 14.99 -0.15
CA GLU A 86 4.40 14.00 0.95
C GLU A 86 4.21 12.56 0.43
N ALA A 87 2.95 12.19 0.13
CA ALA A 87 2.55 10.80 -0.19
C ALA A 87 3.12 10.32 -1.52
N LYS A 88 3.41 11.28 -2.42
CA LYS A 88 3.96 11.00 -3.77
C LYS A 88 5.34 10.32 -3.69
N GLU A 89 6.11 10.69 -2.66
CA GLU A 89 7.45 10.11 -2.42
C GLU A 89 7.34 8.62 -2.06
N MET A 90 6.22 8.25 -1.43
CA MET A 90 5.92 6.86 -1.06
C MET A 90 5.56 6.05 -2.32
N ALA A 91 4.77 6.68 -3.23
CA ALA A 91 4.42 6.09 -4.55
C ALA A 91 5.68 5.85 -5.37
N LYS A 92 6.57 6.86 -5.32
CA LYS A 92 7.85 6.86 -6.01
C LYS A 92 8.68 5.66 -5.52
N LYS A 93 8.74 5.51 -4.18
CA LYS A 93 9.49 4.44 -3.49
C LYS A 93 9.00 3.05 -3.92
N ALA A 94 7.67 2.86 -3.97
CA ALA A 94 7.05 1.58 -4.30
C ALA A 94 7.36 1.14 -5.75
N GLU A 95 7.35 2.13 -6.67
CA GLU A 95 7.66 1.92 -8.10
C GLU A 95 9.19 1.73 -8.31
N GLU A 96 10.00 2.35 -7.41
CA GLU A 96 11.47 2.16 -7.39
C GLU A 96 11.79 0.70 -6.99
N TRP A 97 11.03 0.18 -6.01
CA TRP A 97 11.15 -1.20 -5.53
C TRP A 97 10.74 -2.19 -6.62
N LEU A 98 9.73 -1.81 -7.42
CA LEU A 98 9.27 -2.60 -8.57
C LEU A 98 10.42 -2.78 -9.57
N GLN A 99 11.08 -1.67 -9.93
CA GLN A 99 12.23 -1.68 -10.87
C GLN A 99 13.43 -2.42 -10.24
N ALA A 100 13.53 -2.36 -8.90
CA ALA A 100 14.60 -3.02 -8.13
C ALA A 100 14.48 -4.56 -8.20
N GLU A 101 13.23 -5.05 -8.27
CA GLU A 101 12.95 -6.49 -8.44
C GLU A 101 13.15 -6.93 -9.90
N GLN A 102 12.82 -6.04 -10.85
CA GLN A 102 13.01 -6.32 -12.30
C GLN A 102 14.51 -6.27 -12.63
N ASN A 103 15.14 -7.45 -12.78
CA ASN A 103 16.61 -7.57 -12.99
C ASN A 103 17.06 -6.98 -14.34
N ASN A 104 18.29 -6.46 -14.37
CA ASN A 104 18.96 -5.90 -15.57
C ASN A 104 20.36 -6.57 -15.68
N ALA A 1 -16.09 6.75 10.19
CA ALA A 1 -15.76 6.47 8.77
C ALA A 1 -14.70 5.35 8.65
N ASP A 2 -14.55 4.54 9.71
CA ASP A 2 -13.58 3.42 9.75
C ASP A 2 -14.21 2.16 10.37
N GLU A 3 -15.55 2.11 10.36
CA GLU A 3 -16.33 1.00 10.97
C GLU A 3 -16.21 -0.26 10.08
N ASN A 4 -16.15 -0.02 8.76
CA ASN A 4 -15.87 -1.05 7.74
C ASN A 4 -14.42 -1.53 7.87
N ILE A 5 -13.50 -0.56 8.03
CA ILE A 5 -12.04 -0.79 8.12
C ILE A 5 -11.70 -1.72 9.31
N ALA A 6 -12.49 -1.60 10.40
CA ALA A 6 -12.30 -2.36 11.65
C ALA A 6 -12.26 -3.89 11.44
N LYS A 7 -13.03 -4.37 10.44
CA LYS A 7 -13.09 -5.79 10.09
C LYS A 7 -11.79 -6.23 9.38
N PHE A 8 -11.36 -5.41 8.41
CA PHE A 8 -10.20 -5.71 7.54
C PHE A 8 -8.85 -5.59 8.29
N GLU A 9 -8.84 -4.86 9.42
CA GLU A 9 -7.66 -4.74 10.32
C GLU A 9 -7.27 -6.12 10.92
N LYS A 10 -8.30 -6.97 11.17
CA LYS A 10 -8.11 -8.32 11.76
C LYS A 10 -7.40 -9.26 10.78
N ALA A 11 -7.56 -9.02 9.46
CA ALA A 11 -6.89 -9.79 8.41
C ALA A 11 -5.35 -9.66 8.53
N TYR A 12 -4.91 -8.45 8.95
CA TYR A 12 -3.49 -8.17 9.21
C TYR A 12 -3.11 -8.60 10.64
N LYS A 13 -1.78 -8.61 10.92
CA LYS A 13 -1.20 -8.91 12.24
C LYS A 13 -1.40 -10.40 12.58
N LYS A 14 -0.49 -11.24 12.03
CA LYS A 14 -0.53 -12.71 12.15
C LYS A 14 -1.86 -13.27 11.63
N ALA A 15 -1.94 -13.51 10.30
CA ALA A 15 -3.17 -14.00 9.65
C ALA A 15 -3.57 -15.39 10.17
N GLU A 16 -2.57 -16.24 10.46
CA GLU A 16 -2.78 -17.59 11.03
C GLU A 16 -1.83 -17.77 12.24
N GLU A 17 -0.55 -18.07 11.97
CA GLU A 17 0.50 -18.16 13.01
C GLU A 17 1.86 -17.74 12.42
N LEU A 18 2.75 -17.22 13.31
CA LEU A 18 4.07 -16.63 12.95
C LEU A 18 3.90 -15.28 12.18
N ASN A 19 4.79 -14.31 12.48
CA ASN A 19 4.87 -13.06 11.72
C ASN A 19 5.49 -13.37 10.34
N GLN A 20 4.63 -13.68 9.37
CA GLN A 20 5.03 -14.00 7.98
C GLN A 20 4.31 -13.03 7.05
N GLY A 21 5.07 -12.13 6.39
CA GLY A 21 4.51 -11.10 5.51
C GLY A 21 3.76 -11.64 4.30
N GLU A 22 4.06 -12.89 3.92
CA GLU A 22 3.35 -13.61 2.85
C GLU A 22 1.88 -13.91 3.24
N LEU A 23 1.63 -14.02 4.56
CA LEU A 23 0.25 -14.18 5.11
C LEU A 23 -0.51 -12.86 5.10
N MET A 24 0.21 -11.75 4.94
CA MET A 24 -0.33 -10.38 5.08
C MET A 24 0.11 -9.53 3.88
N GLY A 25 0.20 -8.19 4.07
CA GLY A 25 0.59 -7.27 2.99
C GLY A 25 -0.60 -6.84 2.17
N ARG A 26 -1.24 -7.83 1.51
CA ARG A 26 -2.45 -7.61 0.71
C ARG A 26 -3.62 -7.16 1.61
N ALA A 27 -3.53 -7.48 2.91
CA ALA A 27 -4.49 -7.02 3.91
C ALA A 27 -4.45 -5.48 4.05
N LEU A 28 -3.24 -4.89 4.16
CA LEU A 28 -3.10 -3.42 4.24
C LEU A 28 -3.50 -2.77 2.91
N TYR A 29 -3.13 -3.44 1.80
CA TYR A 29 -3.52 -3.06 0.43
C TYR A 29 -5.07 -3.00 0.29
N ASN A 30 -5.74 -4.01 0.88
CA ASN A 30 -7.20 -4.19 0.78
C ASN A 30 -7.94 -3.12 1.60
N ILE A 31 -7.37 -2.78 2.78
CA ILE A 31 -7.83 -1.67 3.63
C ILE A 31 -7.70 -0.33 2.85
N GLY A 32 -6.57 -0.20 2.13
CA GLY A 32 -6.31 0.97 1.29
C GLY A 32 -7.34 1.14 0.18
N LEU A 33 -7.82 0.02 -0.37
CA LEU A 33 -8.88 0.00 -1.40
C LEU A 33 -10.21 0.46 -0.79
N GLU A 34 -10.52 -0.06 0.43
CA GLU A 34 -11.76 0.28 1.16
C GLU A 34 -11.77 1.77 1.54
N LYS A 35 -10.58 2.33 1.81
CA LYS A 35 -10.41 3.76 2.09
C LYS A 35 -10.58 4.59 0.81
N ASN A 36 -9.93 4.14 -0.29
CA ASN A 36 -10.00 4.80 -1.60
C ASN A 36 -11.47 4.85 -2.10
N LYS A 37 -12.24 3.79 -1.74
CA LYS A 37 -13.67 3.64 -2.03
C LYS A 37 -14.50 4.75 -1.33
N MET A 38 -14.09 5.08 -0.09
CA MET A 38 -14.75 6.14 0.72
C MET A 38 -14.22 7.55 0.35
N GLY A 39 -13.38 7.63 -0.71
CA GLY A 39 -12.78 8.90 -1.15
C GLY A 39 -11.53 9.27 -0.37
N LYS A 40 -11.12 8.39 0.56
CA LYS A 40 -9.91 8.57 1.38
C LYS A 40 -8.66 8.11 0.59
N ALA A 41 -8.20 8.98 -0.33
CA ALA A 41 -7.01 8.73 -1.16
C ALA A 41 -5.71 8.95 -0.37
N ARG A 42 -5.78 9.93 0.57
CA ARG A 42 -4.64 10.31 1.42
C ARG A 42 -4.27 9.16 2.38
N GLU A 43 -5.30 8.56 3.02
CA GLU A 43 -5.13 7.39 3.90
C GLU A 43 -4.75 6.15 3.06
N ALA A 44 -5.39 6.00 1.88
CA ALA A 44 -5.16 4.87 0.97
C ALA A 44 -3.68 4.73 0.62
N ALA A 45 -3.03 5.87 0.35
CA ALA A 45 -1.61 5.94 -0.04
C ALA A 45 -0.67 5.37 1.05
N GLU A 46 -1.00 5.66 2.32
CA GLU A 46 -0.24 5.15 3.49
C GLU A 46 -0.21 3.60 3.47
N TYR A 47 -1.41 3.01 3.34
CA TYR A 47 -1.62 1.56 3.42
C TYR A 47 -1.10 0.82 2.18
N PHE A 48 -1.14 1.49 1.01
CA PHE A 48 -0.55 0.97 -0.23
C PHE A 48 0.99 0.91 -0.15
N PHE A 49 1.58 1.87 0.60
CA PHE A 49 3.04 1.93 0.81
C PHE A 49 3.49 0.81 1.74
N ARG A 50 2.78 0.67 2.87
CA ARG A 50 3.07 -0.34 3.88
C ARG A 50 2.94 -1.75 3.28
N ALA A 51 1.93 -1.90 2.40
CA ALA A 51 1.73 -3.10 1.60
C ALA A 51 2.92 -3.34 0.67
N ALA A 52 3.34 -2.28 -0.04
CA ALA A 52 4.45 -2.32 -1.01
C ALA A 52 5.78 -2.72 -0.34
N ILE A 53 6.00 -2.25 0.91
CA ILE A 53 7.16 -2.61 1.74
C ILE A 53 7.19 -4.13 1.97
N VAL A 54 6.03 -4.69 2.37
CA VAL A 54 5.87 -6.12 2.64
C VAL A 54 6.19 -6.94 1.37
N PHE A 55 5.52 -6.60 0.26
CA PHE A 55 5.69 -7.29 -1.04
C PHE A 55 7.13 -7.21 -1.56
N TYR A 56 7.83 -6.12 -1.24
CA TYR A 56 9.23 -5.91 -1.62
C TYR A 56 10.18 -6.85 -0.83
N LYS A 57 10.03 -6.87 0.49
CA LYS A 57 10.89 -7.68 1.39
C LYS A 57 10.55 -9.19 1.31
N GLU A 58 9.34 -9.56 0.86
CA GLU A 58 8.99 -10.96 0.52
C GLU A 58 9.41 -11.26 -0.93
N HIS A 59 9.75 -10.18 -1.68
CA HIS A 59 10.17 -10.23 -3.10
C HIS A 59 9.06 -10.77 -4.02
N ASP A 60 7.80 -10.53 -3.61
CA ASP A 60 6.62 -10.76 -4.44
C ASP A 60 6.47 -9.56 -5.40
N THR A 61 7.14 -9.66 -6.56
CA THR A 61 7.25 -8.60 -7.57
C THR A 61 5.86 -8.20 -8.15
N ASP A 62 4.95 -9.18 -8.22
CA ASP A 62 3.58 -9.00 -8.72
C ASP A 62 2.78 -8.05 -7.81
N GLY A 63 2.77 -8.35 -6.51
CA GLY A 63 2.09 -7.53 -5.52
C GLY A 63 2.74 -6.19 -5.31
N LEU A 64 4.08 -6.15 -5.49
CA LEU A 64 4.85 -4.91 -5.40
C LEU A 64 4.48 -3.95 -6.54
N ARG A 65 4.29 -4.53 -7.75
CA ARG A 65 3.82 -3.76 -8.93
C ARG A 65 2.43 -3.18 -8.67
N ARG A 66 1.56 -4.04 -8.12
CA ARG A 66 0.15 -3.75 -7.89
C ARG A 66 -0.04 -2.66 -6.81
N ALA A 67 0.76 -2.74 -5.74
CA ALA A 67 0.73 -1.79 -4.63
C ALA A 67 1.40 -0.47 -5.02
N ALA A 68 2.44 -0.55 -5.86
CA ALA A 68 3.12 0.64 -6.42
C ALA A 68 2.19 1.41 -7.37
N LYS A 69 1.44 0.64 -8.17
CA LYS A 69 0.50 1.18 -9.15
C LYS A 69 -0.67 1.85 -8.42
N SER A 70 -1.28 1.13 -7.47
CA SER A 70 -2.43 1.64 -6.71
C SER A 70 -2.04 2.86 -5.85
N LEU A 71 -0.75 2.90 -5.42
CA LEU A 71 -0.18 4.02 -4.65
C LEU A 71 -0.26 5.31 -5.50
N LYS A 72 0.29 5.25 -6.74
CA LYS A 72 0.32 6.41 -7.66
C LYS A 72 -1.08 6.76 -8.19
N GLU A 73 -1.99 5.76 -8.32
CA GLU A 73 -3.41 6.02 -8.67
C GLU A 73 -4.09 6.80 -7.53
N ALA A 74 -3.68 6.48 -6.29
CA ALA A 74 -4.17 7.18 -5.08
C ALA A 74 -3.61 8.61 -5.01
N ILE A 75 -2.34 8.83 -5.45
CA ILE A 75 -1.68 10.16 -5.39
C ILE A 75 -2.39 11.18 -6.30
N THR A 76 -2.71 10.74 -7.53
CA THR A 76 -3.46 11.56 -8.50
C THR A 76 -4.92 11.81 -8.03
N ALA A 77 -5.35 11.05 -7.02
CA ALA A 77 -6.65 11.22 -6.36
C ALA A 77 -6.52 12.05 -5.06
N ILE A 78 -5.29 12.19 -4.51
CA ILE A 78 -5.02 13.08 -3.35
C ILE A 78 -4.95 14.55 -3.86
N PRO A 79 -5.64 15.52 -3.18
CA PRO A 79 -5.44 16.97 -3.42
C PRO A 79 -3.98 17.41 -3.16
N GLU A 80 -3.58 18.54 -3.76
CA GLU A 80 -2.23 19.11 -3.57
C GLU A 80 -2.13 19.88 -2.24
N GLU A 81 -0.89 20.37 -1.95
CA GLU A 81 -0.52 21.04 -0.67
C GLU A 81 -0.45 20.05 0.53
N GLU A 82 -0.80 18.77 0.28
CA GLU A 82 -0.75 17.68 1.28
C GLU A 82 -0.99 16.34 0.56
N GLY A 83 -0.25 15.29 0.95
CA GLY A 83 -0.33 13.98 0.31
C GLY A 83 0.29 13.90 -1.09
N ARG A 84 -0.27 14.68 -2.04
CA ARG A 84 0.24 14.79 -3.43
C ARG A 84 1.71 15.33 -3.42
N LYS A 85 2.06 16.09 -2.36
CA LYS A 85 3.44 16.56 -2.12
C LYS A 85 4.25 15.53 -1.28
N GLU A 86 3.56 14.83 -0.35
CA GLU A 86 4.18 14.09 0.77
C GLU A 86 4.19 12.56 0.49
N ALA A 87 2.96 11.99 0.44
CA ALA A 87 2.73 10.56 0.21
C ALA A 87 3.26 10.09 -1.17
N LYS A 88 3.37 11.04 -2.12
CA LYS A 88 3.91 10.79 -3.47
C LYS A 88 5.36 10.24 -3.42
N GLU A 89 6.15 10.67 -2.42
CA GLU A 89 7.54 10.20 -2.22
C GLU A 89 7.57 8.67 -1.96
N MET A 90 6.50 8.19 -1.32
CA MET A 90 6.31 6.77 -1.01
C MET A 90 5.93 5.97 -2.27
N ALA A 91 5.11 6.60 -3.15
CA ALA A 91 4.77 6.04 -4.46
C ALA A 91 6.04 5.80 -5.27
N LYS A 92 6.95 6.80 -5.21
CA LYS A 92 8.25 6.76 -5.88
C LYS A 92 9.12 5.60 -5.35
N LYS A 93 9.11 5.41 -4.01
CA LYS A 93 9.84 4.31 -3.34
C LYS A 93 9.42 2.96 -3.90
N ALA A 94 8.10 2.75 -3.94
CA ALA A 94 7.46 1.51 -4.44
C ALA A 94 7.82 1.26 -5.93
N GLU A 95 7.97 2.37 -6.71
CA GLU A 95 8.42 2.34 -8.12
C GLU A 95 9.89 1.90 -8.22
N GLU A 96 10.75 2.47 -7.35
CA GLU A 96 12.21 2.19 -7.33
C GLU A 96 12.47 0.71 -7.04
N TRP A 97 11.66 0.17 -6.12
CA TRP A 97 11.70 -1.24 -5.73
C TRP A 97 11.29 -2.13 -6.91
N LEU A 98 10.24 -1.69 -7.64
CA LEU A 98 9.73 -2.40 -8.82
C LEU A 98 10.80 -2.42 -9.94
N GLN A 99 11.54 -1.30 -10.09
CA GLN A 99 12.61 -1.16 -11.09
C GLN A 99 13.84 -2.02 -10.71
N ALA A 100 13.99 -2.29 -9.41
CA ALA A 100 15.06 -3.15 -8.87
C ALA A 100 14.74 -4.64 -9.08
N GLU A 101 13.45 -5.00 -8.85
CA GLU A 101 12.95 -6.38 -9.01
C GLU A 101 12.92 -6.77 -10.50
N GLN A 102 12.44 -5.84 -11.34
CA GLN A 102 12.52 -5.97 -12.79
C GLN A 102 13.97 -5.74 -13.22
N ASN A 103 14.66 -6.83 -13.58
CA ASN A 103 16.05 -6.78 -14.08
C ASN A 103 16.11 -5.90 -15.35
N ASN A 104 17.10 -4.99 -15.42
CA ASN A 104 17.34 -4.16 -16.62
C ASN A 104 17.66 -5.08 -17.84
N ALA A 1 -17.99 3.71 7.22
CA ALA A 1 -16.71 4.13 6.63
C ALA A 1 -15.64 3.01 6.70
N ASP A 2 -15.37 2.52 7.92
CA ASP A 2 -14.18 1.70 8.21
C ASP A 2 -14.53 0.34 8.84
N GLU A 3 -15.69 -0.19 8.44
CA GLU A 3 -16.18 -1.51 8.91
C GLU A 3 -15.32 -2.62 8.28
N ASN A 4 -15.22 -2.57 6.95
CA ASN A 4 -14.43 -3.53 6.14
C ASN A 4 -12.92 -3.40 6.45
N ILE A 5 -12.50 -2.19 6.85
CA ILE A 5 -11.11 -1.92 7.26
C ILE A 5 -10.76 -2.76 8.51
N ALA A 6 -11.70 -2.78 9.49
CA ALA A 6 -11.55 -3.52 10.76
C ALA A 6 -11.35 -5.04 10.53
N LYS A 7 -11.95 -5.55 9.43
CA LYS A 7 -11.80 -6.96 8.99
C LYS A 7 -10.32 -7.30 8.74
N PHE A 8 -9.66 -6.44 7.93
CA PHE A 8 -8.27 -6.66 7.50
C PHE A 8 -7.25 -6.26 8.59
N GLU A 9 -7.66 -5.37 9.51
CA GLU A 9 -6.84 -5.03 10.68
C GLU A 9 -6.81 -6.23 11.66
N LYS A 10 -7.97 -6.92 11.75
CA LYS A 10 -8.12 -8.16 12.54
C LYS A 10 -7.29 -9.28 11.87
N ALA A 11 -7.38 -9.33 10.52
CA ALA A 11 -6.67 -10.32 9.69
C ALA A 11 -5.15 -10.11 9.74
N TYR A 12 -4.72 -8.85 9.95
CA TYR A 12 -3.30 -8.48 10.01
C TYR A 12 -2.76 -8.81 11.42
N LYS A 13 -2.07 -9.96 11.53
CA LYS A 13 -1.49 -10.47 12.80
C LYS A 13 -0.08 -9.88 13.09
N LYS A 14 0.20 -8.71 12.49
CA LYS A 14 1.50 -8.01 12.58
C LYS A 14 2.64 -8.88 12.02
N ALA A 15 2.92 -8.69 10.72
CA ALA A 15 3.92 -9.46 9.96
C ALA A 15 5.35 -9.31 10.50
N GLU A 16 5.60 -8.19 11.20
CA GLU A 16 6.93 -7.83 11.71
C GLU A 16 7.23 -8.55 13.02
N GLU A 17 6.17 -8.94 13.75
CA GLU A 17 6.31 -9.58 15.08
C GLU A 17 6.05 -11.09 14.98
N LEU A 18 4.85 -11.47 14.50
CA LEU A 18 4.49 -12.88 14.28
C LEU A 18 5.13 -13.34 12.95
N ASN A 19 6.03 -14.34 13.02
CA ASN A 19 6.81 -14.84 11.86
C ASN A 19 5.89 -15.42 10.76
N GLN A 20 5.45 -14.55 9.83
CA GLN A 20 4.57 -14.91 8.70
C GLN A 20 5.02 -14.13 7.45
N GLY A 21 4.78 -12.79 7.49
CA GLY A 21 5.12 -11.90 6.37
C GLY A 21 4.15 -12.02 5.19
N GLU A 22 4.32 -13.13 4.44
CA GLU A 22 3.57 -13.47 3.21
C GLU A 22 2.04 -13.41 3.40
N LEU A 23 1.58 -13.76 4.62
CA LEU A 23 0.16 -13.88 4.95
C LEU A 23 -0.48 -12.50 5.24
N MET A 24 0.33 -11.44 5.13
CA MET A 24 -0.09 -10.04 5.37
C MET A 24 0.52 -9.11 4.32
N GLY A 25 0.36 -7.79 4.55
CA GLY A 25 0.69 -6.78 3.55
C GLY A 25 -0.50 -6.53 2.65
N ARG A 26 -0.98 -7.63 2.03
CA ARG A 26 -2.17 -7.66 1.19
C ARG A 26 -3.41 -7.18 1.97
N ALA A 27 -3.46 -7.52 3.28
CA ALA A 27 -4.50 -7.03 4.20
C ALA A 27 -4.56 -5.49 4.22
N LEU A 28 -3.37 -4.83 4.33
CA LEU A 28 -3.27 -3.36 4.30
C LEU A 28 -3.66 -2.81 2.91
N TYR A 29 -3.32 -3.56 1.85
CA TYR A 29 -3.63 -3.18 0.46
C TYR A 29 -5.15 -3.01 0.26
N ASN A 30 -5.94 -3.97 0.79
CA ASN A 30 -7.41 -3.94 0.69
C ASN A 30 -8.02 -2.77 1.49
N ILE A 31 -7.40 -2.46 2.65
CA ILE A 31 -7.78 -1.29 3.46
C ILE A 31 -7.57 0.00 2.65
N GLY A 32 -6.44 0.04 1.91
CA GLY A 32 -6.11 1.14 1.02
C GLY A 32 -7.12 1.29 -0.11
N LEU A 33 -7.60 0.14 -0.64
CA LEU A 33 -8.61 0.11 -1.72
C LEU A 33 -9.93 0.75 -1.24
N GLU A 34 -10.30 0.43 0.01
CA GLU A 34 -11.52 0.95 0.65
C GLU A 34 -11.43 2.47 0.90
N LYS A 35 -10.25 2.90 1.41
CA LYS A 35 -9.95 4.32 1.63
C LYS A 35 -10.04 5.08 0.29
N ASN A 36 -9.38 4.52 -0.74
CA ASN A 36 -9.31 5.10 -2.09
C ASN A 36 -10.71 5.21 -2.71
N LYS A 37 -11.57 4.22 -2.39
CA LYS A 37 -12.97 4.17 -2.85
C LYS A 37 -13.80 5.30 -2.21
N MET A 38 -13.54 5.57 -0.91
CA MET A 38 -14.25 6.64 -0.16
C MET A 38 -13.69 8.04 -0.51
N GLY A 39 -12.60 8.08 -1.29
CA GLY A 39 -11.94 9.33 -1.68
C GLY A 39 -10.84 9.72 -0.72
N LYS A 40 -10.60 8.88 0.30
CA LYS A 40 -9.49 9.02 1.24
C LYS A 40 -8.20 8.49 0.57
N ALA A 41 -7.74 9.23 -0.45
CA ALA A 41 -6.62 8.83 -1.31
C ALA A 41 -5.26 9.10 -0.61
N ARG A 42 -5.27 10.07 0.32
CA ARG A 42 -4.13 10.38 1.20
C ARG A 42 -3.88 9.19 2.16
N GLU A 43 -4.98 8.72 2.81
CA GLU A 43 -4.95 7.54 3.68
C GLU A 43 -4.62 6.27 2.88
N ALA A 44 -5.21 6.17 1.67
CA ALA A 44 -5.04 5.02 0.77
C ALA A 44 -3.56 4.83 0.41
N ALA A 45 -2.91 5.96 0.07
CA ALA A 45 -1.49 6.02 -0.30
C ALA A 45 -0.58 5.43 0.80
N GLU A 46 -1.00 5.62 2.08
CA GLU A 46 -0.30 5.10 3.26
C GLU A 46 -0.35 3.56 3.27
N TYR A 47 -1.58 3.02 3.13
CA TYR A 47 -1.82 1.58 3.23
C TYR A 47 -1.23 0.81 2.03
N PHE A 48 -1.22 1.45 0.86
CA PHE A 48 -0.61 0.90 -0.36
C PHE A 48 0.91 0.83 -0.22
N PHE A 49 1.49 1.83 0.49
CA PHE A 49 2.94 1.91 0.73
C PHE A 49 3.40 0.83 1.70
N ARG A 50 2.71 0.77 2.84
CA ARG A 50 3.04 -0.16 3.95
C ARG A 50 2.77 -1.61 3.53
N ALA A 51 1.78 -1.78 2.63
CA ALA A 51 1.55 -3.05 1.94
C ALA A 51 2.77 -3.39 1.06
N ALA A 52 3.18 -2.39 0.23
CA ALA A 52 4.29 -2.51 -0.74
C ALA A 52 5.62 -2.85 -0.04
N ILE A 53 5.78 -2.36 1.20
CA ILE A 53 6.94 -2.69 2.07
C ILE A 53 6.98 -4.20 2.32
N VAL A 54 5.86 -4.77 2.81
CA VAL A 54 5.77 -6.20 3.17
C VAL A 54 5.96 -7.10 1.93
N PHE A 55 5.37 -6.66 0.79
CA PHE A 55 5.50 -7.36 -0.51
C PHE A 55 6.97 -7.40 -0.96
N TYR A 56 7.66 -6.26 -0.82
CA TYR A 56 9.07 -6.09 -1.22
C TYR A 56 10.00 -7.01 -0.39
N LYS A 57 9.76 -7.04 0.94
CA LYS A 57 10.44 -7.95 1.88
C LYS A 57 10.25 -9.44 1.46
N GLU A 58 9.02 -9.79 1.06
CA GLU A 58 8.68 -11.16 0.62
C GLU A 58 9.10 -11.41 -0.83
N HIS A 59 9.47 -10.31 -1.53
CA HIS A 59 9.85 -10.29 -2.95
C HIS A 59 8.68 -10.70 -3.87
N ASP A 60 7.47 -10.41 -3.39
CA ASP A 60 6.24 -10.58 -4.14
C ASP A 60 6.08 -9.36 -5.07
N THR A 61 6.74 -9.42 -6.23
CA THR A 61 6.63 -8.41 -7.29
C THR A 61 5.19 -8.18 -7.77
N ASP A 62 4.37 -9.24 -7.75
CA ASP A 62 2.98 -9.19 -8.24
C ASP A 62 2.13 -8.28 -7.32
N GLY A 63 2.19 -8.54 -6.00
CA GLY A 63 1.51 -7.72 -4.99
C GLY A 63 2.08 -6.31 -4.90
N LEU A 64 3.43 -6.23 -4.96
CA LEU A 64 4.20 -4.97 -4.97
C LEU A 64 3.77 -4.08 -6.15
N ARG A 65 3.50 -4.74 -7.30
CA ARG A 65 3.07 -4.09 -8.54
C ARG A 65 1.71 -3.43 -8.34
N ARG A 66 0.76 -4.21 -7.80
CA ARG A 66 -0.61 -3.75 -7.50
C ARG A 66 -0.57 -2.54 -6.53
N ALA A 67 0.25 -2.68 -5.49
CA ALA A 67 0.39 -1.67 -4.42
C ALA A 67 1.04 -0.37 -4.95
N ALA A 68 2.04 -0.53 -5.84
CA ALA A 68 2.79 0.60 -6.42
C ALA A 68 1.93 1.41 -7.40
N LYS A 69 1.18 0.68 -8.25
CA LYS A 69 0.29 1.29 -9.25
C LYS A 69 -0.85 2.06 -8.56
N SER A 70 -1.53 1.38 -7.63
CA SER A 70 -2.67 1.92 -6.87
C SER A 70 -2.26 3.11 -5.99
N LEU A 71 -0.98 3.08 -5.52
CA LEU A 71 -0.39 4.18 -4.71
C LEU A 71 -0.41 5.48 -5.53
N LYS A 72 0.05 5.39 -6.79
CA LYS A 72 0.12 6.53 -7.71
C LYS A 72 -1.28 6.97 -8.16
N GLU A 73 -2.19 5.99 -8.31
CA GLU A 73 -3.60 6.23 -8.65
C GLU A 73 -4.35 6.91 -7.49
N ALA A 74 -3.79 6.75 -6.27
CA ALA A 74 -4.25 7.46 -5.08
C ALA A 74 -3.67 8.90 -5.05
N ILE A 75 -2.42 9.08 -5.52
CA ILE A 75 -1.73 10.40 -5.53
C ILE A 75 -2.52 11.43 -6.36
N THR A 76 -2.93 11.00 -7.56
CA THR A 76 -3.67 11.85 -8.51
C THR A 76 -5.08 12.23 -7.96
N ALA A 77 -5.53 11.49 -6.93
CA ALA A 77 -6.85 11.67 -6.31
C ALA A 77 -6.77 12.34 -4.92
N ILE A 78 -5.54 12.61 -4.42
CA ILE A 78 -5.33 13.31 -3.12
C ILE A 78 -5.86 14.76 -3.23
N PRO A 79 -6.75 15.22 -2.29
CA PRO A 79 -7.09 16.65 -2.12
C PRO A 79 -5.83 17.53 -1.86
N GLU A 80 -5.69 18.57 -2.70
CA GLU A 80 -4.55 19.51 -2.68
C GLU A 80 -4.55 20.35 -1.38
N GLU A 81 -3.94 19.78 -0.32
CA GLU A 81 -3.79 20.39 1.01
C GLU A 81 -3.10 19.41 1.95
N GLU A 82 -3.62 18.16 1.99
CA GLU A 82 -3.19 17.11 2.94
C GLU A 82 -1.70 16.78 2.80
N GLY A 83 -1.31 16.27 1.62
CA GLY A 83 0.06 15.88 1.38
C GLY A 83 0.24 15.24 0.03
N ARG A 84 0.45 16.07 -1.00
CA ARG A 84 0.78 15.61 -2.35
C ARG A 84 2.17 14.96 -2.34
N LYS A 85 3.22 15.80 -2.15
CA LYS A 85 4.63 15.34 -2.14
C LYS A 85 4.89 14.35 -0.99
N GLU A 86 4.22 14.59 0.17
CA GLU A 86 4.24 13.70 1.35
C GLU A 86 4.04 12.21 0.94
N ALA A 87 2.88 11.94 0.31
CA ALA A 87 2.53 10.59 -0.14
C ALA A 87 3.27 10.21 -1.44
N LYS A 88 3.65 11.24 -2.23
CA LYS A 88 4.31 11.09 -3.54
C LYS A 88 5.70 10.45 -3.40
N GLU A 89 6.43 10.79 -2.32
CA GLU A 89 7.75 10.20 -2.02
C GLU A 89 7.61 8.69 -1.76
N MET A 90 6.51 8.31 -1.09
CA MET A 90 6.17 6.91 -0.79
C MET A 90 5.81 6.16 -2.10
N ALA A 91 5.09 6.87 -2.99
CA ALA A 91 4.72 6.34 -4.31
C ALA A 91 5.97 6.04 -5.15
N LYS A 92 6.97 6.94 -5.04
CA LYS A 92 8.23 6.82 -5.78
C LYS A 92 9.09 5.70 -5.19
N LYS A 93 9.00 5.48 -3.86
CA LYS A 93 9.67 4.36 -3.18
C LYS A 93 9.17 3.02 -3.75
N ALA A 94 7.84 2.90 -3.86
CA ALA A 94 7.18 1.72 -4.42
C ALA A 94 7.57 1.50 -5.91
N GLU A 95 7.81 2.62 -6.64
CA GLU A 95 8.30 2.59 -8.02
C GLU A 95 9.74 2.06 -8.10
N GLU A 96 10.59 2.51 -7.16
CA GLU A 96 12.01 2.11 -7.10
C GLU A 96 12.12 0.60 -6.91
N TRP A 97 11.33 0.09 -5.95
CA TRP A 97 11.27 -1.34 -5.60
C TRP A 97 10.77 -2.18 -6.80
N LEU A 98 9.72 -1.66 -7.47
CA LEU A 98 9.06 -2.35 -8.58
C LEU A 98 10.04 -2.55 -9.77
N GLN A 99 10.72 -1.46 -10.16
CA GLN A 99 11.66 -1.47 -11.30
C GLN A 99 12.93 -2.26 -10.94
N ALA A 100 13.33 -2.23 -9.65
CA ALA A 100 14.53 -2.91 -9.15
C ALA A 100 14.38 -4.44 -9.22
N GLU A 101 13.23 -4.95 -8.73
CA GLU A 101 12.97 -6.40 -8.68
C GLU A 101 12.64 -6.95 -10.08
N GLN A 102 11.59 -6.40 -10.72
CA GLN A 102 11.17 -6.85 -12.05
C GLN A 102 11.58 -5.79 -13.09
N ASN A 103 12.30 -6.25 -14.12
CA ASN A 103 12.87 -5.39 -15.17
C ASN A 103 13.04 -6.22 -16.45
N ASN A 104 13.50 -5.55 -17.52
CA ASN A 104 13.80 -6.20 -18.81
C ASN A 104 15.02 -7.17 -18.68
N ALA A 1 -20.45 2.01 9.17
CA ALA A 1 -20.16 0.84 8.32
C ALA A 1 -18.74 0.94 7.73
N ASP A 2 -17.77 0.32 8.43
CA ASP A 2 -16.37 0.19 7.95
C ASP A 2 -15.67 -1.02 8.62
N GLU A 3 -16.48 -2.01 9.07
CA GLU A 3 -15.98 -3.27 9.69
C GLU A 3 -15.20 -4.12 8.65
N ASN A 4 -15.42 -3.83 7.34
CA ASN A 4 -14.66 -4.45 6.23
C ASN A 4 -13.17 -4.08 6.38
N ILE A 5 -12.93 -2.77 6.57
CA ILE A 5 -11.60 -2.19 6.85
C ILE A 5 -11.00 -2.82 8.11
N ALA A 6 -11.82 -2.81 9.18
CA ALA A 6 -11.46 -3.33 10.51
C ALA A 6 -11.04 -4.81 10.44
N LYS A 7 -11.74 -5.59 9.59
CA LYS A 7 -11.57 -7.04 9.48
C LYS A 7 -10.12 -7.42 9.10
N PHE A 8 -9.55 -6.61 8.19
CA PHE A 8 -8.17 -6.78 7.71
C PHE A 8 -7.15 -6.37 8.79
N GLU A 9 -7.52 -5.38 9.65
CA GLU A 9 -6.66 -4.87 10.74
C GLU A 9 -6.42 -5.94 11.82
N LYS A 10 -7.52 -6.63 12.22
CA LYS A 10 -7.45 -7.73 13.24
C LYS A 10 -6.71 -8.94 12.65
N ALA A 11 -6.88 -9.18 11.32
CA ALA A 11 -6.19 -10.24 10.58
C ALA A 11 -4.69 -9.93 10.40
N TYR A 12 -4.34 -8.63 10.52
CA TYR A 12 -2.96 -8.16 10.38
C TYR A 12 -2.20 -8.38 11.71
N LYS A 13 -1.22 -9.30 11.69
CA LYS A 13 -0.44 -9.72 12.87
C LYS A 13 0.97 -9.07 12.90
N LYS A 14 1.10 -7.94 12.17
CA LYS A 14 2.38 -7.20 11.92
C LYS A 14 3.32 -8.02 11.00
N ALA A 15 3.59 -7.48 9.79
CA ALA A 15 4.40 -8.18 8.76
C ALA A 15 5.82 -7.61 8.69
N GLU A 16 6.81 -8.46 8.99
CA GLU A 16 8.23 -8.16 8.79
C GLU A 16 8.85 -9.22 7.87
N GLU A 17 10.14 -9.04 7.59
CA GLU A 17 10.90 -9.88 6.67
C GLU A 17 11.27 -11.19 7.39
N LEU A 18 10.27 -12.08 7.41
CA LEU A 18 10.25 -13.33 8.19
C LEU A 18 9.11 -14.20 7.61
N ASN A 19 9.17 -15.52 7.83
CA ASN A 19 8.20 -16.49 7.23
C ASN A 19 6.79 -16.37 7.88
N GLN A 20 6.06 -15.30 7.49
CA GLN A 20 4.65 -15.01 7.89
C GLN A 20 4.14 -13.75 7.19
N GLY A 21 5.07 -12.90 6.68
CA GLY A 21 4.74 -11.58 6.11
C GLY A 21 3.75 -11.66 4.94
N GLU A 22 3.87 -12.74 4.14
CA GLU A 22 2.98 -13.02 2.97
C GLU A 22 1.48 -13.07 3.35
N LEU A 23 1.19 -13.52 4.60
CA LEU A 23 -0.19 -13.67 5.12
C LEU A 23 -0.87 -12.29 5.28
N MET A 24 -0.02 -11.26 5.40
CA MET A 24 -0.41 -9.86 5.58
C MET A 24 0.06 -9.04 4.36
N GLY A 25 0.05 -7.70 4.48
CA GLY A 25 0.37 -6.81 3.35
C GLY A 25 -0.85 -6.56 2.49
N ARG A 26 -1.38 -7.67 1.92
CA ARG A 26 -2.68 -7.71 1.21
C ARG A 26 -3.80 -7.13 2.08
N ALA A 27 -3.74 -7.41 3.40
CA ALA A 27 -4.71 -6.91 4.38
C ALA A 27 -4.76 -5.36 4.39
N LEU A 28 -3.57 -4.72 4.56
CA LEU A 28 -3.46 -3.23 4.52
C LEU A 28 -3.77 -2.68 3.11
N TYR A 29 -3.42 -3.45 2.07
CA TYR A 29 -3.65 -3.06 0.66
C TYR A 29 -5.16 -2.90 0.40
N ASN A 30 -5.94 -3.86 0.93
CA ASN A 30 -7.41 -3.87 0.82
C ASN A 30 -8.03 -2.70 1.61
N ILE A 31 -7.42 -2.35 2.77
CA ILE A 31 -7.83 -1.18 3.59
C ILE A 31 -7.60 0.11 2.80
N GLY A 32 -6.47 0.15 2.06
CA GLY A 32 -6.13 1.26 1.20
C GLY A 32 -7.12 1.45 0.06
N LEU A 33 -7.57 0.31 -0.51
CA LEU A 33 -8.59 0.29 -1.58
C LEU A 33 -9.94 0.86 -1.07
N GLU A 34 -10.32 0.46 0.16
CA GLU A 34 -11.55 0.91 0.83
C GLU A 34 -11.54 2.44 1.05
N LYS A 35 -10.37 2.96 1.48
CA LYS A 35 -10.12 4.39 1.71
C LYS A 35 -10.17 5.17 0.38
N ASN A 36 -9.50 4.62 -0.65
CA ASN A 36 -9.40 5.26 -1.99
C ASN A 36 -10.80 5.41 -2.61
N LYS A 37 -11.64 4.39 -2.39
CA LYS A 37 -13.06 4.35 -2.84
C LYS A 37 -13.85 5.50 -2.17
N MET A 38 -13.60 5.71 -0.87
CA MET A 38 -14.29 6.74 -0.06
C MET A 38 -13.62 8.13 -0.18
N GLY A 39 -12.72 8.29 -1.17
CA GLY A 39 -12.07 9.58 -1.47
C GLY A 39 -10.88 9.88 -0.56
N LYS A 40 -10.67 9.05 0.47
CA LYS A 40 -9.57 9.18 1.45
C LYS A 40 -8.26 8.64 0.81
N ALA A 41 -7.75 9.37 -0.19
CA ALA A 41 -6.61 8.94 -1.01
C ALA A 41 -5.27 9.22 -0.33
N ARG A 42 -5.27 10.11 0.69
CA ARG A 42 -4.10 10.31 1.57
C ARG A 42 -3.86 9.01 2.37
N GLU A 43 -4.93 8.56 3.06
CA GLU A 43 -4.92 7.31 3.84
C GLU A 43 -4.68 6.11 2.91
N ALA A 44 -5.30 6.15 1.71
CA ALA A 44 -5.20 5.07 0.71
C ALA A 44 -3.74 4.78 0.36
N ALA A 45 -3.04 5.85 -0.09
CA ALA A 45 -1.62 5.81 -0.47
C ALA A 45 -0.74 5.36 0.71
N GLU A 46 -1.16 5.75 1.94
CA GLU A 46 -0.47 5.42 3.20
C GLU A 46 -0.45 3.89 3.41
N TYR A 47 -1.63 3.24 3.28
CA TYR A 47 -1.76 1.78 3.44
C TYR A 47 -1.14 1.01 2.28
N PHE A 48 -1.21 1.60 1.06
CA PHE A 48 -0.59 1.04 -0.16
C PHE A 48 0.93 1.00 0.00
N PHE A 49 1.48 1.98 0.75
CA PHE A 49 2.90 2.08 1.03
C PHE A 49 3.36 0.97 1.98
N ARG A 50 2.62 0.82 3.08
CA ARG A 50 2.89 -0.21 4.11
C ARG A 50 2.79 -1.62 3.50
N ALA A 51 1.77 -1.78 2.62
CA ALA A 51 1.53 -3.01 1.87
C ALA A 51 2.67 -3.29 0.88
N ALA A 52 3.13 -2.21 0.20
CA ALA A 52 4.20 -2.30 -0.82
C ALA A 52 5.52 -2.79 -0.21
N ILE A 53 5.80 -2.32 1.02
CA ILE A 53 6.96 -2.76 1.83
C ILE A 53 6.90 -4.29 2.05
N VAL A 54 5.69 -4.81 2.33
CA VAL A 54 5.46 -6.24 2.62
C VAL A 54 5.61 -7.08 1.34
N PHE A 55 5.05 -6.60 0.22
CA PHE A 55 5.16 -7.30 -1.08
C PHE A 55 6.62 -7.30 -1.59
N TYR A 56 7.38 -6.28 -1.17
CA TYR A 56 8.81 -6.12 -1.48
C TYR A 56 9.68 -7.10 -0.67
N LYS A 57 9.44 -7.18 0.66
CA LYS A 57 10.19 -8.11 1.55
C LYS A 57 9.84 -9.59 1.26
N GLU A 58 8.63 -9.83 0.72
CA GLU A 58 8.19 -11.15 0.24
C GLU A 58 8.65 -11.39 -1.20
N HIS A 59 9.12 -10.31 -1.85
CA HIS A 59 9.66 -10.32 -3.22
C HIS A 59 8.58 -10.69 -4.25
N ASP A 60 7.31 -10.53 -3.87
CA ASP A 60 6.15 -10.80 -4.72
C ASP A 60 5.94 -9.59 -5.64
N THR A 61 6.55 -9.66 -6.85
CA THR A 61 6.54 -8.58 -7.85
C THR A 61 5.12 -8.20 -8.29
N ASP A 62 4.23 -9.20 -8.40
CA ASP A 62 2.83 -8.98 -8.83
C ASP A 62 2.11 -8.02 -7.87
N GLY A 63 2.22 -8.34 -6.57
CA GLY A 63 1.59 -7.55 -5.51
C GLY A 63 2.28 -6.21 -5.30
N LEU A 64 3.60 -6.17 -5.51
CA LEU A 64 4.42 -4.95 -5.36
C LEU A 64 4.13 -3.96 -6.50
N ARG A 65 3.90 -4.52 -7.70
CA ARG A 65 3.54 -3.75 -8.92
C ARG A 65 2.10 -3.25 -8.81
N ARG A 66 1.27 -4.07 -8.16
CA ARG A 66 -0.16 -3.80 -7.90
C ARG A 66 -0.32 -2.70 -6.85
N ALA A 67 0.54 -2.76 -5.81
CA ALA A 67 0.56 -1.79 -4.70
C ALA A 67 1.21 -0.47 -5.15
N ALA A 68 2.25 -0.58 -6.01
CA ALA A 68 2.94 0.58 -6.60
C ALA A 68 1.98 1.36 -7.50
N LYS A 69 1.24 0.60 -8.33
CA LYS A 69 0.23 1.10 -9.27
C LYS A 69 -0.83 1.94 -8.53
N SER A 70 -1.38 1.35 -7.47
CA SER A 70 -2.46 1.94 -6.69
C SER A 70 -1.94 3.11 -5.81
N LEU A 71 -0.67 3.01 -5.35
CA LEU A 71 -0.03 4.04 -4.48
C LEU A 71 0.09 5.35 -5.28
N LYS A 72 0.74 5.24 -6.45
CA LYS A 72 1.08 6.41 -7.28
C LYS A 72 -0.16 7.06 -7.91
N GLU A 73 -1.15 6.22 -8.25
CA GLU A 73 -2.43 6.67 -8.83
C GLU A 73 -3.48 6.99 -7.74
N ALA A 74 -3.07 6.88 -6.46
CA ALA A 74 -3.85 7.43 -5.33
C ALA A 74 -3.61 8.94 -5.23
N ILE A 75 -2.41 9.41 -5.68
CA ILE A 75 -2.05 10.85 -5.69
C ILE A 75 -2.99 11.65 -6.60
N THR A 76 -3.36 11.07 -7.76
CA THR A 76 -4.30 11.69 -8.71
C THR A 76 -5.74 11.77 -8.11
N ALA A 77 -5.97 11.02 -7.02
CA ALA A 77 -7.25 11.02 -6.27
C ALA A 77 -7.19 11.91 -5.00
N ILE A 78 -5.96 12.32 -4.58
CA ILE A 78 -5.74 13.14 -3.36
C ILE A 78 -6.25 14.59 -3.58
N PRO A 79 -6.93 15.22 -2.55
CA PRO A 79 -7.25 16.68 -2.53
C PRO A 79 -6.03 17.60 -2.79
N GLU A 80 -6.28 18.83 -3.29
CA GLU A 80 -5.19 19.80 -3.61
C GLU A 80 -4.79 20.67 -2.39
N GLU A 81 -5.30 20.34 -1.18
CA GLU A 81 -4.90 20.98 0.09
C GLU A 81 -3.96 20.04 0.87
N GLU A 82 -4.51 18.94 1.39
CA GLU A 82 -3.77 18.02 2.30
C GLU A 82 -3.05 16.91 1.50
N GLY A 83 -1.86 16.50 2.00
CA GLY A 83 -1.10 15.38 1.43
C GLY A 83 -0.34 15.77 0.17
N ARG A 84 -0.86 15.29 -0.98
CA ARG A 84 -0.31 15.55 -2.33
C ARG A 84 1.17 15.07 -2.44
N LYS A 85 2.10 15.97 -2.04
CA LYS A 85 3.56 15.74 -2.11
C LYS A 85 4.00 14.66 -1.13
N GLU A 86 3.42 14.71 0.08
CA GLU A 86 3.73 13.80 1.19
C GLU A 86 3.61 12.32 0.75
N ALA A 87 2.44 12.00 0.16
CA ALA A 87 2.15 10.65 -0.34
C ALA A 87 2.86 10.35 -1.68
N LYS A 88 3.17 11.43 -2.44
CA LYS A 88 3.82 11.33 -3.77
C LYS A 88 5.23 10.72 -3.64
N GLU A 89 5.91 11.09 -2.55
CA GLU A 89 7.27 10.62 -2.22
C GLU A 89 7.26 9.11 -1.87
N MET A 90 6.16 8.64 -1.26
CA MET A 90 5.98 7.21 -0.93
C MET A 90 5.78 6.39 -2.22
N ALA A 91 5.10 7.00 -3.20
CA ALA A 91 4.87 6.42 -4.54
C ALA A 91 6.19 6.11 -5.23
N LYS A 92 7.18 7.02 -5.06
CA LYS A 92 8.55 6.87 -5.60
C LYS A 92 9.17 5.56 -5.12
N LYS A 93 9.05 5.30 -3.79
CA LYS A 93 9.62 4.12 -3.14
C LYS A 93 9.13 2.81 -3.80
N ALA A 94 7.80 2.70 -3.94
CA ALA A 94 7.15 1.49 -4.48
C ALA A 94 7.57 1.18 -5.93
N GLU A 95 7.78 2.25 -6.72
CA GLU A 95 8.25 2.15 -8.12
C GLU A 95 9.74 1.76 -8.18
N GLU A 96 10.53 2.29 -7.21
CA GLU A 96 11.98 2.00 -7.10
C GLU A 96 12.21 0.54 -6.67
N TRP A 97 11.29 0.02 -5.83
CA TRP A 97 11.32 -1.36 -5.36
C TRP A 97 10.95 -2.32 -6.51
N LEU A 98 9.98 -1.90 -7.34
CA LEU A 98 9.52 -2.66 -8.51
C LEU A 98 10.66 -2.79 -9.55
N GLN A 99 11.42 -1.69 -9.73
CA GLN A 99 12.63 -1.69 -10.58
C GLN A 99 13.72 -2.60 -9.98
N ALA A 100 13.90 -2.49 -8.65
CA ALA A 100 14.94 -3.24 -7.90
C ALA A 100 14.69 -4.76 -7.96
N GLU A 101 13.42 -5.16 -7.99
CA GLU A 101 13.01 -6.57 -7.99
C GLU A 101 13.17 -7.21 -9.39
N GLN A 102 12.62 -6.53 -10.41
CA GLN A 102 12.53 -7.08 -11.79
C GLN A 102 13.82 -6.87 -12.61
N ASN A 103 13.85 -7.48 -13.82
CA ASN A 103 15.00 -7.42 -14.74
C ASN A 103 15.07 -6.04 -15.42
N ASN A 104 16.26 -5.44 -15.45
CA ASN A 104 16.51 -4.11 -16.03
C ASN A 104 17.52 -4.24 -17.19
N ALA A 1 -19.27 3.60 10.36
CA ALA A 1 -18.19 4.24 9.57
C ALA A 1 -16.93 3.38 9.62
N ASP A 2 -16.29 3.16 8.44
CA ASP A 2 -15.02 2.39 8.31
C ASP A 2 -15.26 0.90 8.69
N GLU A 3 -16.48 0.40 8.41
CA GLU A 3 -16.98 -0.89 8.91
C GLU A 3 -16.18 -2.10 8.33
N ASN A 4 -16.22 -2.27 6.99
CA ASN A 4 -15.52 -3.37 6.28
C ASN A 4 -13.99 -3.27 6.50
N ILE A 5 -13.52 -2.03 6.55
CA ILE A 5 -12.10 -1.70 6.68
C ILE A 5 -11.54 -2.12 8.04
N ALA A 6 -12.29 -1.77 9.10
CA ALA A 6 -11.94 -2.10 10.49
C ALA A 6 -11.88 -3.62 10.69
N LYS A 7 -12.66 -4.36 9.86
CA LYS A 7 -12.60 -5.83 9.83
C LYS A 7 -11.24 -6.31 9.27
N PHE A 8 -10.84 -5.79 8.08
CA PHE A 8 -9.55 -6.16 7.43
C PHE A 8 -8.34 -5.75 8.29
N GLU A 9 -8.49 -4.61 8.99
CA GLU A 9 -7.46 -3.99 9.84
C GLU A 9 -7.25 -4.87 11.09
N LYS A 10 -8.35 -5.19 11.76
CA LYS A 10 -8.37 -6.03 12.98
C LYS A 10 -8.02 -7.50 12.64
N ALA A 11 -8.31 -7.92 11.39
CA ALA A 11 -8.02 -9.28 10.90
C ALA A 11 -6.53 -9.47 10.62
N TYR A 12 -5.83 -8.36 10.28
CA TYR A 12 -4.36 -8.37 10.10
C TYR A 12 -3.72 -8.89 11.39
N LYS A 13 -2.99 -10.02 11.28
CA LYS A 13 -2.41 -10.71 12.44
C LYS A 13 -1.08 -10.03 12.84
N LYS A 14 0.02 -10.46 12.20
CA LYS A 14 1.38 -9.96 12.45
C LYS A 14 2.34 -10.66 11.48
N ALA A 15 3.21 -9.88 10.82
CA ALA A 15 4.04 -10.37 9.69
C ALA A 15 5.54 -10.33 10.03
N GLU A 16 5.95 -9.28 10.78
CA GLU A 16 7.38 -8.98 11.05
C GLU A 16 7.97 -9.96 12.07
N GLU A 17 7.12 -10.54 12.92
CA GLU A 17 7.56 -11.49 13.96
C GLU A 17 7.54 -12.93 13.41
N LEU A 18 6.84 -13.15 12.28
CA LEU A 18 6.70 -14.46 11.64
C LEU A 18 7.66 -14.59 10.45
N ASN A 19 7.94 -15.84 10.07
CA ASN A 19 8.68 -16.18 8.85
C ASN A 19 7.79 -15.87 7.61
N GLN A 20 6.47 -15.81 7.83
CA GLN A 20 5.45 -15.55 6.80
C GLN A 20 5.03 -14.07 6.84
N GLY A 21 5.51 -13.28 5.87
CA GLY A 21 4.97 -11.94 5.61
C GLY A 21 4.00 -11.95 4.44
N GLU A 22 4.20 -12.95 3.55
CA GLU A 22 3.41 -13.17 2.30
C GLU A 22 1.88 -13.17 2.51
N LEU A 23 1.44 -13.65 3.68
CA LEU A 23 0.01 -13.75 4.03
C LEU A 23 -0.58 -12.36 4.31
N MET A 24 0.12 -11.61 5.16
CA MET A 24 -0.25 -10.24 5.55
C MET A 24 0.34 -9.22 4.55
N GLY A 25 0.03 -7.92 4.74
CA GLY A 25 0.38 -6.87 3.78
C GLY A 25 -0.63 -6.82 2.63
N ARG A 26 -1.00 -8.00 2.13
CA ARG A 26 -2.09 -8.22 1.18
C ARG A 26 -3.41 -7.67 1.76
N ALA A 27 -3.60 -7.87 3.08
CA ALA A 27 -4.73 -7.33 3.84
C ALA A 27 -4.67 -5.78 3.87
N LEU A 28 -3.45 -5.23 4.11
CA LEU A 28 -3.21 -3.75 4.10
C LEU A 28 -3.60 -3.14 2.75
N TYR A 29 -3.27 -3.85 1.66
CA TYR A 29 -3.54 -3.40 0.30
C TYR A 29 -5.07 -3.26 0.06
N ASN A 30 -5.84 -4.24 0.57
CA ASN A 30 -7.32 -4.23 0.48
C ASN A 30 -7.91 -3.04 1.26
N ILE A 31 -7.32 -2.76 2.45
CA ILE A 31 -7.70 -1.62 3.30
C ILE A 31 -7.52 -0.31 2.52
N GLY A 32 -6.38 -0.21 1.80
CA GLY A 32 -6.04 0.94 1.00
C GLY A 32 -7.03 1.22 -0.11
N LEU A 33 -7.42 0.16 -0.85
CA LEU A 33 -8.41 0.23 -1.94
C LEU A 33 -9.76 0.77 -1.41
N GLU A 34 -10.10 0.33 -0.17
CA GLU A 34 -11.34 0.73 0.53
C GLU A 34 -11.29 2.18 1.05
N LYS A 35 -10.08 2.65 1.44
CA LYS A 35 -9.86 4.05 1.89
C LYS A 35 -10.01 5.02 0.71
N ASN A 36 -9.37 4.64 -0.42
CA ASN A 36 -9.41 5.39 -1.70
C ASN A 36 -10.86 5.45 -2.21
N LYS A 37 -11.60 4.36 -1.96
CA LYS A 37 -13.02 4.19 -2.34
C LYS A 37 -13.92 5.23 -1.64
N MET A 38 -13.60 5.55 -0.37
CA MET A 38 -14.35 6.56 0.43
C MET A 38 -13.91 8.00 0.10
N GLY A 39 -12.72 8.13 -0.50
CA GLY A 39 -12.17 9.43 -0.86
C GLY A 39 -10.87 9.73 -0.12
N LYS A 40 -10.68 9.11 1.07
CA LYS A 40 -9.46 9.30 1.88
C LYS A 40 -8.30 8.49 1.29
N ALA A 41 -7.77 9.01 0.17
CA ALA A 41 -6.74 8.35 -0.62
C ALA A 41 -5.34 8.61 -0.04
N ARG A 42 -5.25 9.48 0.99
CA ARG A 42 -3.99 9.71 1.73
C ARG A 42 -3.67 8.51 2.64
N GLU A 43 -4.70 8.04 3.39
CA GLU A 43 -4.60 6.79 4.17
C GLU A 43 -4.31 5.62 3.22
N ALA A 44 -5.06 5.60 2.09
CA ALA A 44 -4.91 4.59 1.04
C ALA A 44 -3.48 4.48 0.54
N ALA A 45 -2.88 5.64 0.26
CA ALA A 45 -1.50 5.75 -0.24
C ALA A 45 -0.49 5.11 0.73
N GLU A 46 -0.74 5.29 2.05
CA GLU A 46 0.06 4.66 3.12
C GLU A 46 -0.07 3.14 3.07
N TYR A 47 -1.32 2.64 3.03
CA TYR A 47 -1.61 1.19 3.05
C TYR A 47 -1.06 0.48 1.81
N PHE A 48 -1.02 1.20 0.68
CA PHE A 48 -0.42 0.69 -0.57
C PHE A 48 1.10 0.60 -0.42
N PHE A 49 1.69 1.64 0.19
CA PHE A 49 3.13 1.76 0.38
C PHE A 49 3.66 0.69 1.35
N ARG A 50 2.96 0.53 2.48
CA ARG A 50 3.35 -0.38 3.56
C ARG A 50 3.10 -1.83 3.15
N ALA A 51 2.06 -2.05 2.32
CA ALA A 51 1.82 -3.35 1.65
C ALA A 51 3.00 -3.66 0.73
N ALA A 52 3.40 -2.66 -0.07
CA ALA A 52 4.52 -2.77 -1.03
C ALA A 52 5.84 -3.10 -0.33
N ILE A 53 6.01 -2.58 0.92
CA ILE A 53 7.17 -2.88 1.77
C ILE A 53 7.16 -4.36 2.20
N VAL A 54 6.01 -4.86 2.70
CA VAL A 54 5.84 -6.27 3.14
C VAL A 54 6.10 -7.24 1.96
N PHE A 55 5.57 -6.88 0.78
CA PHE A 55 5.74 -7.66 -0.47
C PHE A 55 7.19 -7.63 -0.96
N TYR A 56 7.85 -6.47 -0.79
CA TYR A 56 9.25 -6.28 -1.21
C TYR A 56 10.21 -7.16 -0.36
N LYS A 57 9.94 -7.23 0.95
CA LYS A 57 10.60 -8.17 1.89
C LYS A 57 10.48 -9.62 1.40
N GLU A 58 9.28 -9.99 0.94
CA GLU A 58 8.99 -11.33 0.41
C GLU A 58 9.45 -11.46 -1.05
N HIS A 59 9.84 -10.30 -1.64
CA HIS A 59 10.30 -10.17 -3.04
C HIS A 59 9.22 -10.59 -4.04
N ASP A 60 7.96 -10.50 -3.58
CA ASP A 60 6.77 -10.81 -4.35
C ASP A 60 6.45 -9.60 -5.26
N THR A 61 6.99 -9.66 -6.48
CA THR A 61 6.92 -8.57 -7.45
C THR A 61 5.48 -8.24 -7.88
N ASP A 62 4.59 -9.23 -7.82
CA ASP A 62 3.18 -9.07 -8.24
C ASP A 62 2.43 -8.15 -7.28
N GLY A 63 2.62 -8.38 -5.98
CA GLY A 63 1.99 -7.56 -4.93
C GLY A 63 2.59 -6.17 -4.85
N LEU A 64 3.92 -6.10 -5.01
CA LEU A 64 4.69 -4.83 -5.07
C LEU A 64 4.20 -3.96 -6.27
N ARG A 65 3.99 -4.64 -7.40
CA ARG A 65 3.49 -4.06 -8.67
C ARG A 65 2.05 -3.56 -8.52
N ARG A 66 1.23 -4.39 -7.86
CA ARG A 66 -0.21 -4.12 -7.62
C ARG A 66 -0.38 -2.88 -6.72
N ALA A 67 0.46 -2.81 -5.67
CA ALA A 67 0.45 -1.75 -4.66
C ALA A 67 0.96 -0.42 -5.25
N ALA A 68 2.03 -0.50 -6.07
CA ALA A 68 2.65 0.67 -6.73
C ALA A 68 1.69 1.29 -7.77
N LYS A 69 0.99 0.40 -8.51
CA LYS A 69 0.01 0.76 -9.56
C LYS A 69 -1.14 1.60 -8.95
N SER A 70 -1.67 1.12 -7.82
CA SER A 70 -2.76 1.78 -7.08
C SER A 70 -2.27 3.02 -6.30
N LEU A 71 -0.98 3.00 -5.85
CA LEU A 71 -0.38 4.07 -5.02
C LEU A 71 -0.44 5.41 -5.75
N LYS A 72 0.06 5.42 -6.99
CA LYS A 72 0.14 6.62 -7.83
C LYS A 72 -1.26 7.20 -8.14
N GLU A 73 -2.25 6.31 -8.33
CA GLU A 73 -3.65 6.68 -8.66
C GLU A 73 -4.40 7.18 -7.42
N ALA A 74 -3.92 6.77 -6.23
CA ALA A 74 -4.43 7.27 -4.94
C ALA A 74 -4.01 8.74 -4.75
N ILE A 75 -2.77 9.07 -5.17
CA ILE A 75 -2.18 10.41 -4.99
C ILE A 75 -2.93 11.49 -5.78
N THR A 76 -3.31 11.14 -7.02
CA THR A 76 -4.12 12.01 -7.89
C THR A 76 -5.57 12.11 -7.38
N ALA A 77 -5.95 11.19 -6.48
CA ALA A 77 -7.28 11.17 -5.83
C ALA A 77 -7.26 11.80 -4.41
N ILE A 78 -6.05 12.08 -3.86
CA ILE A 78 -5.89 12.64 -2.49
C ILE A 78 -6.54 14.04 -2.39
N PRO A 79 -7.57 14.23 -1.51
CA PRO A 79 -8.09 15.56 -1.17
C PRO A 79 -7.21 16.23 -0.10
N GLU A 80 -7.39 17.54 0.08
CA GLU A 80 -6.65 18.35 1.08
C GLU A 80 -5.14 18.37 0.77
N GLU A 81 -4.68 19.47 0.17
CA GLU A 81 -3.26 19.68 -0.20
C GLU A 81 -2.36 19.86 1.03
N GLU A 82 -2.99 19.94 2.22
CA GLU A 82 -2.33 19.80 3.54
C GLU A 82 -1.48 18.51 3.55
N GLY A 83 -2.03 17.44 2.95
CA GLY A 83 -1.30 16.21 2.69
C GLY A 83 -0.64 16.23 1.31
N ARG A 84 -1.24 15.50 0.35
CA ARG A 84 -0.79 15.36 -1.07
C ARG A 84 0.67 14.84 -1.19
N LYS A 85 1.66 15.78 -1.06
CA LYS A 85 3.07 15.52 -1.39
C LYS A 85 3.72 14.46 -0.47
N GLU A 86 3.33 14.45 0.81
CA GLU A 86 3.85 13.46 1.81
C GLU A 86 3.69 12.01 1.29
N ALA A 87 2.50 11.73 0.75
CA ALA A 87 2.14 10.43 0.19
C ALA A 87 2.72 10.22 -1.21
N LYS A 88 2.95 11.34 -1.93
CA LYS A 88 3.47 11.35 -3.30
C LYS A 88 4.89 10.74 -3.31
N GLU A 89 5.74 11.21 -2.38
CA GLU A 89 7.16 10.80 -2.25
C GLU A 89 7.32 9.28 -2.08
N MET A 90 6.31 8.65 -1.48
CA MET A 90 6.28 7.20 -1.19
C MET A 90 6.13 6.37 -2.49
N ALA A 91 5.33 6.88 -3.46
CA ALA A 91 5.12 6.20 -4.75
C ALA A 91 6.43 6.08 -5.54
N LYS A 92 7.35 7.04 -5.32
CA LYS A 92 8.70 6.98 -5.89
C LYS A 92 9.38 5.70 -5.45
N LYS A 93 9.32 5.41 -4.13
CA LYS A 93 9.97 4.24 -3.53
C LYS A 93 9.41 2.93 -4.09
N ALA A 94 8.07 2.82 -4.11
CA ALA A 94 7.35 1.63 -4.65
C ALA A 94 7.70 1.40 -6.14
N GLU A 95 7.93 2.51 -6.86
CA GLU A 95 8.31 2.50 -8.28
C GLU A 95 9.80 2.06 -8.43
N GLU A 96 10.67 2.57 -7.53
CA GLU A 96 12.12 2.27 -7.54
C GLU A 96 12.37 0.80 -7.21
N TRP A 97 11.54 0.25 -6.31
CA TRP A 97 11.59 -1.16 -5.92
C TRP A 97 11.18 -2.04 -7.10
N LEU A 98 10.17 -1.58 -7.86
CA LEU A 98 9.70 -2.27 -9.07
C LEU A 98 10.83 -2.31 -10.13
N GLN A 99 11.53 -1.16 -10.29
CA GLN A 99 12.69 -1.05 -11.23
C GLN A 99 13.86 -1.95 -10.79
N ALA A 100 14.08 -2.05 -9.46
CA ALA A 100 15.19 -2.81 -8.87
C ALA A 100 14.96 -4.33 -9.04
N GLU A 101 13.72 -4.75 -8.74
CA GLU A 101 13.29 -6.16 -8.82
C GLU A 101 13.23 -6.61 -10.29
N GLN A 102 12.88 -5.68 -11.20
CA GLN A 102 12.91 -5.93 -12.66
C GLN A 102 14.35 -5.66 -13.20
N ASN A 103 15.30 -6.50 -12.75
CA ASN A 103 16.72 -6.43 -13.16
C ASN A 103 16.98 -7.44 -14.28
N ASN A 104 17.29 -6.94 -15.48
CA ASN A 104 17.61 -7.79 -16.65
C ASN A 104 19.10 -8.17 -16.64
N ALA A 1 -19.61 5.80 6.97
CA ALA A 1 -18.74 5.64 5.79
C ALA A 1 -17.86 4.38 5.93
N ASP A 2 -17.07 4.33 7.01
CA ASP A 2 -16.22 3.17 7.35
C ASP A 2 -17.03 2.09 8.08
N GLU A 3 -16.75 0.81 7.79
CA GLU A 3 -17.44 -0.35 8.39
C GLU A 3 -16.54 -1.59 8.33
N ASN A 4 -16.27 -2.06 7.09
CA ASN A 4 -15.44 -3.26 6.82
C ASN A 4 -13.98 -3.04 7.25
N ILE A 5 -13.59 -1.75 7.29
CA ILE A 5 -12.23 -1.32 7.67
C ILE A 5 -11.87 -1.79 9.09
N ALA A 6 -12.83 -1.66 10.03
CA ALA A 6 -12.68 -2.10 11.43
C ALA A 6 -12.38 -3.60 11.51
N LYS A 7 -13.03 -4.37 10.63
CA LYS A 7 -12.82 -5.82 10.52
C LYS A 7 -11.37 -6.13 10.12
N PHE A 8 -10.92 -5.50 9.01
CA PHE A 8 -9.61 -5.77 8.40
C PHE A 8 -8.42 -5.36 9.31
N GLU A 9 -8.56 -4.21 10.00
CA GLU A 9 -7.51 -3.68 10.90
C GLU A 9 -7.38 -4.50 12.20
N LYS A 10 -8.41 -5.32 12.50
CA LYS A 10 -8.39 -6.24 13.65
C LYS A 10 -8.16 -7.70 13.19
N ALA A 11 -8.38 -7.95 11.89
CA ALA A 11 -8.13 -9.27 11.26
C ALA A 11 -6.67 -9.41 10.85
N TYR A 12 -6.01 -8.25 10.64
CA TYR A 12 -4.61 -8.19 10.21
C TYR A 12 -3.82 -7.26 11.15
N LYS A 13 -2.52 -7.56 11.29
CA LYS A 13 -1.56 -6.83 12.14
C LYS A 13 -0.41 -6.36 11.25
N LYS A 14 0.74 -6.03 11.83
CA LYS A 14 1.92 -5.63 11.06
C LYS A 14 2.74 -6.88 10.67
N ALA A 15 3.24 -6.88 9.44
CA ALA A 15 3.95 -8.05 8.86
C ALA A 15 5.44 -8.13 9.26
N GLU A 16 5.90 -7.16 10.09
CA GLU A 16 7.28 -7.13 10.61
C GLU A 16 7.50 -8.18 11.71
N GLU A 17 6.38 -8.62 12.35
CA GLU A 17 6.40 -9.53 13.52
C GLU A 17 7.10 -10.85 13.17
N LEU A 18 6.62 -11.47 12.08
CA LEU A 18 7.12 -12.74 11.58
C LEU A 18 7.62 -12.54 10.14
N ASN A 19 8.86 -13.00 9.86
CA ASN A 19 9.49 -12.91 8.54
C ASN A 19 8.85 -13.95 7.58
N GLN A 20 7.72 -13.56 6.96
CA GLN A 20 6.87 -14.44 6.12
C GLN A 20 5.84 -13.59 5.35
N GLY A 21 6.32 -12.50 4.73
CA GLY A 21 5.47 -11.53 4.04
C GLY A 21 4.64 -12.10 2.88
N GLU A 22 5.05 -13.29 2.39
CA GLU A 22 4.32 -14.07 1.37
C GLU A 22 2.86 -14.37 1.78
N LEU A 23 2.67 -14.63 3.07
CA LEU A 23 1.38 -15.08 3.61
C LEU A 23 0.44 -13.90 3.93
N MET A 24 0.95 -12.65 3.83
CA MET A 24 0.23 -11.45 4.29
C MET A 24 0.51 -10.22 3.40
N GLY A 25 0.19 -9.00 3.92
CA GLY A 25 0.43 -7.73 3.20
C GLY A 25 -0.77 -7.28 2.41
N ARG A 26 -1.36 -8.25 1.67
CA ARG A 26 -2.50 -8.04 0.76
C ARG A 26 -3.74 -7.50 1.53
N ALA A 27 -3.82 -7.81 2.84
CA ALA A 27 -4.93 -7.37 3.70
C ALA A 27 -4.93 -5.85 3.91
N LEU A 28 -3.72 -5.25 4.02
CA LEU A 28 -3.57 -3.77 4.07
C LEU A 28 -4.12 -3.14 2.78
N TYR A 29 -3.74 -3.74 1.64
CA TYR A 29 -4.18 -3.31 0.29
C TYR A 29 -5.73 -3.23 0.22
N ASN A 30 -6.42 -4.19 0.88
CA ASN A 30 -7.89 -4.23 0.99
C ASN A 30 -8.43 -3.02 1.79
N ILE A 31 -7.74 -2.68 2.89
CA ILE A 31 -8.09 -1.52 3.76
C ILE A 31 -7.92 -0.20 2.98
N GLY A 32 -6.91 -0.20 2.07
CA GLY A 32 -6.65 0.92 1.16
C GLY A 32 -7.82 1.17 0.23
N LEU A 33 -8.33 0.09 -0.38
CA LEU A 33 -9.51 0.12 -1.28
C LEU A 33 -10.76 0.67 -0.55
N GLU A 34 -10.89 0.32 0.75
CA GLU A 34 -12.02 0.73 1.60
C GLU A 34 -11.99 2.25 1.91
N LYS A 35 -10.80 2.76 2.27
CA LYS A 35 -10.62 4.19 2.60
C LYS A 35 -10.68 5.08 1.33
N ASN A 36 -10.31 4.50 0.19
CA ASN A 36 -10.33 5.18 -1.12
C ASN A 36 -11.78 5.52 -1.55
N LYS A 37 -12.75 4.69 -1.08
CA LYS A 37 -14.20 4.90 -1.32
C LYS A 37 -14.69 6.20 -0.63
N MET A 38 -14.09 6.53 0.53
CA MET A 38 -14.39 7.76 1.28
C MET A 38 -13.64 8.98 0.71
N GLY A 39 -12.88 8.76 -0.38
CA GLY A 39 -12.05 9.79 -1.01
C GLY A 39 -10.71 9.98 -0.31
N LYS A 40 -10.45 9.13 0.71
CA LYS A 40 -9.19 9.16 1.47
C LYS A 40 -8.12 8.36 0.74
N ALA A 41 -7.63 8.96 -0.37
CA ALA A 41 -6.64 8.36 -1.26
C ALA A 41 -5.24 8.38 -0.63
N ARG A 42 -5.01 9.31 0.31
CA ARG A 42 -3.74 9.42 1.05
C ARG A 42 -3.64 8.26 2.03
N GLU A 43 -4.72 8.09 2.80
CA GLU A 43 -4.85 7.03 3.79
C GLU A 43 -4.84 5.66 3.08
N ALA A 44 -5.42 5.62 1.85
CA ALA A 44 -5.37 4.44 0.96
C ALA A 44 -3.94 4.15 0.51
N ALA A 45 -3.22 5.23 0.15
CA ALA A 45 -1.83 5.18 -0.33
C ALA A 45 -0.88 4.66 0.74
N GLU A 46 -1.22 4.94 2.02
CA GLU A 46 -0.51 4.39 3.18
C GLU A 46 -0.50 2.86 3.14
N TYR A 47 -1.67 2.28 2.89
CA TYR A 47 -1.88 0.83 2.87
C TYR A 47 -1.28 0.18 1.62
N PHE A 48 -1.31 0.90 0.49
CA PHE A 48 -0.69 0.43 -0.77
C PHE A 48 0.84 0.43 -0.65
N PHE A 49 1.36 1.39 0.14
CA PHE A 49 2.81 1.53 0.39
C PHE A 49 3.31 0.47 1.37
N ARG A 50 2.61 0.35 2.50
CA ARG A 50 3.00 -0.54 3.59
C ARG A 50 2.80 -2.01 3.20
N ALA A 51 1.81 -2.26 2.31
CA ALA A 51 1.65 -3.57 1.64
C ALA A 51 2.81 -3.78 0.65
N ALA A 52 3.18 -2.71 -0.10
CA ALA A 52 4.31 -2.74 -1.08
C ALA A 52 5.65 -3.05 -0.39
N ILE A 53 5.78 -2.61 0.88
CA ILE A 53 6.94 -2.95 1.74
C ILE A 53 6.97 -4.48 1.98
N VAL A 54 5.80 -5.05 2.37
CA VAL A 54 5.67 -6.50 2.66
C VAL A 54 6.02 -7.34 1.42
N PHE A 55 5.52 -6.89 0.24
CA PHE A 55 5.75 -7.54 -1.05
C PHE A 55 7.23 -7.44 -1.47
N TYR A 56 7.82 -6.25 -1.24
CA TYR A 56 9.22 -5.95 -1.62
C TYR A 56 10.22 -6.79 -0.79
N LYS A 57 10.00 -6.84 0.53
CA LYS A 57 10.77 -7.69 1.46
C LYS A 57 10.73 -9.16 1.02
N GLU A 58 9.57 -9.58 0.50
CA GLU A 58 9.35 -10.97 0.06
C GLU A 58 9.77 -11.16 -1.41
N HIS A 59 10.05 -10.04 -2.10
CA HIS A 59 10.54 -9.98 -3.49
C HIS A 59 9.48 -10.41 -4.53
N ASP A 60 8.23 -10.03 -4.27
CA ASP A 60 7.13 -10.12 -5.23
C ASP A 60 7.20 -8.95 -6.20
N THR A 61 7.67 -9.18 -7.43
CA THR A 61 7.66 -8.16 -8.49
C THR A 61 6.23 -7.73 -8.85
N ASP A 62 5.35 -8.73 -9.06
CA ASP A 62 3.94 -8.51 -9.44
C ASP A 62 3.13 -7.89 -8.29
N GLY A 63 3.44 -8.32 -7.04
CA GLY A 63 2.80 -7.76 -5.84
C GLY A 63 3.18 -6.30 -5.62
N LEU A 64 4.49 -6.03 -5.66
CA LEU A 64 5.06 -4.67 -5.55
C LEU A 64 4.56 -3.76 -6.68
N ARG A 65 4.46 -4.34 -7.88
CA ARG A 65 3.95 -3.66 -9.10
C ARG A 65 2.49 -3.24 -8.90
N ARG A 66 1.67 -4.17 -8.37
CA ARG A 66 0.22 -3.97 -8.20
C ARG A 66 -0.03 -2.88 -7.14
N ALA A 67 0.73 -2.96 -6.04
CA ALA A 67 0.64 -2.04 -4.90
C ALA A 67 1.16 -0.63 -5.27
N ALA A 68 2.23 -0.59 -6.11
CA ALA A 68 2.86 0.66 -6.57
C ALA A 68 1.99 1.38 -7.59
N LYS A 69 1.34 0.60 -8.47
CA LYS A 69 0.49 1.13 -9.55
C LYS A 69 -0.81 1.68 -8.95
N SER A 70 -1.37 0.96 -7.96
CA SER A 70 -2.54 1.40 -7.18
C SER A 70 -2.20 2.62 -6.29
N LEU A 71 -0.93 2.67 -5.85
CA LEU A 71 -0.38 3.80 -5.08
C LEU A 71 -0.46 5.07 -5.94
N LYS A 72 -0.07 4.94 -7.24
CA LYS A 72 -0.11 6.06 -8.22
C LYS A 72 -1.57 6.50 -8.50
N GLU A 73 -2.49 5.52 -8.58
CA GLU A 73 -3.95 5.78 -8.73
C GLU A 73 -4.49 6.57 -7.52
N ALA A 74 -3.88 6.33 -6.34
CA ALA A 74 -4.18 7.07 -5.14
C ALA A 74 -3.61 8.50 -5.22
N ILE A 75 -2.35 8.66 -5.72
CA ILE A 75 -1.63 9.98 -5.76
C ILE A 75 -2.40 11.01 -6.59
N THR A 76 -2.90 10.57 -7.76
CA THR A 76 -3.66 11.42 -8.68
C THR A 76 -5.04 11.84 -8.10
N ALA A 77 -5.47 11.16 -7.03
CA ALA A 77 -6.71 11.50 -6.27
C ALA A 77 -6.39 12.20 -4.93
N ILE A 78 -5.11 12.17 -4.50
CA ILE A 78 -4.63 12.89 -3.30
C ILE A 78 -4.58 14.41 -3.61
N PRO A 79 -5.12 15.29 -2.70
CA PRO A 79 -5.01 16.76 -2.85
C PRO A 79 -3.53 17.21 -2.81
N GLU A 80 -3.25 18.34 -3.43
CA GLU A 80 -1.87 18.83 -3.65
C GLU A 80 -1.18 19.30 -2.32
N GLU A 81 -1.89 19.23 -1.17
CA GLU A 81 -1.32 19.55 0.16
C GLU A 81 -1.39 18.34 1.13
N GLU A 82 -2.62 17.88 1.45
CA GLU A 82 -2.86 16.86 2.50
C GLU A 82 -2.20 15.51 2.15
N GLY A 83 -1.01 15.28 2.77
CA GLY A 83 -0.24 14.05 2.57
C GLY A 83 0.26 13.86 1.16
N ARG A 84 0.32 14.96 0.39
CA ARG A 84 0.92 14.98 -0.95
C ARG A 84 2.43 14.88 -0.77
N LYS A 85 2.99 15.81 0.04
CA LYS A 85 4.38 15.78 0.49
C LYS A 85 4.50 14.70 1.60
N GLU A 86 4.38 13.44 1.16
CA GLU A 86 4.32 12.26 2.01
C GLU A 86 4.11 11.02 1.11
N ALA A 87 2.84 10.83 0.67
CA ALA A 87 2.41 9.63 -0.06
C ALA A 87 2.95 9.59 -1.49
N LYS A 88 3.19 10.78 -2.08
CA LYS A 88 3.74 10.93 -3.45
C LYS A 88 5.17 10.38 -3.49
N GLU A 89 5.91 10.64 -2.40
CA GLU A 89 7.28 10.14 -2.21
C GLU A 89 7.29 8.64 -1.87
N MET A 90 6.21 8.17 -1.21
CA MET A 90 5.99 6.72 -0.94
C MET A 90 5.72 5.96 -2.26
N ALA A 91 5.03 6.63 -3.20
CA ALA A 91 4.78 6.11 -4.55
C ALA A 91 6.08 6.00 -5.32
N LYS A 92 6.98 6.95 -5.06
CA LYS A 92 8.34 6.95 -5.61
C LYS A 92 9.18 5.83 -5.00
N LYS A 93 9.00 5.55 -3.68
CA LYS A 93 9.72 4.47 -2.98
C LYS A 93 9.47 3.11 -3.64
N ALA A 94 8.17 2.81 -3.81
CA ALA A 94 7.69 1.56 -4.44
C ALA A 94 8.13 1.46 -5.92
N GLU A 95 8.27 2.63 -6.57
CA GLU A 95 8.72 2.76 -7.96
C GLU A 95 10.23 2.42 -8.07
N GLU A 96 11.04 2.96 -7.13
CA GLU A 96 12.51 2.70 -7.06
C GLU A 96 12.80 1.22 -6.79
N TRP A 97 11.99 0.64 -5.89
CA TRP A 97 12.09 -0.78 -5.51
C TRP A 97 11.84 -1.67 -6.73
N LEU A 98 10.78 -1.32 -7.48
CA LEU A 98 10.36 -2.05 -8.69
C LEU A 98 11.48 -2.04 -9.77
N GLN A 99 12.28 -0.95 -9.80
CA GLN A 99 13.44 -0.82 -10.71
C GLN A 99 14.51 -1.86 -10.35
N ALA A 100 14.84 -1.94 -9.05
CA ALA A 100 15.88 -2.86 -8.53
C ALA A 100 15.45 -4.32 -8.65
N GLU A 101 14.12 -4.56 -8.57
CA GLU A 101 13.51 -5.90 -8.70
C GLU A 101 13.58 -6.45 -10.15
N GLN A 102 13.88 -5.57 -11.12
CA GLN A 102 14.07 -5.95 -12.53
C GLN A 102 14.91 -4.88 -13.24
N ASN A 103 16.23 -4.90 -12.97
CA ASN A 103 17.19 -3.90 -13.52
C ASN A 103 18.17 -4.59 -14.49
N ASN A 104 18.56 -3.86 -15.56
CA ASN A 104 19.58 -4.31 -16.51
C ASN A 104 20.98 -3.94 -15.95
N ALA A 1 -19.19 1.55 3.83
CA ALA A 1 -18.69 1.99 5.16
C ALA A 1 -17.38 1.26 5.50
N ASP A 2 -16.85 1.57 6.70
CA ASP A 2 -15.57 1.00 7.21
C ASP A 2 -15.74 -0.45 7.77
N GLU A 3 -16.90 -1.08 7.49
CA GLU A 3 -17.23 -2.47 7.88
C GLU A 3 -16.12 -3.46 7.48
N ASN A 4 -15.67 -3.34 6.22
CA ASN A 4 -14.66 -4.23 5.65
C ASN A 4 -13.29 -3.97 6.30
N ILE A 5 -13.00 -2.67 6.55
CA ILE A 5 -11.74 -2.21 7.17
C ILE A 5 -11.54 -2.88 8.55
N ALA A 6 -12.63 -2.91 9.35
CA ALA A 6 -12.64 -3.50 10.70
C ALA A 6 -12.18 -4.98 10.68
N LYS A 7 -12.61 -5.71 9.64
CA LYS A 7 -12.24 -7.12 9.44
C LYS A 7 -10.73 -7.26 9.15
N PHE A 8 -10.21 -6.42 8.22
CA PHE A 8 -8.81 -6.52 7.73
C PHE A 8 -7.80 -6.14 8.83
N GLU A 9 -8.21 -5.27 9.77
CA GLU A 9 -7.37 -4.85 10.92
C GLU A 9 -7.27 -5.99 11.95
N LYS A 10 -8.38 -6.71 12.16
CA LYS A 10 -8.43 -7.88 13.05
C LYS A 10 -7.67 -9.06 12.42
N ALA A 11 -7.65 -9.11 11.08
CA ALA A 11 -6.90 -10.10 10.30
C ALA A 11 -5.39 -9.77 10.37
N TYR A 12 -5.08 -8.45 10.40
CA TYR A 12 -3.71 -7.94 10.52
C TYR A 12 -3.40 -7.75 12.02
N LYS A 13 -3.52 -8.82 12.79
CA LYS A 13 -3.35 -8.79 14.25
C LYS A 13 -1.91 -9.15 14.58
N LYS A 14 -1.10 -8.12 14.90
CA LYS A 14 0.26 -8.27 15.45
C LYS A 14 1.20 -8.95 14.41
N ALA A 15 0.79 -8.86 13.13
CA ALA A 15 1.48 -9.48 11.99
C ALA A 15 2.60 -8.55 11.50
N GLU A 16 3.64 -8.38 12.34
CA GLU A 16 4.76 -7.45 12.10
C GLU A 16 6.09 -8.10 12.54
N GLU A 17 6.05 -9.42 12.78
CA GLU A 17 7.15 -10.17 13.43
C GLU A 17 7.47 -11.49 12.70
N LEU A 18 8.51 -12.19 13.20
CA LEU A 18 8.86 -13.59 12.85
C LEU A 18 9.45 -13.68 11.41
N ASN A 19 9.82 -12.51 10.85
CA ASN A 19 10.26 -12.37 9.44
C ASN A 19 9.22 -13.01 8.49
N GLN A 20 8.04 -12.37 8.44
CA GLN A 20 6.91 -12.83 7.61
C GLN A 20 6.40 -11.66 6.78
N GLY A 21 5.71 -11.99 5.68
CA GLY A 21 5.17 -10.97 4.79
C GLY A 21 3.97 -11.43 4.00
N GLU A 22 3.97 -12.71 3.58
CA GLU A 22 2.87 -13.31 2.79
C GLU A 22 1.54 -13.29 3.60
N LEU A 23 1.65 -13.49 4.92
CA LEU A 23 0.48 -13.49 5.84
C LEU A 23 -0.06 -12.07 6.14
N MET A 24 0.61 -11.04 5.62
CA MET A 24 0.29 -9.63 5.93
C MET A 24 0.49 -8.76 4.67
N GLY A 25 0.43 -7.42 4.83
CA GLY A 25 0.55 -6.46 3.71
C GLY A 25 -0.71 -6.35 2.88
N ARG A 26 -1.17 -7.50 2.37
CA ARG A 26 -2.39 -7.64 1.57
C ARG A 26 -3.61 -7.06 2.31
N ALA A 27 -3.70 -7.35 3.62
CA ALA A 27 -4.79 -6.86 4.49
C ALA A 27 -4.82 -5.32 4.53
N LEU A 28 -3.63 -4.68 4.61
CA LEU A 28 -3.50 -3.20 4.56
C LEU A 28 -4.00 -2.67 3.20
N TYR A 29 -3.53 -3.30 2.11
CA TYR A 29 -3.88 -2.97 0.71
C TYR A 29 -5.42 -2.86 0.52
N ASN A 30 -6.15 -3.86 1.07
CA ASN A 30 -7.63 -3.92 0.99
C ASN A 30 -8.29 -2.75 1.75
N ILE A 31 -7.69 -2.36 2.88
CA ILE A 31 -8.13 -1.18 3.66
C ILE A 31 -7.91 0.11 2.84
N GLY A 32 -6.80 0.12 2.08
CA GLY A 32 -6.44 1.23 1.22
C GLY A 32 -7.47 1.48 0.13
N LEU A 33 -7.98 0.38 -0.47
CA LEU A 33 -9.05 0.43 -1.49
C LEU A 33 -10.30 1.12 -0.90
N GLU A 34 -10.67 0.68 0.31
CA GLU A 34 -11.81 1.23 1.07
C GLU A 34 -11.65 2.76 1.32
N LYS A 35 -10.43 3.17 1.70
CA LYS A 35 -10.10 4.59 1.96
C LYS A 35 -10.24 5.44 0.69
N ASN A 36 -9.67 4.91 -0.42
CA ASN A 36 -9.61 5.57 -1.72
C ASN A 36 -11.02 5.82 -2.29
N LYS A 37 -11.91 4.84 -2.05
CA LYS A 37 -13.33 4.91 -2.47
C LYS A 37 -14.12 5.95 -1.65
N MET A 38 -13.69 6.17 -0.38
CA MET A 38 -14.28 7.21 0.48
C MET A 38 -13.69 8.61 0.15
N GLY A 39 -12.75 8.66 -0.81
CA GLY A 39 -12.09 9.91 -1.20
C GLY A 39 -10.84 10.20 -0.38
N LYS A 40 -10.60 9.35 0.62
CA LYS A 40 -9.47 9.47 1.56
C LYS A 40 -8.26 8.71 1.03
N ALA A 41 -7.88 9.08 -0.21
CA ALA A 41 -6.77 8.45 -0.95
C ALA A 41 -5.40 8.78 -0.33
N ARG A 42 -5.36 9.82 0.55
CA ARG A 42 -4.16 10.21 1.30
C ARG A 42 -3.76 9.04 2.24
N GLU A 43 -4.76 8.58 3.02
CA GLU A 43 -4.61 7.43 3.92
C GLU A 43 -4.47 6.13 3.12
N ALA A 44 -5.16 6.04 1.98
CA ALA A 44 -5.05 4.89 1.06
C ALA A 44 -3.61 4.67 0.62
N ALA A 45 -2.93 5.78 0.31
CA ALA A 45 -1.52 5.79 -0.12
C ALA A 45 -0.58 5.26 0.97
N GLU A 46 -0.97 5.47 2.25
CA GLU A 46 -0.28 4.87 3.41
C GLU A 46 -0.32 3.33 3.31
N TYR A 47 -1.55 2.79 3.13
CA TYR A 47 -1.79 1.34 3.11
C TYR A 47 -1.13 0.67 1.89
N PHE A 48 -1.12 1.37 0.75
CA PHE A 48 -0.52 0.87 -0.50
C PHE A 48 1.01 0.90 -0.40
N PHE A 49 1.55 1.90 0.35
CA PHE A 49 2.99 2.04 0.58
C PHE A 49 3.50 0.94 1.53
N ARG A 50 2.81 0.80 2.66
CA ARG A 50 3.15 -0.18 3.70
C ARG A 50 3.00 -1.62 3.17
N ALA A 51 1.97 -1.82 2.33
CA ALA A 51 1.77 -3.09 1.62
C ALA A 51 2.94 -3.35 0.67
N ALA A 52 3.33 -2.31 -0.10
CA ALA A 52 4.44 -2.40 -1.07
C ALA A 52 5.78 -2.75 -0.39
N ILE A 53 5.98 -2.24 0.85
CA ILE A 53 7.14 -2.59 1.70
C ILE A 53 7.14 -4.11 1.98
N VAL A 54 5.99 -4.61 2.43
CA VAL A 54 5.80 -6.02 2.80
C VAL A 54 6.02 -6.97 1.59
N PHE A 55 5.45 -6.59 0.42
CA PHE A 55 5.59 -7.36 -0.83
C PHE A 55 7.04 -7.34 -1.35
N TYR A 56 7.75 -6.23 -1.06
CA TYR A 56 9.16 -6.05 -1.40
C TYR A 56 10.06 -6.98 -0.56
N LYS A 57 9.74 -7.09 0.75
CA LYS A 57 10.40 -8.04 1.66
C LYS A 57 10.19 -9.49 1.19
N GLU A 58 9.01 -9.77 0.63
CA GLU A 58 8.68 -11.09 0.06
C GLU A 58 9.16 -11.21 -1.39
N HIS A 59 9.58 -10.08 -1.98
CA HIS A 59 10.11 -10.00 -3.37
C HIS A 59 9.06 -10.46 -4.41
N ASP A 60 7.79 -10.34 -4.04
CA ASP A 60 6.65 -10.65 -4.91
C ASP A 60 6.41 -9.45 -5.84
N THR A 61 6.88 -9.59 -7.09
CA THR A 61 6.80 -8.54 -8.13
C THR A 61 5.34 -8.15 -8.42
N ASP A 62 4.44 -9.13 -8.38
CA ASP A 62 3.03 -8.97 -8.74
C ASP A 62 2.31 -8.10 -7.71
N GLY A 63 2.46 -8.45 -6.41
CA GLY A 63 1.85 -7.69 -5.32
C GLY A 63 2.50 -6.33 -5.10
N LEU A 64 3.83 -6.28 -5.28
CA LEU A 64 4.63 -5.04 -5.18
C LEU A 64 4.15 -4.03 -6.22
N ARG A 65 3.99 -4.51 -7.47
CA ARG A 65 3.54 -3.69 -8.61
C ARG A 65 2.05 -3.35 -8.48
N ARG A 66 1.28 -4.24 -7.82
CA ARG A 66 -0.16 -4.03 -7.57
C ARG A 66 -0.36 -2.84 -6.62
N ALA A 67 0.38 -2.86 -5.51
CA ALA A 67 0.33 -1.82 -4.48
C ALA A 67 1.05 -0.55 -4.97
N ALA A 68 2.09 -0.70 -5.82
CA ALA A 68 2.81 0.43 -6.43
C ALA A 68 1.91 1.19 -7.42
N LYS A 69 1.19 0.42 -8.25
CA LYS A 69 0.24 0.96 -9.22
C LYS A 69 -0.86 1.74 -8.48
N SER A 70 -1.47 1.05 -7.51
CA SER A 70 -2.61 1.56 -6.74
C SER A 70 -2.20 2.79 -5.91
N LEU A 71 -0.92 2.82 -5.48
CA LEU A 71 -0.30 3.97 -4.79
C LEU A 71 -0.37 5.21 -5.71
N LYS A 72 0.12 5.04 -6.96
CA LYS A 72 0.21 6.12 -7.96
C LYS A 72 -1.19 6.58 -8.41
N GLU A 73 -2.12 5.62 -8.53
CA GLU A 73 -3.51 5.92 -8.94
C GLU A 73 -4.28 6.58 -7.79
N ALA A 74 -3.81 6.33 -6.55
CA ALA A 74 -4.32 7.03 -5.36
C ALA A 74 -3.85 8.49 -5.37
N ILE A 75 -2.59 8.73 -5.84
CA ILE A 75 -1.93 10.06 -5.80
C ILE A 75 -2.78 11.16 -6.45
N THR A 76 -3.35 10.85 -7.62
CA THR A 76 -4.20 11.80 -8.36
C THR A 76 -5.54 12.04 -7.61
N ALA A 77 -6.01 11.01 -6.88
CA ALA A 77 -7.27 11.06 -6.11
C ALA A 77 -7.07 11.67 -4.69
N ILE A 78 -5.79 11.90 -4.31
CA ILE A 78 -5.41 12.46 -2.99
C ILE A 78 -5.84 13.95 -2.88
N PRO A 79 -6.34 14.39 -1.67
CA PRO A 79 -6.48 15.82 -1.29
C PRO A 79 -5.26 16.71 -1.65
N GLU A 80 -5.55 17.96 -1.99
CA GLU A 80 -4.61 18.90 -2.62
C GLU A 80 -3.64 19.55 -1.58
N GLU A 81 -4.03 19.47 -0.29
CA GLU A 81 -3.38 20.25 0.78
C GLU A 81 -1.93 19.78 1.05
N GLU A 82 -1.79 18.59 1.64
CA GLU A 82 -0.48 18.08 2.13
C GLU A 82 -0.07 16.79 1.40
N GLY A 83 -1.07 15.98 1.01
CA GLY A 83 -0.85 14.61 0.53
C GLY A 83 -0.07 14.51 -0.77
N ARG A 84 -0.10 15.57 -1.58
CA ARG A 84 0.65 15.62 -2.84
C ARG A 84 2.17 15.57 -2.55
N LYS A 85 2.63 16.46 -1.64
CA LYS A 85 4.07 16.66 -1.37
C LYS A 85 4.63 15.68 -0.32
N GLU A 86 3.89 14.58 0.00
CA GLU A 86 4.37 13.55 0.94
C GLU A 86 4.10 12.12 0.43
N ALA A 87 2.86 11.84 0.00
CA ALA A 87 2.48 10.48 -0.46
C ALA A 87 3.03 10.16 -1.85
N LYS A 88 3.11 11.20 -2.71
CA LYS A 88 3.69 11.09 -4.05
C LYS A 88 5.18 10.75 -3.96
N GLU A 89 5.81 11.18 -2.86
CA GLU A 89 7.23 10.93 -2.58
C GLU A 89 7.44 9.46 -2.17
N MET A 90 6.48 8.92 -1.37
CA MET A 90 6.48 7.49 -0.99
C MET A 90 6.30 6.59 -2.21
N ALA A 91 5.52 7.08 -3.19
CA ALA A 91 5.29 6.39 -4.46
C ALA A 91 6.60 6.19 -5.26
N LYS A 92 7.62 7.08 -5.04
CA LYS A 92 8.97 6.89 -5.63
C LYS A 92 9.60 5.60 -5.14
N LYS A 93 9.45 5.32 -3.82
CA LYS A 93 10.03 4.11 -3.19
C LYS A 93 9.45 2.85 -3.84
N ALA A 94 8.12 2.85 -4.03
CA ALA A 94 7.38 1.74 -4.66
C ALA A 94 7.88 1.48 -6.10
N GLU A 95 8.32 2.56 -6.79
CA GLU A 95 8.94 2.48 -8.13
C GLU A 95 10.33 1.87 -8.03
N GLU A 96 11.15 2.38 -7.07
CA GLU A 96 12.57 1.98 -6.92
C GLU A 96 12.69 0.47 -6.62
N TRP A 97 11.75 -0.04 -5.82
CA TRP A 97 11.68 -1.46 -5.48
C TRP A 97 11.30 -2.28 -6.69
N LEU A 98 10.31 -1.79 -7.47
CA LEU A 98 9.85 -2.47 -8.69
C LEU A 98 10.98 -2.57 -9.74
N GLN A 99 11.73 -1.46 -9.90
CA GLN A 99 12.86 -1.37 -10.86
C GLN A 99 14.02 -2.28 -10.43
N ALA A 100 14.15 -2.46 -9.10
CA ALA A 100 15.14 -3.37 -8.50
C ALA A 100 14.76 -4.84 -8.77
N GLU A 101 13.46 -5.14 -8.65
CA GLU A 101 12.92 -6.50 -8.86
C GLU A 101 12.87 -6.87 -10.35
N GLN A 102 12.73 -5.86 -11.21
CA GLN A 102 12.70 -6.05 -12.68
C GLN A 102 14.13 -6.02 -13.22
N ASN A 103 14.84 -7.14 -13.00
CA ASN A 103 16.23 -7.32 -13.47
C ASN A 103 16.19 -7.69 -14.96
N ASN A 104 16.88 -6.87 -15.79
CA ASN A 104 16.87 -6.95 -17.27
C ASN A 104 15.48 -6.48 -17.80
N ALA A 1 -16.87 4.96 8.79
CA ALA A 1 -17.04 3.91 7.79
C ALA A 1 -15.76 3.09 7.69
N ASP A 2 -15.78 1.88 8.29
CA ASP A 2 -14.59 1.03 8.41
C ASP A 2 -14.99 -0.44 8.67
N GLU A 3 -16.15 -0.85 8.11
CA GLU A 3 -16.72 -2.21 8.29
C GLU A 3 -15.78 -3.28 7.66
N ASN A 4 -15.59 -3.21 6.32
CA ASN A 4 -14.71 -4.15 5.59
C ASN A 4 -13.24 -4.01 6.06
N ILE A 5 -12.87 -2.77 6.44
CA ILE A 5 -11.55 -2.43 7.01
C ILE A 5 -11.29 -3.20 8.32
N ALA A 6 -12.34 -3.30 9.17
CA ALA A 6 -12.25 -3.95 10.49
C ALA A 6 -11.82 -5.42 10.37
N LYS A 7 -12.25 -6.08 9.28
CA LYS A 7 -11.84 -7.45 8.92
C LYS A 7 -10.30 -7.54 8.75
N PHE A 8 -9.76 -6.59 7.98
CA PHE A 8 -8.31 -6.55 7.65
C PHE A 8 -7.48 -6.18 8.90
N GLU A 9 -8.10 -5.38 9.80
CA GLU A 9 -7.50 -5.00 11.09
C GLU A 9 -7.29 -6.22 11.99
N LYS A 10 -8.36 -7.03 12.16
CA LYS A 10 -8.36 -8.22 13.02
C LYS A 10 -7.38 -9.28 12.50
N ALA A 11 -7.41 -9.49 11.17
CA ALA A 11 -6.60 -10.49 10.47
C ALA A 11 -5.10 -10.18 10.55
N TYR A 12 -4.75 -8.91 10.33
CA TYR A 12 -3.35 -8.47 10.27
C TYR A 12 -2.88 -8.00 11.67
N LYS A 13 -1.88 -8.70 12.23
CA LYS A 13 -1.21 -8.30 13.49
C LYS A 13 0.18 -8.98 13.62
N LYS A 14 0.61 -9.71 12.56
CA LYS A 14 1.73 -10.68 12.67
C LYS A 14 2.96 -10.31 11.82
N ALA A 15 2.74 -9.82 10.58
CA ALA A 15 3.84 -9.51 9.63
C ALA A 15 4.57 -8.20 10.03
N GLU A 16 5.48 -8.35 11.02
CA GLU A 16 6.44 -7.33 11.54
C GLU A 16 6.88 -7.79 12.95
N GLU A 17 5.91 -8.38 13.68
CA GLU A 17 6.13 -9.00 15.00
C GLU A 17 6.99 -10.28 14.83
N LEU A 18 6.44 -11.24 14.08
CA LEU A 18 7.18 -12.44 13.62
C LEU A 18 7.55 -12.21 12.14
N ASN A 19 8.52 -13.00 11.62
CA ASN A 19 9.01 -12.96 10.23
C ASN A 19 7.83 -12.91 9.23
N GLN A 20 7.03 -14.01 9.17
CA GLN A 20 5.74 -14.06 8.44
C GLN A 20 5.85 -13.62 6.97
N GLY A 21 4.72 -13.16 6.39
CA GLY A 21 4.74 -12.42 5.12
C GLY A 21 3.91 -13.08 4.03
N GLU A 22 3.61 -12.28 2.98
CA GLU A 22 2.69 -12.63 1.86
C GLU A 22 1.24 -12.75 2.35
N LEU A 23 1.01 -13.68 3.30
CA LEU A 23 -0.26 -13.88 4.04
C LEU A 23 -0.91 -12.55 4.48
N MET A 24 -0.03 -11.61 4.87
CA MET A 24 -0.41 -10.24 5.23
C MET A 24 0.34 -9.23 4.32
N GLY A 25 -0.04 -7.96 4.44
CA GLY A 25 0.40 -6.91 3.51
C GLY A 25 -0.70 -6.59 2.53
N ARG A 26 -1.31 -7.68 1.99
CA ARG A 26 -2.49 -7.62 1.11
C ARG A 26 -3.65 -6.94 1.85
N ALA A 27 -3.80 -7.28 3.15
CA ALA A 27 -4.80 -6.68 4.06
C ALA A 27 -4.67 -5.15 4.11
N LEU A 28 -3.41 -4.65 4.20
CA LEU A 28 -3.13 -3.20 4.22
C LEU A 28 -3.54 -2.54 2.89
N TYR A 29 -3.14 -3.19 1.77
CA TYR A 29 -3.52 -2.79 0.39
C TYR A 29 -5.05 -2.62 0.27
N ASN A 30 -5.78 -3.57 0.87
CA ASN A 30 -7.25 -3.63 0.83
C ASN A 30 -7.91 -2.54 1.71
N ILE A 31 -7.26 -2.14 2.82
CA ILE A 31 -7.71 -1.00 3.66
C ILE A 31 -7.56 0.30 2.85
N GLY A 32 -6.46 0.35 2.08
CA GLY A 32 -6.18 1.45 1.16
C GLY A 32 -7.25 1.57 0.09
N LEU A 33 -7.72 0.43 -0.43
CA LEU A 33 -8.80 0.38 -1.44
C LEU A 33 -10.10 1.01 -0.89
N GLU A 34 -10.40 0.72 0.38
CA GLU A 34 -11.65 1.18 1.04
C GLU A 34 -11.61 2.70 1.33
N LYS A 35 -10.45 3.23 1.76
CA LYS A 35 -10.31 4.66 2.09
C LYS A 35 -10.21 5.52 0.82
N ASN A 36 -9.59 4.96 -0.24
CA ASN A 36 -9.52 5.61 -1.58
C ASN A 36 -10.94 5.65 -2.21
N LYS A 37 -11.74 4.60 -1.88
CA LYS A 37 -13.16 4.47 -2.26
C LYS A 37 -14.02 5.55 -1.57
N MET A 38 -13.65 5.88 -0.31
CA MET A 38 -14.34 6.93 0.48
C MET A 38 -13.68 8.32 0.30
N GLY A 39 -12.76 8.44 -0.68
CA GLY A 39 -12.19 9.73 -1.10
C GLY A 39 -10.89 10.11 -0.38
N LYS A 40 -10.59 9.41 0.73
CA LYS A 40 -9.41 9.66 1.57
C LYS A 40 -8.18 8.93 0.99
N ALA A 41 -7.72 9.42 -0.18
CA ALA A 41 -6.65 8.80 -0.98
C ALA A 41 -5.25 8.97 -0.35
N ARG A 42 -5.12 9.89 0.63
CA ARG A 42 -3.87 10.12 1.38
C ARG A 42 -3.58 8.95 2.34
N GLU A 43 -4.58 8.63 3.19
CA GLU A 43 -4.50 7.47 4.12
C GLU A 43 -4.28 6.18 3.31
N ALA A 44 -5.07 6.08 2.22
CA ALA A 44 -5.02 4.97 1.27
C ALA A 44 -3.61 4.72 0.74
N ALA A 45 -2.93 5.84 0.38
CA ALA A 45 -1.56 5.82 -0.16
C ALA A 45 -0.56 5.24 0.86
N GLU A 46 -0.76 5.57 2.16
CA GLU A 46 0.09 5.06 3.26
C GLU A 46 -0.05 3.54 3.38
N TYR A 47 -1.28 3.03 3.21
CA TYR A 47 -1.58 1.59 3.30
C TYR A 47 -1.01 0.80 2.10
N PHE A 48 -1.03 1.43 0.91
CA PHE A 48 -0.41 0.86 -0.30
C PHE A 48 1.12 0.78 -0.12
N PHE A 49 1.69 1.82 0.52
CA PHE A 49 3.13 1.91 0.79
C PHE A 49 3.58 0.79 1.75
N ARG A 50 2.86 0.67 2.89
CA ARG A 50 3.13 -0.35 3.93
C ARG A 50 2.97 -1.77 3.36
N ALA A 51 1.97 -1.94 2.47
CA ALA A 51 1.72 -3.20 1.75
C ALA A 51 2.95 -3.56 0.91
N ALA A 52 3.41 -2.56 0.13
CA ALA A 52 4.55 -2.70 -0.78
C ALA A 52 5.85 -3.08 -0.05
N ILE A 53 5.99 -2.61 1.21
CA ILE A 53 7.11 -2.98 2.11
C ILE A 53 7.15 -4.52 2.33
N VAL A 54 5.97 -5.09 2.66
CA VAL A 54 5.81 -6.53 2.95
C VAL A 54 6.06 -7.37 1.68
N PHE A 55 5.55 -6.90 0.54
CA PHE A 55 5.70 -7.59 -0.75
C PHE A 55 7.14 -7.48 -1.29
N TYR A 56 7.86 -6.41 -0.91
CA TYR A 56 9.27 -6.20 -1.31
C TYR A 56 10.21 -7.20 -0.61
N LYS A 57 10.07 -7.32 0.72
CA LYS A 57 10.86 -8.28 1.53
C LYS A 57 10.53 -9.76 1.21
N GLU A 58 9.29 -10.03 0.76
CA GLU A 58 8.90 -11.36 0.24
C GLU A 58 9.28 -11.51 -1.25
N HIS A 59 9.65 -10.38 -1.88
CA HIS A 59 9.99 -10.30 -3.33
C HIS A 59 8.80 -10.74 -4.21
N ASP A 60 7.58 -10.55 -3.68
CA ASP A 60 6.33 -10.79 -4.40
C ASP A 60 6.06 -9.58 -5.30
N THR A 61 6.58 -9.69 -6.54
CA THR A 61 6.52 -8.62 -7.54
C THR A 61 5.08 -8.25 -7.91
N ASP A 62 4.14 -9.22 -7.75
CA ASP A 62 2.71 -9.00 -8.02
C ASP A 62 2.14 -7.91 -7.10
N GLY A 63 2.19 -8.18 -5.77
CA GLY A 63 1.58 -7.30 -4.78
C GLY A 63 2.29 -5.97 -4.65
N LEU A 64 3.62 -6.01 -4.82
CA LEU A 64 4.49 -4.83 -4.84
C LEU A 64 4.09 -3.90 -6.00
N ARG A 65 3.84 -4.51 -7.18
CA ARG A 65 3.43 -3.78 -8.39
C ARG A 65 1.98 -3.28 -8.26
N ARG A 66 1.11 -4.07 -7.57
CA ARG A 66 -0.29 -3.68 -7.30
C ARG A 66 -0.31 -2.38 -6.48
N ALA A 67 0.51 -2.37 -5.41
CA ALA A 67 0.61 -1.26 -4.47
C ALA A 67 1.22 -0.01 -5.13
N ALA A 68 2.30 -0.21 -5.91
CA ALA A 68 3.01 0.88 -6.62
C ALA A 68 2.14 1.55 -7.71
N LYS A 69 1.39 0.70 -8.44
CA LYS A 69 0.51 1.12 -9.55
C LYS A 69 -0.73 1.85 -8.99
N SER A 70 -1.24 1.33 -7.86
CA SER A 70 -2.42 1.90 -7.16
C SER A 70 -2.04 3.21 -6.45
N LEU A 71 -0.75 3.30 -6.03
CA LEU A 71 -0.19 4.50 -5.38
C LEU A 71 -0.25 5.72 -6.31
N LYS A 72 0.29 5.56 -7.54
CA LYS A 72 0.37 6.64 -8.54
C LYS A 72 -1.04 7.20 -8.89
N GLU A 73 -2.02 6.28 -8.99
CA GLU A 73 -3.43 6.62 -9.27
C GLU A 73 -4.09 7.25 -8.03
N ALA A 74 -3.65 6.82 -6.83
CA ALA A 74 -4.11 7.41 -5.56
C ALA A 74 -3.65 8.87 -5.44
N ILE A 75 -2.47 9.20 -6.03
CA ILE A 75 -1.87 10.57 -5.95
C ILE A 75 -2.73 11.59 -6.69
N THR A 76 -3.09 11.27 -7.95
CA THR A 76 -3.98 12.12 -8.77
C THR A 76 -5.41 12.15 -8.18
N ALA A 77 -5.72 11.17 -7.29
CA ALA A 77 -7.01 11.07 -6.60
C ALA A 77 -7.01 11.82 -5.25
N ILE A 78 -5.81 12.17 -4.72
CA ILE A 78 -5.69 12.97 -3.47
C ILE A 78 -6.22 14.40 -3.73
N PRO A 79 -7.35 14.81 -3.06
CA PRO A 79 -7.88 16.21 -3.18
C PRO A 79 -6.97 17.23 -2.46
N GLU A 80 -6.19 16.71 -1.50
CA GLU A 80 -5.33 17.50 -0.61
C GLU A 80 -3.99 17.79 -1.33
N GLU A 81 -3.69 19.09 -1.51
CA GLU A 81 -2.49 19.53 -2.24
C GLU A 81 -1.20 19.13 -1.48
N GLU A 82 -1.17 19.48 -0.19
CA GLU A 82 -0.06 19.12 0.73
C GLU A 82 -0.01 17.58 0.97
N GLY A 83 -1.13 16.90 0.67
CA GLY A 83 -1.22 15.45 0.76
C GLY A 83 -0.48 14.73 -0.39
N ARG A 84 -0.32 15.43 -1.53
CA ARG A 84 0.53 14.94 -2.64
C ARG A 84 2.00 15.26 -2.36
N LYS A 85 2.25 16.19 -1.42
CA LYS A 85 3.60 16.61 -0.98
C LYS A 85 4.10 15.67 0.16
N GLU A 86 3.89 14.35 -0.03
CA GLU A 86 4.28 13.30 0.95
C GLU A 86 4.03 11.92 0.34
N ALA A 87 2.80 11.71 -0.16
CA ALA A 87 2.32 10.40 -0.62
C ALA A 87 2.90 10.04 -1.99
N LYS A 88 3.21 11.07 -2.81
CA LYS A 88 3.80 10.85 -4.14
C LYS A 88 5.25 10.32 -4.02
N GLU A 89 5.92 10.72 -2.92
CA GLU A 89 7.27 10.24 -2.55
C GLU A 89 7.22 8.74 -2.20
N MET A 90 6.09 8.32 -1.58
CA MET A 90 5.82 6.91 -1.22
C MET A 90 5.46 6.11 -2.48
N ALA A 91 4.75 6.77 -3.42
CA ALA A 91 4.40 6.21 -4.73
C ALA A 91 5.67 5.87 -5.53
N LYS A 92 6.66 6.77 -5.43
CA LYS A 92 7.96 6.60 -6.06
C LYS A 92 8.79 5.52 -5.33
N LYS A 93 8.72 5.49 -3.97
CA LYS A 93 9.45 4.48 -3.14
C LYS A 93 9.09 3.03 -3.56
N ALA A 94 7.77 2.76 -3.67
CA ALA A 94 7.25 1.44 -4.08
C ALA A 94 7.57 1.12 -5.54
N GLU A 95 7.62 2.17 -6.38
CA GLU A 95 7.96 2.07 -7.81
C GLU A 95 9.47 1.76 -7.97
N GLU A 96 10.30 2.34 -7.07
CA GLU A 96 11.76 2.12 -7.06
C GLU A 96 12.09 0.69 -6.62
N TRP A 97 11.23 0.13 -5.73
CA TRP A 97 11.31 -1.28 -5.31
C TRP A 97 10.94 -2.20 -6.47
N LEU A 98 9.94 -1.78 -7.28
CA LEU A 98 9.53 -2.52 -8.48
C LEU A 98 10.67 -2.55 -9.51
N GLN A 99 11.34 -1.39 -9.68
CA GLN A 99 12.50 -1.25 -10.58
C GLN A 99 13.72 -2.07 -10.08
N ALA A 100 13.80 -2.22 -8.74
CA ALA A 100 14.83 -3.05 -8.08
C ALA A 100 14.63 -4.53 -8.42
N GLU A 101 13.35 -4.98 -8.39
CA GLU A 101 12.96 -6.36 -8.72
C GLU A 101 13.22 -6.66 -10.20
N GLN A 102 12.77 -5.73 -11.08
CA GLN A 102 12.93 -5.86 -12.54
C GLN A 102 14.43 -5.87 -12.91
N ASN A 103 14.92 -7.05 -13.32
CA ASN A 103 16.32 -7.26 -13.68
C ASN A 103 16.41 -8.34 -14.78
N ASN A 104 16.73 -7.88 -16.01
CA ASN A 104 16.86 -8.73 -17.23
C ASN A 104 15.47 -9.34 -17.60
N ALA A 1 -15.73 5.85 7.34
CA ALA A 1 -16.36 4.53 7.51
C ALA A 1 -15.28 3.50 7.86
N ASP A 2 -15.24 3.05 9.14
CA ASP A 2 -14.21 2.13 9.67
C ASP A 2 -14.84 1.02 10.53
N GLU A 3 -15.64 0.16 9.87
CA GLU A 3 -16.18 -1.07 10.49
C GLU A 3 -15.56 -2.28 9.76
N ASN A 4 -15.71 -2.30 8.42
CA ASN A 4 -15.15 -3.34 7.54
C ASN A 4 -13.61 -3.23 7.51
N ILE A 5 -13.15 -1.97 7.41
CA ILE A 5 -11.72 -1.59 7.47
C ILE A 5 -11.09 -2.01 8.80
N ALA A 6 -11.80 -1.70 9.90
CA ALA A 6 -11.37 -2.05 11.28
C ALA A 6 -11.18 -3.57 11.45
N LYS A 7 -12.03 -4.35 10.75
CA LYS A 7 -11.97 -5.82 10.75
C LYS A 7 -10.69 -6.33 10.05
N PHE A 8 -10.34 -5.69 8.92
CA PHE A 8 -9.15 -6.08 8.11
C PHE A 8 -7.83 -5.76 8.86
N GLU A 9 -7.83 -4.62 9.60
CA GLU A 9 -6.68 -4.18 10.43
C GLU A 9 -6.55 -5.06 11.69
N LYS A 10 -7.68 -5.61 12.15
CA LYS A 10 -7.72 -6.57 13.27
C LYS A 10 -7.18 -7.95 12.79
N ALA A 11 -7.46 -8.28 11.53
CA ALA A 11 -7.00 -9.55 10.92
C ALA A 11 -5.49 -9.49 10.60
N TYR A 12 -5.02 -8.29 10.26
CA TYR A 12 -3.61 -8.03 9.97
C TYR A 12 -2.85 -7.81 11.30
N LYS A 13 -1.81 -8.63 11.56
CA LYS A 13 -0.95 -8.44 12.74
C LYS A 13 0.08 -7.31 12.48
N LYS A 14 1.31 -7.65 12.03
CA LYS A 14 2.36 -6.67 11.66
C LYS A 14 3.15 -7.16 10.43
N ALA A 15 3.29 -8.50 10.32
CA ALA A 15 3.95 -9.23 9.20
C ALA A 15 5.49 -9.22 9.30
N GLU A 16 6.06 -8.10 9.79
CA GLU A 16 7.52 -7.94 9.98
C GLU A 16 8.08 -8.74 11.18
N GLU A 17 7.15 -9.28 12.01
CA GLU A 17 7.47 -10.09 13.22
C GLU A 17 8.36 -11.30 12.86
N LEU A 18 8.09 -11.86 11.69
CA LEU A 18 8.76 -13.05 11.15
C LEU A 18 8.65 -12.95 9.62
N ASN A 19 9.64 -13.49 8.89
CA ASN A 19 9.67 -13.46 7.41
C ASN A 19 8.54 -14.35 6.83
N GLN A 20 7.35 -13.74 6.66
CA GLN A 20 6.12 -14.44 6.20
C GLN A 20 5.11 -13.44 5.61
N GLY A 21 5.65 -12.51 4.80
CA GLY A 21 4.87 -11.41 4.22
C GLY A 21 3.73 -11.86 3.31
N GLU A 22 3.89 -13.05 2.70
CA GLU A 22 2.93 -13.64 1.74
C GLU A 22 1.51 -13.84 2.32
N LEU A 23 1.42 -13.88 3.67
CA LEU A 23 0.17 -14.16 4.39
C LEU A 23 -0.66 -12.89 4.66
N MET A 24 0.00 -11.75 4.89
CA MET A 24 -0.69 -10.50 5.35
C MET A 24 -0.63 -9.35 4.33
N GLY A 25 0.40 -9.33 3.46
CA GLY A 25 0.71 -8.16 2.60
C GLY A 25 -0.47 -7.60 1.80
N ARG A 26 -1.31 -8.49 1.27
CA ARG A 26 -2.48 -8.11 0.45
C ARG A 26 -3.61 -7.50 1.29
N ALA A 27 -3.69 -7.89 2.59
CA ALA A 27 -4.73 -7.39 3.52
C ALA A 27 -4.67 -5.86 3.64
N LEU A 28 -3.44 -5.30 3.82
CA LEU A 28 -3.22 -3.83 3.87
C LEU A 28 -3.64 -3.16 2.55
N TYR A 29 -3.34 -3.85 1.43
CA TYR A 29 -3.70 -3.39 0.08
C TYR A 29 -5.23 -3.23 -0.05
N ASN A 30 -6.01 -4.19 0.54
CA ASN A 30 -7.48 -4.15 0.53
C ASN A 30 -8.03 -3.00 1.39
N ILE A 31 -7.34 -2.68 2.51
CA ILE A 31 -7.73 -1.57 3.41
C ILE A 31 -7.55 -0.22 2.69
N GLY A 32 -6.46 -0.14 1.90
CA GLY A 32 -6.18 1.00 1.05
C GLY A 32 -7.25 1.21 0.00
N LEU A 33 -7.62 0.10 -0.68
CA LEU A 33 -8.66 0.09 -1.72
C LEU A 33 -10.02 0.62 -1.19
N GLU A 34 -10.32 0.29 0.07
CA GLU A 34 -11.56 0.73 0.76
C GLU A 34 -11.63 2.25 0.88
N LYS A 35 -10.56 2.86 1.41
CA LYS A 35 -10.49 4.31 1.63
C LYS A 35 -10.37 5.09 0.30
N ASN A 36 -9.60 4.52 -0.63
CA ASN A 36 -9.37 5.11 -1.98
C ASN A 36 -10.71 5.24 -2.74
N LYS A 37 -11.53 4.19 -2.60
CA LYS A 37 -12.88 4.07 -3.19
C LYS A 37 -13.87 5.08 -2.54
N MET A 38 -13.62 5.42 -1.26
CA MET A 38 -14.40 6.45 -0.53
C MET A 38 -13.81 7.88 -0.75
N GLY A 39 -12.74 7.97 -1.55
CA GLY A 39 -12.09 9.26 -1.89
C GLY A 39 -10.96 9.64 -0.96
N LYS A 40 -10.79 8.88 0.15
CA LYS A 40 -9.71 9.04 1.13
C LYS A 40 -8.40 8.42 0.59
N ALA A 41 -7.90 9.00 -0.51
CA ALA A 41 -6.79 8.43 -1.29
C ALA A 41 -5.43 8.71 -0.66
N ARG A 42 -5.35 9.74 0.22
CA ARG A 42 -4.14 10.02 1.03
C ARG A 42 -3.96 8.90 2.07
N GLU A 43 -5.08 8.57 2.73
CA GLU A 43 -5.13 7.50 3.74
C GLU A 43 -4.86 6.14 3.09
N ALA A 44 -5.44 5.95 1.90
CA ALA A 44 -5.25 4.75 1.08
C ALA A 44 -3.77 4.53 0.73
N ALA A 45 -3.11 5.65 0.36
CA ALA A 45 -1.69 5.67 -0.06
C ALA A 45 -0.77 5.12 1.05
N GLU A 46 -1.15 5.36 2.32
CA GLU A 46 -0.43 4.85 3.51
C GLU A 46 -0.44 3.31 3.56
N TYR A 47 -1.65 2.74 3.34
CA TYR A 47 -1.87 1.28 3.38
C TYR A 47 -1.21 0.58 2.18
N PHE A 48 -1.23 1.25 1.01
CA PHE A 48 -0.59 0.77 -0.22
C PHE A 48 0.94 0.74 -0.05
N PHE A 49 1.47 1.73 0.71
CA PHE A 49 2.91 1.85 0.96
C PHE A 49 3.42 0.74 1.87
N ARG A 50 2.73 0.59 3.01
CA ARG A 50 3.05 -0.43 4.01
C ARG A 50 2.89 -1.84 3.41
N ALA A 51 1.85 -2.01 2.58
CA ALA A 51 1.63 -3.25 1.80
C ALA A 51 2.82 -3.50 0.87
N ALA A 52 3.27 -2.44 0.18
CA ALA A 52 4.39 -2.51 -0.80
C ALA A 52 5.72 -2.91 -0.12
N ILE A 53 5.93 -2.46 1.13
CA ILE A 53 7.09 -2.86 1.97
C ILE A 53 7.08 -4.38 2.21
N VAL A 54 5.88 -4.91 2.48
CA VAL A 54 5.66 -6.34 2.76
C VAL A 54 5.78 -7.18 1.47
N PHE A 55 5.34 -6.59 0.35
CA PHE A 55 5.46 -7.23 -0.99
C PHE A 55 6.92 -7.23 -1.47
N TYR A 56 7.68 -6.26 -1.01
CA TYR A 56 9.09 -6.09 -1.39
C TYR A 56 10.01 -7.09 -0.65
N LYS A 57 9.81 -7.21 0.68
CA LYS A 57 10.56 -8.17 1.53
C LYS A 57 10.31 -9.65 1.11
N GLU A 58 9.07 -9.96 0.65
CA GLU A 58 8.73 -11.30 0.11
C GLU A 58 9.12 -11.41 -1.38
N HIS A 59 9.44 -10.25 -1.99
CA HIS A 59 9.89 -10.11 -3.39
C HIS A 59 8.82 -10.54 -4.40
N ASP A 60 7.55 -10.28 -4.04
CA ASP A 60 6.39 -10.54 -4.90
C ASP A 60 6.26 -9.37 -5.88
N THR A 61 6.88 -9.53 -7.08
CA THR A 61 6.89 -8.51 -8.15
C THR A 61 5.48 -8.04 -8.55
N ASP A 62 4.52 -8.97 -8.60
CA ASP A 62 3.12 -8.68 -8.97
C ASP A 62 2.47 -7.72 -7.99
N GLY A 63 2.53 -8.09 -6.71
CA GLY A 63 1.85 -7.37 -5.63
C GLY A 63 2.51 -6.05 -5.29
N LEU A 64 3.85 -6.01 -5.40
CA LEU A 64 4.64 -4.78 -5.19
C LEU A 64 4.29 -3.75 -6.27
N ARG A 65 4.22 -4.24 -7.53
CA ARG A 65 3.76 -3.45 -8.69
C ARG A 65 2.31 -2.99 -8.48
N ARG A 66 1.48 -3.89 -7.96
CA ARG A 66 0.04 -3.70 -7.78
C ARG A 66 -0.23 -2.57 -6.75
N ALA A 67 0.58 -2.61 -5.68
CA ALA A 67 0.54 -1.62 -4.60
C ALA A 67 1.18 -0.30 -5.04
N ALA A 68 2.23 -0.40 -5.89
CA ALA A 68 3.02 0.75 -6.39
C ALA A 68 2.19 1.65 -7.31
N LYS A 69 1.51 1.01 -8.27
CA LYS A 69 0.66 1.71 -9.25
C LYS A 69 -0.56 2.31 -8.56
N SER A 70 -1.24 1.49 -7.72
CA SER A 70 -2.45 1.89 -6.98
C SER A 70 -2.15 3.03 -5.98
N LEU A 71 -0.91 3.04 -5.46
CA LEU A 71 -0.38 4.13 -4.59
C LEU A 71 -0.35 5.43 -5.40
N LYS A 72 0.28 5.34 -6.57
CA LYS A 72 0.47 6.47 -7.50
C LYS A 72 -0.87 6.98 -8.07
N GLU A 73 -1.84 6.05 -8.24
CA GLU A 73 -3.21 6.36 -8.70
C GLU A 73 -4.00 7.03 -7.57
N ALA A 74 -3.66 6.66 -6.32
CA ALA A 74 -4.23 7.29 -5.12
C ALA A 74 -3.73 8.74 -4.99
N ILE A 75 -2.46 8.99 -5.39
CA ILE A 75 -1.81 10.32 -5.26
C ILE A 75 -2.54 11.39 -6.09
N THR A 76 -2.85 11.06 -7.34
CA THR A 76 -3.57 11.97 -8.26
C THR A 76 -5.05 12.14 -7.83
N ALA A 77 -5.52 11.23 -6.95
CA ALA A 77 -6.89 11.25 -6.39
C ALA A 77 -6.92 11.83 -4.96
N ILE A 78 -5.75 12.24 -4.42
CA ILE A 78 -5.65 12.88 -3.08
C ILE A 78 -6.25 14.30 -3.13
N PRO A 79 -7.16 14.66 -2.16
CA PRO A 79 -7.53 16.08 -1.91
C PRO A 79 -6.28 16.93 -1.60
N GLU A 80 -5.97 17.90 -2.49
CA GLU A 80 -4.71 18.66 -2.48
C GLU A 80 -4.70 19.75 -1.38
N GLU A 81 -4.52 19.30 -0.13
CA GLU A 81 -4.25 20.15 1.04
C GLU A 81 -3.04 19.54 1.77
N GLU A 82 -3.17 18.23 2.08
CA GLU A 82 -2.05 17.39 2.58
C GLU A 82 -1.76 16.27 1.55
N GLY A 83 -0.79 15.39 1.87
CA GLY A 83 -0.34 14.35 0.95
C GLY A 83 0.35 14.93 -0.27
N ARG A 84 0.00 14.41 -1.47
CA ARG A 84 0.40 14.96 -2.80
C ARG A 84 1.92 14.87 -3.07
N LYS A 85 2.70 15.62 -2.30
CA LYS A 85 4.18 15.60 -2.38
C LYS A 85 4.75 14.47 -1.49
N GLU A 86 4.35 14.50 -0.21
CA GLU A 86 4.89 13.60 0.84
C GLU A 86 4.31 12.19 0.69
N ALA A 87 3.02 12.10 0.35
CA ALA A 87 2.37 10.81 0.10
C ALA A 87 2.86 10.20 -1.21
N LYS A 88 3.29 11.08 -2.16
CA LYS A 88 3.83 10.63 -3.44
C LYS A 88 5.23 10.03 -3.27
N GLU A 89 5.99 10.53 -2.26
CA GLU A 89 7.31 9.98 -1.90
C GLU A 89 7.20 8.46 -1.64
N MET A 90 6.08 8.07 -1.03
CA MET A 90 5.72 6.68 -0.73
C MET A 90 5.45 5.89 -2.03
N ALA A 91 4.77 6.54 -2.99
CA ALA A 91 4.50 5.97 -4.34
C ALA A 91 5.82 5.73 -5.08
N LYS A 92 6.72 6.74 -5.00
CA LYS A 92 8.04 6.71 -5.62
C LYS A 92 8.85 5.54 -5.08
N LYS A 93 8.77 5.33 -3.74
CA LYS A 93 9.46 4.23 -3.03
C LYS A 93 9.05 2.87 -3.60
N ALA A 94 7.74 2.66 -3.69
CA ALA A 94 7.14 1.41 -4.19
C ALA A 94 7.52 1.16 -5.68
N GLU A 95 7.67 2.26 -6.43
CA GLU A 95 8.14 2.23 -7.83
C GLU A 95 9.66 1.94 -7.90
N GLU A 96 10.45 2.50 -6.94
CA GLU A 96 11.93 2.30 -6.87
C GLU A 96 12.25 0.82 -6.67
N TRP A 97 11.52 0.22 -5.73
CA TRP A 97 11.65 -1.18 -5.36
C TRP A 97 11.29 -2.06 -6.56
N LEU A 98 10.19 -1.70 -7.25
CA LEU A 98 9.71 -2.42 -8.44
C LEU A 98 10.76 -2.45 -9.57
N GLN A 99 11.37 -1.28 -9.84
CA GLN A 99 12.45 -1.11 -10.86
C GLN A 99 13.66 -1.99 -10.51
N ALA A 100 13.93 -2.10 -9.21
CA ALA A 100 15.03 -2.90 -8.67
C ALA A 100 14.73 -4.41 -8.75
N GLU A 101 13.42 -4.76 -8.64
CA GLU A 101 12.94 -6.15 -8.77
C GLU A 101 13.03 -6.63 -10.23
N GLN A 102 12.99 -5.69 -11.18
CA GLN A 102 13.17 -6.00 -12.60
C GLN A 102 14.66 -6.26 -12.86
N ASN A 103 15.04 -7.55 -12.82
CA ASN A 103 16.44 -7.98 -13.04
C ASN A 103 16.82 -7.69 -14.52
N ASN A 104 17.52 -6.56 -14.73
CA ASN A 104 17.94 -6.09 -16.06
C ASN A 104 19.48 -6.19 -16.15
N ALA A 1 -17.86 5.50 5.08
CA ALA A 1 -18.36 4.39 5.92
C ALA A 1 -17.27 3.31 6.04
N ASP A 2 -16.45 3.42 7.11
CA ASP A 2 -15.23 2.60 7.31
C ASP A 2 -15.38 1.62 8.49
N GLU A 3 -16.62 1.46 8.97
CA GLU A 3 -16.93 0.65 10.17
C GLU A 3 -16.77 -0.85 9.86
N ASN A 4 -17.17 -1.23 8.63
CA ASN A 4 -16.99 -2.61 8.12
C ASN A 4 -15.56 -2.84 7.60
N ILE A 5 -14.96 -1.77 7.08
CA ILE A 5 -13.61 -1.79 6.49
C ILE A 5 -12.53 -2.01 7.58
N ALA A 6 -12.79 -1.38 8.74
CA ALA A 6 -11.88 -1.40 9.90
C ALA A 6 -11.72 -2.81 10.49
N LYS A 7 -12.73 -3.69 10.29
CA LYS A 7 -12.71 -5.08 10.76
C LYS A 7 -11.58 -5.89 10.07
N PHE A 8 -11.36 -5.58 8.77
CA PHE A 8 -10.34 -6.28 7.94
C PHE A 8 -8.91 -6.00 8.45
N GLU A 9 -8.72 -4.84 9.13
CA GLU A 9 -7.40 -4.40 9.66
C GLU A 9 -6.88 -5.36 10.75
N LYS A 10 -7.80 -6.08 11.43
CA LYS A 10 -7.45 -7.10 12.45
C LYS A 10 -6.71 -8.28 11.82
N ALA A 11 -7.07 -8.62 10.56
CA ALA A 11 -6.46 -9.74 9.81
C ALA A 11 -4.96 -9.51 9.57
N TYR A 12 -4.53 -8.24 9.67
CA TYR A 12 -3.12 -7.87 9.58
C TYR A 12 -2.45 -8.06 10.96
N LYS A 13 -1.49 -9.00 11.03
CA LYS A 13 -0.63 -9.21 12.22
C LYS A 13 0.69 -8.43 12.05
N LYS A 14 1.49 -8.31 13.15
CA LYS A 14 2.63 -7.35 13.27
C LYS A 14 3.55 -7.30 12.01
N ALA A 15 3.82 -8.49 11.43
CA ALA A 15 4.47 -8.67 10.10
C ALA A 15 5.99 -8.41 10.11
N GLU A 16 6.39 -7.19 10.52
CA GLU A 16 7.80 -6.76 10.57
C GLU A 16 8.56 -7.54 11.68
N GLU A 17 7.83 -7.90 12.75
CA GLU A 17 8.39 -8.65 13.90
C GLU A 17 7.29 -9.50 14.60
N LEU A 18 7.16 -10.76 14.17
CA LEU A 18 6.27 -11.76 14.81
C LEU A 18 6.74 -13.19 14.44
N ASN A 19 7.89 -13.28 13.70
CA ASN A 19 8.33 -14.51 13.00
C ASN A 19 7.28 -14.92 11.94
N GLN A 20 6.47 -13.93 11.51
CA GLN A 20 5.37 -14.11 10.56
C GLN A 20 5.39 -12.93 9.58
N GLY A 21 6.01 -13.13 8.40
CA GLY A 21 5.85 -12.23 7.25
C GLY A 21 5.01 -12.91 6.18
N GLU A 22 5.22 -12.55 4.90
CA GLU A 22 4.59 -13.20 3.70
C GLU A 22 3.05 -13.02 3.62
N LEU A 23 2.36 -13.62 4.60
CA LEU A 23 0.90 -13.59 4.77
C LEU A 23 0.33 -12.16 4.63
N MET A 24 0.90 -11.23 5.43
CA MET A 24 0.50 -9.80 5.44
C MET A 24 1.06 -9.03 4.22
N GLY A 25 0.79 -7.72 4.19
CA GLY A 25 1.08 -6.85 3.05
C GLY A 25 -0.14 -6.76 2.15
N ARG A 26 -0.61 -7.95 1.70
CA ARG A 26 -1.79 -8.08 0.85
C ARG A 26 -3.03 -7.47 1.53
N ALA A 27 -3.10 -7.60 2.87
CA ALA A 27 -4.19 -7.04 3.67
C ALA A 27 -4.23 -5.53 3.53
N LEU A 28 -3.10 -4.85 3.80
CA LEU A 28 -3.03 -3.36 3.72
C LEU A 28 -3.42 -2.86 2.31
N TYR A 29 -3.03 -3.62 1.27
CA TYR A 29 -3.38 -3.33 -0.13
C TYR A 29 -4.92 -3.35 -0.33
N ASN A 30 -5.57 -4.48 0.08
CA ASN A 30 -7.01 -4.72 -0.15
C ASN A 30 -7.90 -3.72 0.62
N ILE A 31 -7.53 -3.49 1.89
CA ILE A 31 -8.23 -2.55 2.80
C ILE A 31 -7.99 -1.10 2.31
N GLY A 32 -6.77 -0.85 1.80
CA GLY A 32 -6.38 0.46 1.28
C GLY A 32 -7.24 0.93 0.12
N LEU A 33 -7.61 -0.04 -0.76
CA LEU A 33 -8.54 0.20 -1.88
C LEU A 33 -9.90 0.71 -1.37
N GLU A 34 -10.35 0.13 -0.24
CA GLU A 34 -11.64 0.48 0.39
C GLU A 34 -11.63 1.91 0.95
N LYS A 35 -10.48 2.33 1.53
CA LYS A 35 -10.26 3.72 1.98
C LYS A 35 -10.33 4.69 0.78
N ASN A 36 -9.57 4.32 -0.28
CA ASN A 36 -9.41 5.13 -1.50
C ASN A 36 -10.78 5.38 -2.18
N LYS A 37 -11.62 4.34 -2.16
CA LYS A 37 -12.99 4.35 -2.72
C LYS A 37 -13.88 5.44 -2.08
N MET A 38 -13.72 5.66 -0.77
CA MET A 38 -14.52 6.66 -0.02
C MET A 38 -13.93 8.08 -0.13
N GLY A 39 -12.66 8.15 -0.56
CA GLY A 39 -11.94 9.43 -0.65
C GLY A 39 -10.91 9.60 0.46
N LYS A 40 -10.64 8.52 1.23
CA LYS A 40 -9.55 8.50 2.22
C LYS A 40 -8.23 8.14 1.47
N ALA A 41 -7.88 8.95 0.46
CA ALA A 41 -6.80 8.65 -0.51
C ALA A 41 -5.41 8.83 0.13
N ARG A 42 -5.32 9.73 1.13
CA ARG A 42 -4.12 9.92 1.97
C ARG A 42 -3.85 8.65 2.79
N GLU A 43 -4.90 8.20 3.50
CA GLU A 43 -4.85 7.02 4.37
C GLU A 43 -4.64 5.74 3.55
N ALA A 44 -5.19 5.74 2.33
CA ALA A 44 -5.07 4.62 1.39
C ALA A 44 -3.62 4.47 0.92
N ALA A 45 -3.00 5.61 0.58
CA ALA A 45 -1.61 5.67 0.09
C ALA A 45 -0.64 5.12 1.14
N GLU A 46 -0.94 5.38 2.44
CA GLU A 46 -0.20 4.83 3.58
C GLU A 46 -0.21 3.29 3.54
N TYR A 47 -1.42 2.74 3.35
CA TYR A 47 -1.67 1.29 3.31
C TYR A 47 -0.91 0.62 2.16
N PHE A 48 -0.98 1.23 0.96
CA PHE A 48 -0.31 0.69 -0.25
C PHE A 48 1.22 0.72 -0.12
N PHE A 49 1.73 1.72 0.62
CA PHE A 49 3.17 1.92 0.84
C PHE A 49 3.73 0.84 1.77
N ARG A 50 3.08 0.69 2.93
CA ARG A 50 3.49 -0.27 3.98
C ARG A 50 3.27 -1.71 3.47
N ALA A 51 2.26 -1.88 2.60
CA ALA A 51 2.02 -3.13 1.87
C ALA A 51 3.21 -3.43 0.95
N ALA A 52 3.63 -2.39 0.20
CA ALA A 52 4.74 -2.48 -0.76
C ALA A 52 6.09 -2.78 -0.06
N ILE A 53 6.24 -2.32 1.21
CA ILE A 53 7.40 -2.64 2.07
C ILE A 53 7.49 -4.16 2.30
N VAL A 54 6.33 -4.79 2.60
CA VAL A 54 6.23 -6.24 2.85
C VAL A 54 6.45 -7.00 1.52
N PHE A 55 5.83 -6.52 0.44
CA PHE A 55 5.95 -7.14 -0.91
C PHE A 55 7.40 -7.06 -1.43
N TYR A 56 8.13 -6.05 -1.00
CA TYR A 56 9.53 -5.83 -1.40
C TYR A 56 10.46 -6.86 -0.75
N LYS A 57 10.39 -6.95 0.60
CA LYS A 57 11.22 -7.91 1.38
C LYS A 57 10.84 -9.37 1.08
N GLU A 58 9.55 -9.61 0.77
CA GLU A 58 9.05 -10.94 0.37
C GLU A 58 9.21 -11.15 -1.14
N HIS A 59 9.72 -10.12 -1.84
CA HIS A 59 10.09 -10.16 -3.28
C HIS A 59 8.90 -10.57 -4.18
N ASP A 60 7.70 -10.26 -3.68
CA ASP A 60 6.42 -10.53 -4.34
C ASP A 60 6.17 -9.42 -5.37
N THR A 61 6.77 -9.60 -6.56
CA THR A 61 6.69 -8.67 -7.68
C THR A 61 5.23 -8.38 -8.10
N ASP A 62 4.39 -9.41 -7.99
CA ASP A 62 2.96 -9.37 -8.32
C ASP A 62 2.24 -8.28 -7.52
N GLY A 63 2.39 -8.35 -6.19
CA GLY A 63 1.73 -7.43 -5.27
C GLY A 63 2.37 -6.06 -5.24
N LEU A 64 3.72 -6.02 -5.30
CA LEU A 64 4.50 -4.77 -5.26
C LEU A 64 4.16 -3.87 -6.47
N ARG A 65 4.04 -4.51 -7.65
CA ARG A 65 3.74 -3.82 -8.93
C ARG A 65 2.33 -3.20 -8.89
N ARG A 66 1.38 -4.01 -8.40
CA ARG A 66 -0.04 -3.64 -8.35
C ARG A 66 -0.30 -2.62 -7.22
N ALA A 67 0.50 -2.70 -6.15
CA ALA A 67 0.45 -1.76 -5.01
C ALA A 67 1.09 -0.41 -5.41
N ALA A 68 2.11 -0.46 -6.29
CA ALA A 68 2.77 0.74 -6.85
C ALA A 68 1.81 1.51 -7.76
N LYS A 69 1.05 0.73 -8.56
CA LYS A 69 -0.05 1.22 -9.40
C LYS A 69 -1.12 1.93 -8.54
N SER A 70 -1.61 1.23 -7.50
CA SER A 70 -2.67 1.74 -6.62
C SER A 70 -2.19 2.93 -5.76
N LEU A 71 -0.88 2.95 -5.44
CA LEU A 71 -0.26 4.00 -4.61
C LEU A 71 -0.38 5.36 -5.31
N LYS A 72 0.13 5.42 -6.56
CA LYS A 72 0.18 6.67 -7.35
C LYS A 72 -1.22 7.17 -7.74
N GLU A 73 -2.13 6.23 -8.04
CA GLU A 73 -3.51 6.54 -8.47
C GLU A 73 -4.37 6.99 -7.28
N ALA A 74 -3.97 6.59 -6.05
CA ALA A 74 -4.57 7.11 -4.80
C ALA A 74 -4.06 8.55 -4.53
N ILE A 75 -2.80 8.80 -4.86
CA ILE A 75 -2.14 10.11 -4.63
C ILE A 75 -2.68 11.19 -5.58
N THR A 76 -2.94 10.81 -6.84
CA THR A 76 -3.57 11.71 -7.82
C THR A 76 -5.04 11.97 -7.45
N ALA A 77 -5.60 11.12 -6.56
CA ALA A 77 -6.93 11.31 -6.00
C ALA A 77 -6.90 12.23 -4.76
N ILE A 78 -5.72 12.38 -4.14
CA ILE A 78 -5.51 13.39 -3.07
C ILE A 78 -5.44 14.78 -3.74
N PRO A 79 -6.26 15.80 -3.31
CA PRO A 79 -6.18 17.16 -3.88
C PRO A 79 -4.81 17.83 -3.64
N GLU A 80 -4.52 18.25 -2.38
CA GLU A 80 -3.28 18.98 -2.02
C GLU A 80 -2.74 18.48 -0.66
N GLU A 81 -3.65 18.40 0.35
CA GLU A 81 -3.29 18.14 1.75
C GLU A 81 -2.67 16.75 1.96
N GLU A 82 -1.37 16.75 2.33
CA GLU A 82 -0.56 15.54 2.57
C GLU A 82 -0.50 14.61 1.34
N GLY A 83 -0.68 15.22 0.16
CA GLY A 83 -0.51 14.56 -1.12
C GLY A 83 0.12 15.52 -2.11
N ARG A 84 0.16 15.13 -3.40
CA ARG A 84 0.68 15.99 -4.51
C ARG A 84 2.22 16.26 -4.38
N LYS A 85 2.82 15.79 -3.26
CA LYS A 85 4.20 16.07 -2.86
C LYS A 85 4.56 15.14 -1.68
N GLU A 86 3.78 15.26 -0.57
CA GLU A 86 4.04 14.55 0.71
C GLU A 86 3.92 13.02 0.54
N ALA A 87 2.67 12.52 0.35
CA ALA A 87 2.41 11.10 0.07
C ALA A 87 2.97 10.68 -1.29
N LYS A 88 3.13 11.67 -2.20
CA LYS A 88 3.50 11.46 -3.61
C LYS A 88 4.85 10.74 -3.77
N GLU A 89 5.78 11.02 -2.83
CA GLU A 89 7.13 10.42 -2.80
C GLU A 89 7.07 8.88 -2.64
N MET A 90 6.02 8.41 -1.93
CA MET A 90 5.81 6.97 -1.67
C MET A 90 5.52 6.20 -2.97
N ALA A 91 4.82 6.86 -3.93
CA ALA A 91 4.59 6.29 -5.27
C ALA A 91 5.93 5.95 -5.94
N LYS A 92 6.87 6.93 -5.91
CA LYS A 92 8.23 6.79 -6.44
C LYS A 92 8.96 5.62 -5.75
N LYS A 93 8.80 5.54 -4.41
CA LYS A 93 9.45 4.51 -3.57
C LYS A 93 9.11 3.09 -4.05
N ALA A 94 7.80 2.83 -4.21
CA ALA A 94 7.28 1.52 -4.63
C ALA A 94 7.78 1.12 -6.03
N GLU A 95 7.98 2.14 -6.89
CA GLU A 95 8.49 1.96 -8.26
C GLU A 95 10.01 1.69 -8.27
N GLU A 96 10.76 2.35 -7.35
CA GLU A 96 12.22 2.15 -7.19
C GLU A 96 12.49 0.71 -6.75
N TRP A 97 11.64 0.23 -5.83
CA TRP A 97 11.65 -1.13 -5.33
C TRP A 97 11.30 -2.11 -6.46
N LEU A 98 10.30 -1.73 -7.27
CA LEU A 98 9.78 -2.53 -8.39
C LEU A 98 10.87 -2.73 -9.47
N GLN A 99 11.76 -1.75 -9.62
CA GLN A 99 12.92 -1.84 -10.52
C GLN A 99 13.91 -2.90 -10.01
N ALA A 100 14.25 -2.82 -8.71
CA ALA A 100 15.18 -3.77 -8.05
C ALA A 100 14.67 -5.23 -8.16
N GLU A 101 13.35 -5.36 -8.25
CA GLU A 101 12.68 -6.65 -8.41
C GLU A 101 12.63 -7.11 -9.89
N GLN A 102 12.40 -6.17 -10.81
CA GLN A 102 12.29 -6.45 -12.25
C GLN A 102 12.78 -5.25 -13.07
N ASN A 103 13.92 -5.45 -13.79
CA ASN A 103 14.55 -4.44 -14.67
C ASN A 103 15.02 -3.19 -13.88
N ASN A 104 16.17 -3.31 -13.20
CA ASN A 104 16.81 -2.22 -12.41
C ASN A 104 17.91 -1.50 -13.23
N ALA A 1 -20.39 2.85 6.39
CA ALA A 1 -20.20 1.47 5.89
C ALA A 1 -18.74 0.98 6.03
N ASP A 2 -17.88 1.77 6.71
CA ASP A 2 -16.43 1.48 6.80
C ASP A 2 -16.10 0.45 7.90
N GLU A 3 -17.15 -0.12 8.53
CA GLU A 3 -17.04 -1.23 9.51
C GLU A 3 -16.29 -2.44 8.87
N ASN A 4 -16.52 -2.64 7.56
CA ASN A 4 -15.85 -3.69 6.76
C ASN A 4 -14.33 -3.47 6.67
N ILE A 5 -13.95 -2.19 6.47
CA ILE A 5 -12.53 -1.76 6.40
C ILE A 5 -11.87 -1.96 7.77
N ALA A 6 -12.57 -1.49 8.81
CA ALA A 6 -12.13 -1.55 10.21
C ALA A 6 -12.02 -3.01 10.71
N LYS A 7 -12.84 -3.91 10.12
CA LYS A 7 -12.78 -5.36 10.37
C LYS A 7 -11.42 -5.92 9.95
N PHE A 8 -11.00 -5.53 8.73
CA PHE A 8 -9.72 -5.97 8.13
C PHE A 8 -8.54 -5.48 8.98
N GLU A 9 -8.57 -4.18 9.34
CA GLU A 9 -7.52 -3.52 10.16
C GLU A 9 -7.40 -4.14 11.56
N LYS A 10 -8.54 -4.61 12.09
CA LYS A 10 -8.62 -5.26 13.41
C LYS A 10 -8.10 -6.71 13.35
N ALA A 11 -8.27 -7.34 12.17
CA ALA A 11 -7.84 -8.74 11.94
C ALA A 11 -6.44 -8.81 11.28
N TYR A 12 -5.88 -7.65 10.89
CA TYR A 12 -4.57 -7.55 10.24
C TYR A 12 -3.60 -6.70 11.09
N LYS A 13 -2.45 -7.29 11.45
CA LYS A 13 -1.33 -6.60 12.13
C LYS A 13 0.02 -7.19 11.63
N LYS A 14 1.12 -6.84 12.36
CA LYS A 14 2.48 -7.45 12.25
C LYS A 14 3.25 -7.00 11.00
N ALA A 15 2.76 -7.38 9.83
CA ALA A 15 3.41 -7.09 8.53
C ALA A 15 3.47 -5.56 8.25
N GLU A 16 4.70 -5.07 8.08
CA GLU A 16 5.01 -3.68 7.71
C GLU A 16 6.51 -3.63 7.41
N GLU A 17 7.31 -3.98 8.43
CA GLU A 17 8.77 -4.09 8.35
C GLU A 17 9.24 -5.42 8.98
N LEU A 18 8.40 -5.97 9.90
CA LEU A 18 8.67 -7.24 10.61
C LEU A 18 8.79 -8.36 9.56
N ASN A 19 9.84 -9.18 9.70
CA ASN A 19 10.19 -10.22 8.73
C ASN A 19 9.19 -11.41 8.80
N GLN A 20 8.01 -11.19 8.19
CA GLN A 20 6.94 -12.18 8.05
C GLN A 20 5.89 -11.66 7.04
N GLY A 21 6.03 -12.10 5.79
CA GLY A 21 5.04 -11.83 4.74
C GLY A 21 4.61 -13.13 4.06
N GLU A 22 3.97 -13.03 2.86
CA GLU A 22 3.36 -14.18 2.13
C GLU A 22 2.33 -14.90 3.05
N LEU A 23 1.76 -14.09 3.94
CA LEU A 23 0.77 -14.47 4.96
C LEU A 23 -0.17 -13.28 5.08
N MET A 24 0.48 -12.12 5.21
CA MET A 24 -0.14 -10.81 5.44
C MET A 24 0.41 -9.82 4.39
N GLY A 25 -0.15 -8.59 4.39
CA GLY A 25 0.27 -7.53 3.47
C GLY A 25 -0.64 -7.41 2.27
N ARG A 26 -1.11 -8.58 1.79
CA ARG A 26 -2.10 -8.67 0.71
C ARG A 26 -3.46 -8.14 1.21
N ALA A 27 -3.76 -8.46 2.50
CA ALA A 27 -4.94 -7.93 3.21
C ALA A 27 -4.92 -6.40 3.26
N LEU A 28 -3.73 -5.84 3.56
CA LEU A 28 -3.49 -4.39 3.71
C LEU A 28 -3.87 -3.65 2.41
N TYR A 29 -3.48 -4.26 1.28
CA TYR A 29 -3.73 -3.73 -0.06
C TYR A 29 -5.24 -3.51 -0.30
N ASN A 30 -6.08 -4.47 0.15
CA ASN A 30 -7.55 -4.38 0.01
C ASN A 30 -8.12 -3.23 0.89
N ILE A 31 -7.56 -3.09 2.12
CA ILE A 31 -7.97 -2.03 3.08
C ILE A 31 -7.81 -0.63 2.44
N GLY A 32 -6.64 -0.45 1.80
CA GLY A 32 -6.30 0.78 1.13
C GLY A 32 -7.22 1.10 -0.05
N LEU A 33 -7.58 0.05 -0.83
CA LEU A 33 -8.50 0.17 -1.99
C LEU A 33 -9.85 0.76 -1.52
N GLU A 34 -10.42 0.13 -0.48
CA GLU A 34 -11.74 0.49 0.05
C GLU A 34 -11.76 1.92 0.63
N LYS A 35 -10.64 2.32 1.26
CA LYS A 35 -10.45 3.68 1.79
C LYS A 35 -10.43 4.73 0.65
N ASN A 36 -9.64 4.46 -0.40
CA ASN A 36 -9.51 5.36 -1.58
C ASN A 36 -10.88 5.55 -2.29
N LYS A 37 -11.69 4.49 -2.25
CA LYS A 37 -13.06 4.48 -2.83
C LYS A 37 -14.03 5.37 -2.05
N MET A 38 -13.77 5.60 -0.74
CA MET A 38 -14.59 6.50 0.11
C MET A 38 -14.05 7.94 0.08
N GLY A 39 -12.81 8.11 -0.41
CA GLY A 39 -12.14 9.43 -0.42
C GLY A 39 -11.06 9.56 0.63
N LYS A 40 -10.75 8.44 1.32
CA LYS A 40 -9.67 8.37 2.33
C LYS A 40 -8.35 7.95 1.65
N ALA A 41 -8.06 8.61 0.51
CA ALA A 41 -6.90 8.32 -0.34
C ALA A 41 -5.58 8.69 0.35
N ARG A 42 -5.65 9.62 1.33
CA ARG A 42 -4.52 10.01 2.17
C ARG A 42 -4.02 8.81 3.00
N GLU A 43 -4.97 8.13 3.68
CA GLU A 43 -4.69 6.89 4.42
C GLU A 43 -4.22 5.81 3.45
N ALA A 44 -4.98 5.67 2.34
CA ALA A 44 -4.75 4.65 1.32
C ALA A 44 -3.32 4.69 0.75
N ALA A 45 -2.77 5.91 0.59
CA ALA A 45 -1.39 6.11 0.09
C ALA A 45 -0.36 5.47 1.04
N GLU A 46 -0.50 5.77 2.36
CA GLU A 46 0.32 5.17 3.43
C GLU A 46 0.20 3.63 3.44
N TYR A 47 -1.00 3.14 3.09
CA TYR A 47 -1.37 1.72 3.13
C TYR A 47 -0.79 0.93 1.96
N PHE A 48 -0.74 1.55 0.77
CA PHE A 48 -0.13 0.92 -0.43
C PHE A 48 1.39 0.98 -0.35
N PHE A 49 1.91 1.96 0.41
CA PHE A 49 3.33 2.08 0.70
C PHE A 49 3.79 0.93 1.60
N ARG A 50 3.06 0.75 2.72
CA ARG A 50 3.29 -0.34 3.68
C ARG A 50 3.14 -1.71 3.00
N ALA A 51 2.07 -1.88 2.19
CA ALA A 51 1.82 -3.11 1.42
C ALA A 51 3.00 -3.39 0.48
N ALA A 52 3.46 -2.31 -0.21
CA ALA A 52 4.59 -2.37 -1.15
C ALA A 52 5.88 -2.87 -0.46
N ILE A 53 6.10 -2.45 0.81
CA ILE A 53 7.26 -2.90 1.61
C ILE A 53 7.16 -4.42 1.90
N VAL A 54 5.95 -4.89 2.30
CA VAL A 54 5.72 -6.32 2.67
C VAL A 54 5.98 -7.25 1.46
N PHE A 55 5.43 -6.87 0.30
CA PHE A 55 5.60 -7.63 -0.97
C PHE A 55 7.07 -7.62 -1.42
N TYR A 56 7.67 -6.42 -1.39
CA TYR A 56 9.10 -6.22 -1.71
C TYR A 56 10.03 -7.04 -0.79
N LYS A 57 9.64 -7.13 0.49
CA LYS A 57 10.39 -7.86 1.53
C LYS A 57 10.36 -9.39 1.25
N GLU A 58 9.26 -9.86 0.64
CA GLU A 58 9.13 -11.26 0.16
C GLU A 58 9.66 -11.41 -1.27
N HIS A 59 9.95 -10.26 -1.90
CA HIS A 59 10.44 -10.16 -3.29
C HIS A 59 9.36 -10.56 -4.30
N ASP A 60 8.09 -10.47 -3.86
CA ASP A 60 6.91 -10.75 -4.68
C ASP A 60 6.64 -9.54 -5.59
N THR A 61 7.15 -9.64 -6.81
CA THR A 61 7.16 -8.55 -7.80
C THR A 61 5.75 -8.08 -8.17
N ASP A 62 4.81 -9.04 -8.29
CA ASP A 62 3.45 -8.74 -8.77
C ASP A 62 2.64 -7.96 -7.73
N GLY A 63 2.82 -8.29 -6.45
CA GLY A 63 2.13 -7.57 -5.38
C GLY A 63 2.67 -6.17 -5.22
N LEU A 64 4.01 -6.06 -5.27
CA LEU A 64 4.74 -4.78 -5.25
C LEU A 64 4.33 -3.89 -6.44
N ARG A 65 4.11 -4.55 -7.59
CA ARG A 65 3.69 -3.92 -8.86
C ARG A 65 2.28 -3.34 -8.74
N ARG A 66 1.39 -4.13 -8.11
CA ARG A 66 0.00 -3.71 -7.86
C ARG A 66 -0.05 -2.56 -6.85
N ALA A 67 0.77 -2.65 -5.79
CA ALA A 67 0.82 -1.66 -4.70
C ALA A 67 1.48 -0.35 -5.17
N ALA A 68 2.42 -0.46 -6.12
CA ALA A 68 3.18 0.68 -6.66
C ALA A 68 2.30 1.59 -7.53
N LYS A 69 1.56 0.96 -8.46
CA LYS A 69 0.58 1.66 -9.30
C LYS A 69 -0.60 2.17 -8.45
N SER A 70 -1.07 1.33 -7.52
CA SER A 70 -2.21 1.67 -6.65
C SER A 70 -1.86 2.83 -5.70
N LEU A 71 -0.56 2.95 -5.35
CA LEU A 71 -0.04 4.03 -4.48
C LEU A 71 -0.34 5.39 -5.13
N LYS A 72 0.09 5.55 -6.41
CA LYS A 72 -0.12 6.80 -7.17
C LYS A 72 -1.61 7.02 -7.54
N GLU A 73 -2.38 5.91 -7.67
CA GLU A 73 -3.84 5.95 -7.90
C GLU A 73 -4.57 6.54 -6.68
N ALA A 74 -4.04 6.29 -5.48
CA ALA A 74 -4.51 6.93 -4.25
C ALA A 74 -4.12 8.42 -4.26
N ILE A 75 -2.85 8.69 -4.59
CA ILE A 75 -2.26 10.05 -4.55
C ILE A 75 -2.95 11.06 -5.48
N THR A 76 -3.25 10.63 -6.71
CA THR A 76 -3.94 11.48 -7.70
C THR A 76 -5.40 11.73 -7.29
N ALA A 77 -5.91 10.86 -6.40
CA ALA A 77 -7.28 10.95 -5.84
C ALA A 77 -7.30 11.66 -4.47
N ILE A 78 -6.12 11.88 -3.85
CA ILE A 78 -6.00 12.66 -2.58
C ILE A 78 -6.44 14.12 -2.85
N PRO A 79 -7.31 14.74 -1.98
CA PRO A 79 -7.66 16.18 -2.09
C PRO A 79 -6.44 17.09 -1.78
N GLU A 80 -6.69 18.37 -1.49
CA GLU A 80 -5.63 19.36 -1.18
C GLU A 80 -4.79 18.92 0.04
N GLU A 81 -5.51 18.50 1.12
CA GLU A 81 -4.93 17.80 2.28
C GLU A 81 -3.83 18.62 3.02
N GLU A 82 -3.14 17.95 3.94
CA GLU A 82 -1.93 18.46 4.61
C GLU A 82 -0.70 17.65 4.12
N GLY A 83 -0.90 16.33 3.94
CA GLY A 83 0.18 15.41 3.56
C GLY A 83 0.04 14.86 2.15
N ARG A 84 -0.26 15.74 1.18
CA ARG A 84 -0.44 15.35 -0.23
C ARG A 84 0.93 15.06 -0.89
N LYS A 85 1.86 15.99 -0.66
CA LYS A 85 3.21 16.02 -1.29
C LYS A 85 4.11 14.88 -0.78
N GLU A 86 4.08 14.63 0.54
CA GLU A 86 4.89 13.54 1.18
C GLU A 86 4.40 12.17 0.71
N ALA A 87 3.08 12.03 0.54
CA ALA A 87 2.45 10.82 0.02
C ALA A 87 2.84 10.61 -1.45
N LYS A 88 2.88 11.72 -2.22
CA LYS A 88 3.26 11.72 -3.65
C LYS A 88 4.71 11.21 -3.82
N GLU A 89 5.56 11.60 -2.86
CA GLU A 89 7.00 11.27 -2.83
C GLU A 89 7.22 9.74 -2.61
N MET A 90 6.28 9.11 -1.90
CA MET A 90 6.31 7.65 -1.60
C MET A 90 6.14 6.78 -2.85
N ALA A 91 5.34 7.26 -3.82
CA ALA A 91 5.06 6.53 -5.09
C ALA A 91 6.37 6.13 -5.80
N LYS A 92 7.40 6.99 -5.67
CA LYS A 92 8.72 6.78 -6.28
C LYS A 92 9.42 5.53 -5.68
N LYS A 93 9.27 5.35 -4.34
CA LYS A 93 9.91 4.22 -3.60
C LYS A 93 9.43 2.87 -4.14
N ALA A 94 8.09 2.71 -4.21
CA ALA A 94 7.45 1.45 -4.65
C ALA A 94 7.83 1.09 -6.09
N GLU A 95 8.07 2.13 -6.90
CA GLU A 95 8.53 1.99 -8.30
C GLU A 95 10.02 1.63 -8.39
N GLU A 96 10.86 2.23 -7.51
CA GLU A 96 12.33 1.97 -7.50
C GLU A 96 12.61 0.55 -6.99
N TRP A 97 11.79 0.10 -6.05
CA TRP A 97 11.80 -1.28 -5.58
C TRP A 97 11.46 -2.22 -6.74
N LEU A 98 10.40 -1.86 -7.50
CA LEU A 98 9.91 -2.65 -8.64
C LEU A 98 10.96 -2.76 -9.77
N GLN A 99 11.71 -1.66 -10.01
CA GLN A 99 12.77 -1.61 -11.05
C GLN A 99 13.97 -2.50 -10.65
N ALA A 100 14.31 -2.47 -9.35
CA ALA A 100 15.43 -3.25 -8.80
C ALA A 100 15.07 -4.75 -8.70
N GLU A 101 13.76 -5.04 -8.54
CA GLU A 101 13.22 -6.41 -8.53
C GLU A 101 13.26 -7.03 -9.93
N GLN A 102 12.85 -6.24 -10.94
CA GLN A 102 12.75 -6.71 -12.34
C GLN A 102 14.08 -6.50 -13.08
N ASN A 103 14.96 -7.51 -12.97
CA ASN A 103 16.31 -7.53 -13.61
C ASN A 103 16.28 -8.24 -14.97
N ASN A 104 17.39 -8.13 -15.73
CA ASN A 104 17.57 -8.80 -17.04
C ASN A 104 18.70 -9.85 -16.90
N ALA A 1 -18.77 6.01 8.45
CA ALA A 1 -18.99 4.55 8.57
C ALA A 1 -17.86 3.81 7.82
N ASP A 2 -17.10 2.97 8.54
CA ASP A 2 -15.92 2.24 8.01
C ASP A 2 -15.55 1.05 8.92
N GLU A 3 -16.59 0.34 9.41
CA GLU A 3 -16.44 -0.86 10.26
C GLU A 3 -15.81 -2.03 9.45
N ASN A 4 -16.07 -2.05 8.12
CA ASN A 4 -15.53 -3.07 7.18
C ASN A 4 -13.99 -3.00 7.10
N ILE A 5 -13.47 -1.78 7.28
CA ILE A 5 -12.03 -1.51 7.36
C ILE A 5 -11.46 -2.07 8.68
N ALA A 6 -12.12 -1.71 9.80
CA ALA A 6 -11.78 -2.20 11.16
C ALA A 6 -11.84 -3.75 11.24
N LYS A 7 -12.67 -4.32 10.35
CA LYS A 7 -12.86 -5.77 10.19
C LYS A 7 -11.60 -6.41 9.54
N PHE A 8 -11.09 -5.76 8.48
CA PHE A 8 -9.87 -6.22 7.76
C PHE A 8 -8.59 -5.95 8.60
N GLU A 9 -8.66 -4.95 9.51
CA GLU A 9 -7.60 -4.63 10.48
C GLU A 9 -7.32 -5.84 11.40
N LYS A 10 -8.41 -6.54 11.78
CA LYS A 10 -8.34 -7.76 12.62
C LYS A 10 -7.60 -8.91 11.88
N ALA A 11 -7.64 -8.86 10.54
CA ALA A 11 -7.01 -9.89 9.67
C ALA A 11 -5.51 -9.64 9.49
N TYR A 12 -5.03 -8.45 9.93
CA TYR A 12 -3.61 -8.06 9.79
C TYR A 12 -2.95 -7.95 11.19
N LYS A 13 -1.71 -8.45 11.33
CA LYS A 13 -0.98 -8.49 12.62
C LYS A 13 0.52 -8.16 12.41
N LYS A 14 0.81 -6.98 11.78
CA LYS A 14 2.19 -6.43 11.55
C LYS A 14 3.18 -7.47 10.96
N ALA A 15 3.37 -7.41 9.62
CA ALA A 15 4.04 -8.46 8.84
C ALA A 15 5.57 -8.42 8.91
N GLU A 16 6.11 -8.87 10.07
CA GLU A 16 7.57 -8.98 10.32
C GLU A 16 7.84 -9.61 11.71
N GLU A 17 6.82 -9.56 12.62
CA GLU A 17 6.92 -10.10 14.00
C GLU A 17 7.17 -11.63 13.97
N LEU A 18 6.31 -12.33 13.23
CA LEU A 18 6.38 -13.79 13.06
C LEU A 18 7.31 -14.19 11.89
N ASN A 19 8.03 -13.18 11.34
CA ASN A 19 8.99 -13.33 10.21
C ASN A 19 8.28 -13.91 8.96
N GLN A 20 6.98 -13.60 8.85
CA GLN A 20 6.08 -14.09 7.78
C GLN A 20 5.24 -12.93 7.24
N GLY A 21 5.77 -12.22 6.24
CA GLY A 21 5.04 -11.16 5.55
C GLY A 21 4.17 -11.71 4.42
N GLU A 22 4.48 -12.96 4.00
CA GLU A 22 3.71 -13.70 2.97
C GLU A 22 2.21 -13.79 3.33
N LEU A 23 1.94 -13.95 4.63
CA LEU A 23 0.57 -14.11 5.17
C LEU A 23 -0.22 -12.77 5.18
N MET A 24 0.51 -11.66 5.08
CA MET A 24 -0.03 -10.30 5.18
C MET A 24 0.49 -9.43 4.01
N GLY A 25 0.55 -8.10 4.19
CA GLY A 25 0.82 -7.14 3.12
C GLY A 25 -0.43 -6.84 2.29
N ARG A 26 -0.99 -7.91 1.69
CA ARG A 26 -2.16 -7.85 0.80
C ARG A 26 -3.40 -7.31 1.54
N ALA A 27 -3.49 -7.58 2.85
CA ALA A 27 -4.62 -7.12 3.68
C ALA A 27 -4.62 -5.58 3.79
N LEU A 28 -3.44 -4.95 4.08
CA LEU A 28 -3.32 -3.45 4.08
C LEU A 28 -3.65 -2.87 2.70
N TYR A 29 -3.35 -3.64 1.64
CA TYR A 29 -3.67 -3.28 0.24
C TYR A 29 -5.20 -3.17 0.06
N ASN A 30 -5.95 -4.19 0.54
CA ASN A 30 -7.44 -4.23 0.46
C ASN A 30 -8.07 -3.11 1.30
N ILE A 31 -7.46 -2.84 2.47
CA ILE A 31 -7.87 -1.76 3.38
C ILE A 31 -7.68 -0.39 2.70
N GLY A 32 -6.52 -0.25 2.03
CA GLY A 32 -6.18 0.97 1.29
C GLY A 32 -7.16 1.25 0.16
N LEU A 33 -7.59 0.15 -0.53
CA LEU A 33 -8.58 0.22 -1.61
C LEU A 33 -9.88 0.86 -1.11
N GLU A 34 -10.30 0.47 0.11
CA GLU A 34 -11.51 1.02 0.77
C GLU A 34 -11.42 2.55 0.92
N LYS A 35 -10.25 3.03 1.44
CA LYS A 35 -9.97 4.47 1.63
C LYS A 35 -10.04 5.21 0.27
N ASN A 36 -9.33 4.66 -0.72
CA ASN A 36 -9.15 5.26 -2.06
C ASN A 36 -10.50 5.48 -2.75
N LYS A 37 -11.38 4.46 -2.65
CA LYS A 37 -12.71 4.46 -3.27
C LYS A 37 -13.66 5.47 -2.58
N MET A 38 -13.42 5.74 -1.28
CA MET A 38 -14.22 6.70 -0.50
C MET A 38 -13.67 8.13 -0.58
N GLY A 39 -12.46 8.28 -1.14
CA GLY A 39 -11.80 9.59 -1.27
C GLY A 39 -10.83 9.90 -0.12
N LYS A 40 -10.65 8.92 0.77
CA LYS A 40 -9.69 8.98 1.90
C LYS A 40 -8.29 8.52 1.42
N ALA A 41 -7.95 8.93 0.18
CA ALA A 41 -6.84 8.37 -0.59
C ALA A 41 -5.45 8.73 -0.02
N ARG A 42 -5.39 9.75 0.87
CA ARG A 42 -4.15 10.12 1.60
C ARG A 42 -3.73 8.96 2.52
N GLU A 43 -4.72 8.42 3.27
CA GLU A 43 -4.49 7.26 4.15
C GLU A 43 -4.24 6.02 3.30
N ALA A 44 -5.00 5.89 2.18
CA ALA A 44 -4.88 4.78 1.22
C ALA A 44 -3.44 4.62 0.73
N ALA A 45 -2.81 5.77 0.42
CA ALA A 45 -1.43 5.84 -0.05
C ALA A 45 -0.46 5.22 0.97
N GLU A 46 -0.72 5.47 2.27
CA GLU A 46 0.05 4.90 3.40
C GLU A 46 -0.08 3.37 3.43
N TYR A 47 -1.32 2.87 3.25
CA TYR A 47 -1.65 1.44 3.29
C TYR A 47 -1.00 0.67 2.12
N PHE A 48 -1.07 1.28 0.92
CA PHE A 48 -0.46 0.71 -0.31
C PHE A 48 1.07 0.73 -0.22
N PHE A 49 1.60 1.74 0.50
CA PHE A 49 3.04 1.94 0.70
C PHE A 49 3.61 0.83 1.59
N ARG A 50 2.97 0.63 2.76
CA ARG A 50 3.40 -0.38 3.76
C ARG A 50 3.18 -1.79 3.22
N ALA A 51 2.10 -1.96 2.42
CA ALA A 51 1.82 -3.20 1.69
C ALA A 51 2.97 -3.50 0.72
N ALA A 52 3.41 -2.44 -0.01
CA ALA A 52 4.50 -2.52 -1.00
C ALA A 52 5.84 -2.88 -0.32
N ILE A 53 6.06 -2.36 0.91
CA ILE A 53 7.26 -2.68 1.72
C ILE A 53 7.30 -4.19 2.06
N VAL A 54 6.12 -4.75 2.40
CA VAL A 54 5.98 -6.18 2.71
C VAL A 54 6.19 -7.04 1.45
N PHE A 55 5.53 -6.66 0.34
CA PHE A 55 5.66 -7.37 -0.97
C PHE A 55 7.11 -7.36 -1.47
N TYR A 56 7.85 -6.28 -1.16
CA TYR A 56 9.24 -6.10 -1.59
C TYR A 56 10.20 -7.04 -0.83
N LYS A 57 10.12 -7.00 0.52
CA LYS A 57 10.97 -7.83 1.42
C LYS A 57 10.67 -9.35 1.26
N GLU A 58 9.42 -9.69 0.91
CA GLU A 58 9.02 -11.09 0.62
C GLU A 58 9.32 -11.46 -0.84
N HIS A 59 9.66 -10.42 -1.65
CA HIS A 59 10.04 -10.54 -3.06
C HIS A 59 8.88 -11.04 -3.95
N ASP A 60 7.67 -10.69 -3.52
CA ASP A 60 6.44 -10.87 -4.31
C ASP A 60 6.30 -9.64 -5.23
N THR A 61 6.97 -9.72 -6.40
CA THR A 61 7.08 -8.63 -7.36
C THR A 61 5.70 -8.19 -7.91
N ASP A 62 4.85 -9.18 -8.24
CA ASP A 62 3.53 -8.93 -8.86
C ASP A 62 2.60 -8.14 -7.91
N GLY A 63 2.66 -8.48 -6.62
CA GLY A 63 1.91 -7.75 -5.59
C GLY A 63 2.44 -6.34 -5.40
N LEU A 64 3.78 -6.20 -5.48
CA LEU A 64 4.47 -4.90 -5.42
C LEU A 64 4.06 -4.02 -6.61
N ARG A 65 3.83 -4.65 -7.80
CA ARG A 65 3.35 -3.96 -9.01
C ARG A 65 1.95 -3.38 -8.78
N ARG A 66 1.07 -4.22 -8.20
CA ARG A 66 -0.34 -3.90 -7.98
C ARG A 66 -0.48 -2.83 -6.87
N ALA A 67 0.44 -2.91 -5.87
CA ALA A 67 0.48 -1.98 -4.74
C ALA A 67 1.05 -0.63 -5.17
N ALA A 68 2.05 -0.66 -6.08
CA ALA A 68 2.71 0.55 -6.63
C ALA A 68 1.75 1.33 -7.53
N LYS A 69 1.01 0.59 -8.38
CA LYS A 69 0.02 1.16 -9.30
C LYS A 69 -1.09 1.87 -8.52
N SER A 70 -1.69 1.15 -7.56
CA SER A 70 -2.81 1.64 -6.77
C SER A 70 -2.37 2.75 -5.81
N LEU A 71 -1.07 2.73 -5.39
CA LEU A 71 -0.46 3.82 -4.60
C LEU A 71 -0.55 5.13 -5.39
N LYS A 72 -0.10 5.07 -6.66
CA LYS A 72 -0.04 6.24 -7.57
C LYS A 72 -1.46 6.69 -8.00
N GLU A 73 -2.38 5.71 -8.11
CA GLU A 73 -3.81 5.97 -8.40
C GLU A 73 -4.46 6.66 -7.20
N ALA A 74 -3.98 6.32 -5.99
CA ALA A 74 -4.39 6.96 -4.76
C ALA A 74 -3.86 8.40 -4.70
N ILE A 75 -2.60 8.62 -5.17
CA ILE A 75 -1.93 9.95 -5.14
C ILE A 75 -2.71 10.99 -5.95
N THR A 76 -3.09 10.58 -7.17
CA THR A 76 -3.87 11.41 -8.09
C THR A 76 -5.32 11.62 -7.54
N ALA A 77 -5.73 10.77 -6.60
CA ALA A 77 -7.04 10.84 -5.94
C ALA A 77 -6.95 11.52 -4.54
N ILE A 78 -5.70 11.76 -4.03
CA ILE A 78 -5.50 12.46 -2.73
C ILE A 78 -5.90 13.93 -2.88
N PRO A 79 -6.73 14.49 -1.94
CA PRO A 79 -6.95 15.95 -1.84
C PRO A 79 -5.62 16.71 -1.66
N GLU A 80 -5.41 17.78 -2.43
CA GLU A 80 -4.16 18.57 -2.42
C GLU A 80 -4.14 19.58 -1.22
N GLU A 81 -4.46 19.06 -0.02
CA GLU A 81 -4.47 19.84 1.23
C GLU A 81 -3.03 20.24 1.58
N GLU A 82 -2.18 19.24 1.81
CA GLU A 82 -0.79 19.45 2.24
C GLU A 82 0.01 18.17 1.93
N GLY A 83 -0.41 17.05 2.56
CA GLY A 83 0.34 15.80 2.57
C GLY A 83 0.30 14.99 1.27
N ARG A 84 -0.35 15.55 0.23
CA ARG A 84 -0.33 14.98 -1.14
C ARG A 84 1.12 14.96 -1.66
N LYS A 85 1.92 15.93 -1.17
CA LYS A 85 3.35 16.07 -1.48
C LYS A 85 4.17 14.85 -0.99
N GLU A 86 4.14 14.59 0.33
CA GLU A 86 4.96 13.53 0.96
C GLU A 86 4.48 12.13 0.53
N ALA A 87 3.18 12.02 0.28
CA ALA A 87 2.55 10.78 -0.17
C ALA A 87 3.00 10.44 -1.61
N LYS A 88 3.20 11.49 -2.43
CA LYS A 88 3.69 11.37 -3.81
C LYS A 88 5.12 10.77 -3.78
N GLU A 89 5.90 11.18 -2.75
CA GLU A 89 7.27 10.70 -2.52
C GLU A 89 7.29 9.22 -2.11
N MET A 90 6.21 8.78 -1.42
CA MET A 90 6.01 7.36 -1.08
C MET A 90 5.77 6.51 -2.34
N ALA A 91 5.00 7.08 -3.28
CA ALA A 91 4.72 6.45 -4.58
C ALA A 91 6.02 6.33 -5.41
N LYS A 92 6.96 7.30 -5.22
CA LYS A 92 8.29 7.25 -5.86
C LYS A 92 9.07 6.04 -5.36
N LYS A 93 9.00 5.78 -4.02
CA LYS A 93 9.67 4.63 -3.38
C LYS A 93 9.19 3.30 -4.01
N ALA A 94 7.87 3.21 -4.24
CA ALA A 94 7.22 2.01 -4.82
C ALA A 94 7.72 1.74 -6.25
N GLU A 95 7.94 2.83 -7.02
CA GLU A 95 8.51 2.77 -8.38
C GLU A 95 9.99 2.29 -8.34
N GLU A 96 10.73 2.77 -7.33
CA GLU A 96 12.16 2.42 -7.12
C GLU A 96 12.30 0.91 -6.85
N TRP A 97 11.51 0.43 -5.86
CA TRP A 97 11.50 -0.99 -5.45
C TRP A 97 11.08 -1.89 -6.61
N LEU A 98 10.20 -1.37 -7.49
CA LEU A 98 9.72 -2.09 -8.65
C LEU A 98 10.87 -2.32 -9.66
N GLN A 99 11.75 -1.32 -9.82
CA GLN A 99 12.94 -1.44 -10.71
C GLN A 99 13.95 -2.45 -10.13
N ALA A 100 13.98 -2.56 -8.78
CA ALA A 100 14.86 -3.52 -8.07
C ALA A 100 14.40 -4.97 -8.32
N GLU A 101 13.09 -5.21 -8.20
CA GLU A 101 12.48 -6.54 -8.39
C GLU A 101 12.46 -6.97 -9.86
N GLN A 102 12.16 -6.01 -10.76
CA GLN A 102 12.15 -6.25 -12.20
C GLN A 102 13.59 -6.29 -12.72
N ASN A 103 14.11 -7.49 -12.99
CA ASN A 103 15.50 -7.70 -13.42
C ASN A 103 15.56 -8.88 -14.39
N ASN A 104 15.96 -8.60 -15.65
CA ASN A 104 16.07 -9.61 -16.72
C ASN A 104 17.26 -9.23 -17.64
N ALA A 1 -18.40 1.81 5.10
CA ALA A 1 -16.93 1.88 4.90
C ALA A 1 -16.20 1.27 6.10
N ASP A 2 -16.38 1.90 7.30
CA ASP A 2 -15.63 1.54 8.53
C ASP A 2 -15.84 0.07 8.98
N GLU A 3 -17.00 -0.50 8.56
CA GLU A 3 -17.33 -1.92 8.75
C GLU A 3 -16.26 -2.83 8.08
N ASN A 4 -16.06 -2.58 6.76
CA ASN A 4 -15.10 -3.34 5.92
C ASN A 4 -13.66 -3.13 6.41
N ILE A 5 -13.33 -1.86 6.74
CA ILE A 5 -11.99 -1.45 7.19
C ILE A 5 -11.58 -2.25 8.43
N ALA A 6 -12.48 -2.23 9.46
CA ALA A 6 -12.28 -2.94 10.74
C ALA A 6 -12.12 -4.44 10.51
N LYS A 7 -12.89 -4.99 9.54
CA LYS A 7 -12.90 -6.42 9.20
C LYS A 7 -11.55 -6.86 8.57
N PHE A 8 -10.99 -6.00 7.71
CA PHE A 8 -9.69 -6.26 7.05
C PHE A 8 -8.53 -6.05 8.05
N GLU A 9 -8.79 -5.24 9.11
CA GLU A 9 -7.86 -5.07 10.24
C GLU A 9 -7.96 -6.25 11.22
N LYS A 10 -9.12 -6.95 11.20
CA LYS A 10 -9.31 -8.20 11.97
C LYS A 10 -8.65 -9.39 11.23
N ALA A 11 -8.27 -9.15 9.95
CA ALA A 11 -7.45 -10.08 9.15
C ALA A 11 -5.98 -9.62 9.10
N TYR A 12 -5.74 -8.35 9.51
CA TYR A 12 -4.40 -7.76 9.67
C TYR A 12 -4.00 -7.82 11.16
N LYS A 13 -2.67 -7.63 11.45
CA LYS A 13 -2.08 -7.75 12.82
C LYS A 13 -2.27 -9.19 13.35
N LYS A 14 -3.49 -9.48 13.88
CA LYS A 14 -3.94 -10.85 14.13
C LYS A 14 -4.27 -11.45 12.74
N ALA A 15 -3.22 -11.96 12.06
CA ALA A 15 -3.32 -12.44 10.68
C ALA A 15 -3.40 -13.96 10.66
N GLU A 16 -2.40 -14.62 11.27
CA GLU A 16 -2.41 -16.09 11.47
C GLU A 16 -1.29 -16.46 12.47
N GLU A 17 -1.44 -15.94 13.71
CA GLU A 17 -0.55 -16.23 14.87
C GLU A 17 0.93 -15.82 14.62
N LEU A 18 1.70 -16.69 13.92
CA LEU A 18 3.13 -16.50 13.64
C LEU A 18 3.29 -15.48 12.51
N ASN A 19 3.22 -14.20 12.87
CA ASN A 19 3.25 -13.07 11.92
C ASN A 19 4.65 -12.86 11.37
N GLN A 20 4.95 -13.59 10.28
CA GLN A 20 6.20 -13.48 9.53
C GLN A 20 6.29 -12.11 8.84
N GLY A 21 5.20 -11.76 8.14
CA GLY A 21 5.15 -10.63 7.22
C GLY A 21 4.25 -10.99 6.05
N GLU A 22 4.55 -12.19 5.49
CA GLU A 22 3.80 -12.88 4.40
C GLU A 22 2.25 -12.81 4.60
N LEU A 23 1.84 -12.95 5.87
CA LEU A 23 0.42 -13.05 6.28
C LEU A 23 -0.34 -11.72 6.12
N MET A 24 0.40 -10.64 5.86
CA MET A 24 -0.11 -9.26 5.78
C MET A 24 0.33 -8.65 4.45
N GLY A 25 0.18 -7.31 4.31
CA GLY A 25 0.52 -6.62 3.05
C GLY A 25 -0.65 -6.64 2.09
N ARG A 26 -1.08 -7.84 1.70
CA ARG A 26 -2.33 -8.04 0.94
C ARG A 26 -3.54 -7.62 1.80
N ALA A 27 -3.50 -8.01 3.09
CA ALA A 27 -4.48 -7.58 4.11
C ALA A 27 -4.47 -6.04 4.26
N LEU A 28 -3.24 -5.48 4.31
CA LEU A 28 -2.99 -4.02 4.47
C LEU A 28 -3.52 -3.24 3.23
N TYR A 29 -3.38 -3.89 2.06
CA TYR A 29 -3.81 -3.36 0.76
C TYR A 29 -5.34 -3.22 0.75
N ASN A 30 -6.04 -4.24 1.30
CA ASN A 30 -7.52 -4.28 1.36
C ASN A 30 -8.08 -3.15 2.23
N ILE A 31 -7.35 -2.84 3.33
CA ILE A 31 -7.70 -1.73 4.22
C ILE A 31 -7.55 -0.39 3.47
N GLY A 32 -6.43 -0.26 2.73
CA GLY A 32 -6.11 0.95 1.95
C GLY A 32 -7.11 1.23 0.83
N LEU A 33 -7.64 0.14 0.22
CA LEU A 33 -8.70 0.22 -0.80
C LEU A 33 -9.93 0.93 -0.24
N GLU A 34 -10.25 0.62 1.02
CA GLU A 34 -11.41 1.16 1.73
C GLU A 34 -11.20 2.62 2.16
N LYS A 35 -9.93 3.02 2.36
CA LYS A 35 -9.55 4.43 2.57
C LYS A 35 -9.87 5.24 1.30
N ASN A 36 -9.55 4.63 0.13
CA ASN A 36 -9.84 5.21 -1.20
C ASN A 36 -11.37 5.25 -1.46
N LYS A 37 -12.10 4.27 -0.88
CA LYS A 37 -13.59 4.20 -0.93
C LYS A 37 -14.23 5.34 -0.11
N MET A 38 -13.51 5.86 0.90
CA MET A 38 -13.96 7.01 1.72
C MET A 38 -13.57 8.35 1.09
N GLY A 39 -12.81 8.30 -0.01
CA GLY A 39 -12.25 9.51 -0.63
C GLY A 39 -10.96 9.95 0.04
N LYS A 40 -10.53 9.22 1.09
CA LYS A 40 -9.26 9.46 1.79
C LYS A 40 -8.15 8.72 1.02
N ALA A 41 -7.89 9.22 -0.19
CA ALA A 41 -6.92 8.65 -1.13
C ALA A 41 -5.47 8.88 -0.67
N ARG A 42 -5.28 9.82 0.28
CA ARG A 42 -3.99 10.07 0.93
C ARG A 42 -3.68 8.93 1.89
N GLU A 43 -4.68 8.60 2.75
CA GLU A 43 -4.62 7.42 3.65
C GLU A 43 -4.52 6.12 2.84
N ALA A 44 -5.18 6.09 1.67
CA ALA A 44 -5.12 4.94 0.74
C ALA A 44 -3.67 4.72 0.32
N ALA A 45 -3.04 5.82 -0.15
CA ALA A 45 -1.65 5.84 -0.59
C ALA A 45 -0.71 5.36 0.52
N GLU A 46 -0.96 5.84 1.76
CA GLU A 46 -0.19 5.46 2.97
C GLU A 46 -0.14 3.93 3.11
N TYR A 47 -1.32 3.31 3.08
CA TYR A 47 -1.51 1.87 3.32
C TYR A 47 -1.00 1.03 2.13
N PHE A 48 -1.05 1.58 0.89
CA PHE A 48 -0.52 0.91 -0.32
C PHE A 48 1.02 0.89 -0.30
N PHE A 49 1.61 1.96 0.28
CA PHE A 49 3.06 2.07 0.46
C PHE A 49 3.55 1.03 1.47
N ARG A 50 2.86 0.98 2.63
CA ARG A 50 3.19 0.07 3.74
C ARG A 50 2.95 -1.40 3.32
N ALA A 51 1.96 -1.59 2.42
CA ALA A 51 1.68 -2.89 1.79
C ALA A 51 2.85 -3.27 0.87
N ALA A 52 3.31 -2.30 0.05
CA ALA A 52 4.41 -2.48 -0.92
C ALA A 52 5.73 -2.86 -0.20
N ILE A 53 5.91 -2.32 1.04
CA ILE A 53 7.03 -2.68 1.92
C ILE A 53 7.00 -4.20 2.24
N VAL A 54 5.82 -4.69 2.66
CA VAL A 54 5.62 -6.12 3.00
C VAL A 54 5.94 -7.03 1.80
N PHE A 55 5.40 -6.63 0.61
CA PHE A 55 5.61 -7.36 -0.65
C PHE A 55 7.09 -7.35 -1.06
N TYR A 56 7.80 -6.24 -0.74
CA TYR A 56 9.22 -6.09 -1.06
C TYR A 56 10.10 -7.00 -0.16
N LYS A 57 9.76 -7.11 1.14
CA LYS A 57 10.42 -8.05 2.09
C LYS A 57 10.42 -9.48 1.53
N GLU A 58 9.24 -9.89 1.03
CA GLU A 58 9.03 -11.21 0.40
C GLU A 58 9.48 -11.24 -1.06
N HIS A 59 9.81 -10.05 -1.61
CA HIS A 59 10.29 -9.87 -3.02
C HIS A 59 9.26 -10.36 -4.05
N ASP A 60 7.98 -10.28 -3.65
CA ASP A 60 6.83 -10.66 -4.48
C ASP A 60 6.53 -9.50 -5.43
N THR A 61 6.98 -9.64 -6.67
CA THR A 61 6.90 -8.59 -7.71
C THR A 61 5.46 -8.22 -8.04
N ASP A 62 4.56 -9.22 -8.13
CA ASP A 62 3.16 -9.01 -8.56
C ASP A 62 2.39 -8.12 -7.56
N GLY A 63 2.63 -8.35 -6.26
CA GLY A 63 2.01 -7.59 -5.19
C GLY A 63 2.58 -6.17 -5.09
N LEU A 64 3.92 -6.09 -5.16
CA LEU A 64 4.68 -4.82 -5.15
C LEU A 64 4.28 -3.92 -6.34
N ARG A 65 4.02 -4.60 -7.47
CA ARG A 65 3.56 -4.02 -8.74
C ARG A 65 2.16 -3.42 -8.58
N ARG A 66 1.23 -4.22 -8.02
CA ARG A 66 -0.17 -3.83 -7.83
C ARG A 66 -0.27 -2.65 -6.82
N ALA A 67 0.55 -2.72 -5.76
CA ALA A 67 0.59 -1.68 -4.72
C ALA A 67 1.19 -0.37 -5.27
N ALA A 68 2.13 -0.50 -6.23
CA ALA A 68 2.77 0.64 -6.90
C ALA A 68 1.80 1.35 -7.87
N LYS A 69 1.03 0.54 -8.63
CA LYS A 69 0.00 1.03 -9.58
C LYS A 69 -1.15 1.71 -8.81
N SER A 70 -1.50 1.10 -7.66
CA SER A 70 -2.57 1.58 -6.77
C SER A 70 -2.14 2.88 -6.09
N LEU A 71 -0.81 3.01 -5.81
CA LEU A 71 -0.20 4.25 -5.31
C LEU A 71 -0.38 5.39 -6.32
N LYS A 72 -0.17 5.10 -7.62
CA LYS A 72 -0.31 6.09 -8.71
C LYS A 72 -1.73 6.66 -8.73
N GLU A 73 -2.73 5.75 -8.62
CA GLU A 73 -4.16 6.11 -8.64
C GLU A 73 -4.54 6.93 -7.39
N ALA A 74 -4.09 6.43 -6.23
CA ALA A 74 -4.42 7.01 -4.91
C ALA A 74 -3.92 8.46 -4.81
N ILE A 75 -2.66 8.69 -5.21
CA ILE A 75 -2.00 10.00 -5.05
C ILE A 75 -2.53 11.05 -6.05
N THR A 76 -2.89 10.60 -7.25
CA THR A 76 -3.52 11.48 -8.25
C THR A 76 -5.00 11.72 -7.90
N ALA A 77 -5.57 10.89 -7.00
CA ALA A 77 -6.95 11.04 -6.50
C ALA A 77 -6.99 11.94 -5.25
N ILE A 78 -5.82 12.12 -4.57
CA ILE A 78 -5.71 13.06 -3.42
C ILE A 78 -6.02 14.48 -3.91
N PRO A 79 -7.14 15.14 -3.45
CA PRO A 79 -7.56 16.49 -3.91
C PRO A 79 -6.43 17.54 -3.76
N GLU A 80 -6.29 18.13 -2.55
CA GLU A 80 -5.29 19.18 -2.26
C GLU A 80 -5.47 19.70 -0.82
N GLU A 81 -4.82 19.02 0.16
CA GLU A 81 -4.81 19.44 1.59
C GLU A 81 -4.04 18.43 2.47
N GLU A 82 -4.44 17.15 2.35
CA GLU A 82 -4.06 16.09 3.31
C GLU A 82 -2.56 15.74 3.21
N GLY A 83 -2.00 15.92 2.01
CA GLY A 83 -0.56 15.74 1.78
C GLY A 83 -0.30 14.82 0.59
N ARG A 84 -0.59 15.32 -0.62
CA ARG A 84 -0.30 14.59 -1.87
C ARG A 84 1.18 14.62 -2.21
N LYS A 85 1.90 15.63 -1.70
CA LYS A 85 3.34 15.82 -1.97
C LYS A 85 4.15 14.78 -1.18
N GLU A 86 3.85 14.68 0.13
CA GLU A 86 4.48 13.70 1.04
C GLU A 86 4.13 12.27 0.61
N ALA A 87 2.89 12.09 0.11
CA ALA A 87 2.40 10.80 -0.38
C ALA A 87 3.03 10.45 -1.73
N LYS A 88 3.29 11.49 -2.55
CA LYS A 88 3.88 11.35 -3.90
C LYS A 88 5.26 10.68 -3.81
N GLU A 89 6.02 11.05 -2.76
CA GLU A 89 7.37 10.51 -2.48
C GLU A 89 7.37 8.96 -2.39
N MET A 90 6.24 8.42 -1.91
CA MET A 90 6.04 6.98 -1.71
C MET A 90 5.83 6.25 -3.06
N ALA A 91 5.21 6.94 -4.04
CA ALA A 91 5.07 6.41 -5.42
C ALA A 91 6.45 6.14 -6.03
N LYS A 92 7.42 7.07 -5.77
CA LYS A 92 8.81 6.96 -6.24
C LYS A 92 9.49 5.73 -5.59
N LYS A 93 9.23 5.54 -4.27
CA LYS A 93 9.76 4.40 -3.48
C LYS A 93 9.30 3.05 -4.04
N ALA A 94 8.01 3.00 -4.40
CA ALA A 94 7.38 1.82 -5.01
C ALA A 94 8.04 1.47 -6.35
N GLU A 95 8.46 2.53 -7.08
CA GLU A 95 9.18 2.40 -8.36
C GLU A 95 10.64 2.00 -8.13
N GLU A 96 11.26 2.45 -7.01
CA GLU A 96 12.65 2.09 -6.67
C GLU A 96 12.75 0.57 -6.46
N TRP A 97 11.84 0.04 -5.63
CA TRP A 97 11.77 -1.37 -5.29
C TRP A 97 11.44 -2.22 -6.54
N LEU A 98 10.43 -1.75 -7.30
CA LEU A 98 9.94 -2.44 -8.51
C LEU A 98 11.03 -2.56 -9.59
N GLN A 99 11.71 -1.43 -9.88
CA GLN A 99 12.81 -1.37 -10.89
C GLN A 99 14.02 -2.20 -10.45
N ALA A 100 14.19 -2.33 -9.12
CA ALA A 100 15.24 -3.17 -8.52
C ALA A 100 14.93 -4.66 -8.69
N GLU A 101 13.63 -5.00 -8.58
CA GLU A 101 13.14 -6.38 -8.76
C GLU A 101 13.19 -6.79 -10.25
N GLN A 102 12.90 -5.82 -11.14
CA GLN A 102 12.89 -6.04 -12.59
C GLN A 102 14.31 -5.98 -13.14
N ASN A 103 14.69 -7.00 -13.92
CA ASN A 103 16.02 -7.11 -14.56
C ASN A 103 16.10 -6.21 -15.81
N ASN A 104 14.92 -5.91 -16.39
CA ASN A 104 14.80 -5.01 -17.55
C ASN A 104 13.55 -4.13 -17.35
N ALA A 1 -20.72 1.56 9.91
CA ALA A 1 -19.69 2.61 9.70
C ALA A 1 -18.30 1.98 9.80
N ASP A 2 -17.73 1.60 8.62
CA ASP A 2 -16.32 1.16 8.46
C ASP A 2 -15.95 -0.05 9.33
N GLU A 3 -16.97 -0.88 9.69
CA GLU A 3 -16.79 -2.11 10.48
C GLU A 3 -16.02 -3.16 9.67
N ASN A 4 -16.33 -3.21 8.36
CA ASN A 4 -15.65 -4.08 7.37
C ASN A 4 -14.14 -3.79 7.33
N ILE A 5 -13.79 -2.49 7.30
CA ILE A 5 -12.38 -2.02 7.31
C ILE A 5 -11.73 -2.27 8.68
N ALA A 6 -12.50 -2.02 9.76
CA ALA A 6 -12.02 -2.20 11.15
C ALA A 6 -11.73 -3.68 11.46
N LYS A 7 -12.43 -4.58 10.73
CA LYS A 7 -12.17 -6.02 10.77
C LYS A 7 -10.83 -6.34 10.09
N PHE A 8 -10.56 -5.66 8.96
CA PHE A 8 -9.29 -5.81 8.20
C PHE A 8 -8.09 -5.22 8.95
N GLU A 9 -8.37 -4.18 9.76
CA GLU A 9 -7.38 -3.58 10.69
C GLU A 9 -6.89 -4.66 11.68
N LYS A 10 -7.87 -5.41 12.24
CA LYS A 10 -7.62 -6.47 13.24
C LYS A 10 -7.32 -7.83 12.53
N ALA A 11 -7.48 -7.89 11.21
CA ALA A 11 -7.06 -9.05 10.40
C ALA A 11 -5.54 -9.07 10.24
N TYR A 12 -4.94 -7.87 10.26
CA TYR A 12 -3.49 -7.69 10.19
C TYR A 12 -2.92 -7.71 11.63
N LYS A 13 -1.67 -8.20 11.81
CA LYS A 13 -1.00 -8.27 13.13
C LYS A 13 0.51 -7.99 12.96
N LYS A 14 0.80 -7.09 11.99
CA LYS A 14 2.16 -6.73 11.54
C LYS A 14 2.95 -7.94 10.99
N ALA A 15 3.45 -7.77 9.75
CA ALA A 15 4.37 -8.74 9.11
C ALA A 15 5.80 -8.64 9.70
N GLU A 16 5.97 -7.70 10.66
CA GLU A 16 7.17 -7.55 11.48
C GLU A 16 7.29 -8.72 12.47
N GLU A 17 6.13 -9.20 12.94
CA GLU A 17 6.04 -10.34 13.85
C GLU A 17 6.25 -11.66 13.08
N LEU A 18 7.46 -12.23 13.27
CA LEU A 18 7.94 -13.46 12.59
C LEU A 18 8.14 -13.22 11.07
N ASN A 19 8.86 -14.14 10.40
CA ASN A 19 8.98 -14.12 8.93
C ASN A 19 7.68 -14.67 8.32
N GLN A 20 6.65 -13.82 8.33
CA GLN A 20 5.29 -14.15 7.89
C GLN A 20 4.80 -13.07 6.90
N GLY A 21 5.76 -12.50 6.14
CA GLY A 21 5.46 -11.49 5.10
C GLY A 21 4.64 -12.07 3.94
N GLU A 22 4.69 -13.40 3.79
CA GLU A 22 3.84 -14.16 2.87
C GLU A 22 2.36 -14.12 3.32
N LEU A 23 2.15 -14.22 4.65
CA LEU A 23 0.80 -14.30 5.25
C LEU A 23 0.16 -12.92 5.40
N MET A 24 0.90 -11.86 5.02
CA MET A 24 0.47 -10.47 5.18
C MET A 24 0.89 -9.61 3.97
N GLY A 25 0.69 -8.28 4.10
CA GLY A 25 0.85 -7.33 3.00
C GLY A 25 -0.45 -7.11 2.24
N ARG A 26 -1.07 -8.24 1.85
CA ARG A 26 -2.30 -8.29 1.04
C ARG A 26 -3.47 -7.56 1.72
N ALA A 27 -3.63 -7.77 3.04
CA ALA A 27 -4.73 -7.16 3.81
C ALA A 27 -4.65 -5.63 3.80
N LEU A 28 -3.43 -5.08 4.03
CA LEU A 28 -3.18 -3.62 3.99
C LEU A 28 -3.43 -3.02 2.59
N TYR A 29 -3.10 -3.81 1.55
CA TYR A 29 -3.39 -3.44 0.16
C TYR A 29 -4.92 -3.28 -0.05
N ASN A 30 -5.69 -4.22 0.52
CA ASN A 30 -7.17 -4.19 0.44
C ASN A 30 -7.74 -3.01 1.24
N ILE A 31 -7.18 -2.71 2.44
CA ILE A 31 -7.65 -1.59 3.31
C ILE A 31 -7.44 -0.25 2.57
N GLY A 32 -6.32 -0.18 1.84
CA GLY A 32 -6.02 0.94 0.97
C GLY A 32 -7.08 1.14 -0.11
N LEU A 33 -7.45 0.03 -0.78
CA LEU A 33 -8.51 0.02 -1.80
C LEU A 33 -9.85 0.50 -1.20
N GLU A 34 -10.16 0.02 0.02
CA GLU A 34 -11.44 0.30 0.72
C GLU A 34 -11.57 1.79 1.09
N LYS A 35 -10.44 2.41 1.47
CA LYS A 35 -10.37 3.86 1.73
C LYS A 35 -10.53 4.63 0.40
N ASN A 36 -9.87 4.13 -0.67
CA ASN A 36 -9.89 4.73 -2.02
C ASN A 36 -11.31 4.68 -2.61
N LYS A 37 -12.11 3.66 -2.20
CA LYS A 37 -13.53 3.52 -2.61
C LYS A 37 -14.37 4.70 -2.11
N MET A 38 -14.08 5.12 -0.86
CA MET A 38 -14.80 6.21 -0.17
C MET A 38 -14.16 7.57 -0.49
N GLY A 39 -13.07 7.55 -1.28
CA GLY A 39 -12.38 8.77 -1.70
C GLY A 39 -11.18 9.12 -0.83
N LYS A 40 -10.97 8.39 0.28
CA LYS A 40 -9.81 8.60 1.17
C LYS A 40 -8.53 8.02 0.55
N ALA A 41 -7.99 8.78 -0.41
CA ALA A 41 -6.89 8.36 -1.28
C ALA A 41 -5.51 8.59 -0.66
N ARG A 42 -5.41 9.55 0.29
CA ARG A 42 -4.14 9.82 1.01
C ARG A 42 -3.88 8.69 2.02
N GLU A 43 -4.96 8.25 2.70
CA GLU A 43 -4.92 7.06 3.56
C GLU A 43 -4.66 5.82 2.73
N ALA A 44 -5.33 5.74 1.56
CA ALA A 44 -5.18 4.62 0.62
C ALA A 44 -3.71 4.40 0.25
N ALA A 45 -3.06 5.49 -0.21
CA ALA A 45 -1.64 5.49 -0.60
C ALA A 45 -0.74 5.07 0.57
N GLU A 46 -1.13 5.48 1.78
CA GLU A 46 -0.39 5.21 3.02
C GLU A 46 -0.42 3.69 3.35
N TYR A 47 -1.58 3.05 3.11
CA TYR A 47 -1.74 1.59 3.28
C TYR A 47 -1.02 0.81 2.16
N PHE A 48 -1.03 1.37 0.94
CA PHE A 48 -0.36 0.77 -0.24
C PHE A 48 1.16 0.77 -0.06
N PHE A 49 1.66 1.78 0.69
CA PHE A 49 3.08 1.89 1.01
C PHE A 49 3.51 0.80 1.98
N ARG A 50 2.71 0.62 3.05
CA ARG A 50 2.91 -0.44 4.06
C ARG A 50 2.95 -1.82 3.37
N ALA A 51 1.95 -2.03 2.48
CA ALA A 51 1.78 -3.25 1.71
C ALA A 51 2.99 -3.48 0.79
N ALA A 52 3.42 -2.38 0.10
CA ALA A 52 4.53 -2.43 -0.88
C ALA A 52 5.87 -2.81 -0.23
N ILE A 53 6.04 -2.40 1.05
CA ILE A 53 7.21 -2.78 1.88
C ILE A 53 7.24 -4.31 2.05
N VAL A 54 6.08 -4.88 2.47
CA VAL A 54 5.95 -6.32 2.78
C VAL A 54 6.10 -7.18 1.50
N PHE A 55 5.47 -6.71 0.39
CA PHE A 55 5.50 -7.38 -0.92
C PHE A 55 6.93 -7.43 -1.48
N TYR A 56 7.63 -6.29 -1.44
CA TYR A 56 9.02 -6.19 -1.92
C TYR A 56 9.97 -7.05 -1.07
N LYS A 57 9.81 -6.94 0.26
CA LYS A 57 10.58 -7.70 1.25
C LYS A 57 10.47 -9.22 1.00
N GLU A 58 9.25 -9.65 0.61
CA GLU A 58 8.97 -11.07 0.28
C GLU A 58 9.25 -11.35 -1.21
N HIS A 59 9.49 -10.27 -1.99
CA HIS A 59 9.81 -10.32 -3.44
C HIS A 59 8.64 -10.86 -4.28
N ASP A 60 7.42 -10.57 -3.81
CA ASP A 60 6.19 -10.80 -4.58
C ASP A 60 6.01 -9.64 -5.58
N THR A 61 6.35 -9.92 -6.85
CA THR A 61 6.27 -8.93 -7.95
C THR A 61 4.84 -8.55 -8.31
N ASP A 62 3.89 -9.46 -8.03
CA ASP A 62 2.46 -9.25 -8.34
C ASP A 62 1.91 -8.08 -7.51
N GLY A 63 2.01 -8.25 -6.18
CA GLY A 63 1.47 -7.30 -5.22
C GLY A 63 2.26 -6.01 -5.17
N LEU A 64 3.58 -6.08 -5.42
CA LEU A 64 4.46 -4.89 -5.48
C LEU A 64 4.11 -4.02 -6.70
N ARG A 65 3.87 -4.69 -7.85
CA ARG A 65 3.46 -4.04 -9.13
C ARG A 65 2.13 -3.31 -8.95
N ARG A 66 1.19 -4.00 -8.29
CA ARG A 66 -0.14 -3.47 -8.01
C ARG A 66 -0.05 -2.28 -7.03
N ALA A 67 0.68 -2.47 -5.91
CA ALA A 67 0.78 -1.47 -4.83
C ALA A 67 1.52 -0.21 -5.28
N ALA A 68 2.48 -0.39 -6.21
CA ALA A 68 3.25 0.73 -6.80
C ALA A 68 2.33 1.66 -7.60
N LYS A 69 1.47 1.04 -8.43
CA LYS A 69 0.49 1.75 -9.27
C LYS A 69 -0.67 2.31 -8.43
N SER A 70 -1.09 1.53 -7.42
CA SER A 70 -2.20 1.91 -6.54
C SER A 70 -1.80 3.10 -5.65
N LEU A 71 -0.49 3.16 -5.29
CA LEU A 71 0.07 4.23 -4.45
C LEU A 71 -0.04 5.58 -5.20
N LYS A 72 0.46 5.60 -6.44
CA LYS A 72 0.57 6.82 -7.26
C LYS A 72 -0.81 7.34 -7.74
N GLU A 73 -1.73 6.41 -8.10
CA GLU A 73 -3.09 6.76 -8.58
C GLU A 73 -3.93 7.37 -7.44
N ALA A 74 -3.61 6.94 -6.21
CA ALA A 74 -4.24 7.47 -5.00
C ALA A 74 -3.75 8.91 -4.71
N ILE A 75 -2.47 9.19 -5.04
CA ILE A 75 -1.86 10.52 -4.83
C ILE A 75 -2.41 11.57 -5.84
N THR A 76 -2.63 11.13 -7.09
CA THR A 76 -3.27 11.97 -8.11
C THR A 76 -4.78 12.15 -7.81
N ALA A 77 -5.30 11.34 -6.87
CA ALA A 77 -6.69 11.42 -6.42
C ALA A 77 -6.84 12.28 -5.13
N ILE A 78 -5.71 12.57 -4.43
CA ILE A 78 -5.71 13.47 -3.25
C ILE A 78 -6.09 14.91 -3.71
N PRO A 79 -7.06 15.61 -3.04
CA PRO A 79 -7.45 16.99 -3.41
C PRO A 79 -6.32 18.00 -3.13
N GLU A 80 -6.59 19.29 -3.41
CA GLU A 80 -5.57 20.36 -3.31
C GLU A 80 -5.05 20.53 -1.85
N GLU A 81 -3.92 21.25 -1.72
CA GLU A 81 -3.22 21.51 -0.43
C GLU A 81 -2.48 20.23 0.01
N GLU A 82 -3.24 19.20 0.42
CA GLU A 82 -2.66 17.91 0.86
C GLU A 82 -2.13 17.10 -0.35
N GLY A 83 -1.19 16.17 -0.07
CA GLY A 83 -0.45 15.46 -1.13
C GLY A 83 0.70 16.31 -1.64
N ARG A 84 1.30 15.87 -2.78
CA ARG A 84 2.44 16.57 -3.47
C ARG A 84 3.74 16.39 -2.64
N LYS A 85 3.67 16.70 -1.35
CA LYS A 85 4.56 16.16 -0.31
C LYS A 85 3.83 15.00 0.42
N GLU A 86 4.30 14.62 1.64
CA GLU A 86 3.60 13.63 2.52
C GLU A 86 3.47 12.25 1.83
N ALA A 87 2.32 12.00 1.17
CA ALA A 87 1.98 10.69 0.59
C ALA A 87 2.75 10.46 -0.72
N LYS A 88 3.07 11.57 -1.42
CA LYS A 88 3.68 11.55 -2.75
C LYS A 88 5.10 10.94 -2.72
N GLU A 89 5.81 11.18 -1.60
CA GLU A 89 7.20 10.70 -1.38
C GLU A 89 7.30 9.16 -1.47
N MET A 90 6.21 8.51 -1.05
CA MET A 90 6.10 7.05 -0.97
C MET A 90 5.97 6.41 -2.37
N ALA A 91 5.35 7.15 -3.32
CA ALA A 91 5.20 6.70 -4.73
C ALA A 91 6.57 6.33 -5.32
N LYS A 92 7.57 7.22 -5.11
CA LYS A 92 8.94 7.00 -5.62
C LYS A 92 9.52 5.69 -5.07
N LYS A 93 9.29 5.43 -3.76
CA LYS A 93 9.83 4.24 -3.09
C LYS A 93 9.33 2.95 -3.77
N ALA A 94 8.02 2.92 -4.05
CA ALA A 94 7.35 1.76 -4.68
C ALA A 94 7.88 1.52 -6.11
N GLU A 95 8.21 2.62 -6.81
CA GLU A 95 8.83 2.59 -8.15
C GLU A 95 10.25 2.00 -8.09
N GLU A 96 11.05 2.49 -7.12
CA GLU A 96 12.44 2.06 -6.91
C GLU A 96 12.52 0.54 -6.69
N TRP A 97 11.61 0.05 -5.84
CA TRP A 97 11.53 -1.37 -5.47
C TRP A 97 11.08 -2.24 -6.65
N LEU A 98 10.12 -1.70 -7.43
CA LEU A 98 9.56 -2.39 -8.59
C LEU A 98 10.61 -2.53 -9.72
N GLN A 99 11.50 -1.53 -9.85
CA GLN A 99 12.58 -1.55 -10.87
C GLN A 99 13.67 -2.56 -10.46
N ALA A 100 13.86 -2.72 -9.13
CA ALA A 100 14.84 -3.67 -8.55
C ALA A 100 14.46 -5.13 -8.91
N GLU A 101 13.15 -5.37 -9.05
CA GLU A 101 12.59 -6.68 -9.44
C GLU A 101 12.55 -6.83 -10.97
N GLN A 102 11.95 -5.83 -11.64
CA GLN A 102 11.74 -5.83 -13.10
C GLN A 102 12.97 -5.26 -13.81
N ASN A 103 13.96 -6.11 -14.06
CA ASN A 103 15.22 -5.74 -14.72
C ASN A 103 15.09 -5.91 -16.25
N ASN A 104 15.22 -4.81 -17.00
CA ASN A 104 15.14 -4.78 -18.47
C ASN A 104 16.41 -4.09 -19.02
N ALA A 1 -18.72 2.97 9.02
CA ALA A 1 -18.30 2.90 7.59
C ALA A 1 -17.09 1.97 7.43
N ASP A 2 -16.85 1.12 8.44
CA ASP A 2 -15.61 0.34 8.58
C ASP A 2 -15.95 -1.10 9.02
N GLU A 3 -17.11 -1.60 8.55
CA GLU A 3 -17.61 -2.97 8.82
C GLU A 3 -16.63 -3.99 8.21
N ASN A 4 -16.41 -3.86 6.88
CA ASN A 4 -15.54 -4.78 6.11
C ASN A 4 -14.05 -4.51 6.43
N ILE A 5 -13.73 -3.24 6.75
CA ILE A 5 -12.36 -2.80 7.11
C ILE A 5 -11.91 -3.47 8.43
N ALA A 6 -12.87 -3.68 9.35
CA ALA A 6 -12.65 -4.34 10.66
C ALA A 6 -12.02 -5.74 10.50
N LYS A 7 -12.38 -6.41 9.38
CA LYS A 7 -11.82 -7.72 9.00
C LYS A 7 -10.33 -7.58 8.70
N PHE A 8 -10.01 -6.61 7.82
CA PHE A 8 -8.64 -6.44 7.28
C PHE A 8 -7.65 -5.94 8.36
N GLU A 9 -8.16 -5.11 9.31
CA GLU A 9 -7.36 -4.56 10.42
C GLU A 9 -6.82 -5.70 11.31
N LYS A 10 -7.71 -6.64 11.69
CA LYS A 10 -7.35 -7.78 12.55
C LYS A 10 -6.84 -8.98 11.72
N ALA A 11 -7.08 -8.95 10.38
CA ALA A 11 -6.51 -9.94 9.44
C ALA A 11 -5.00 -9.72 9.33
N TYR A 12 -4.59 -8.45 9.46
CA TYR A 12 -3.20 -8.08 9.59
C TYR A 12 -2.76 -8.39 11.04
N LYS A 13 -2.18 -9.59 11.23
CA LYS A 13 -1.79 -10.08 12.55
C LYS A 13 -0.55 -9.32 13.07
N LYS A 14 0.65 -9.78 12.70
CA LYS A 14 1.91 -9.21 13.20
C LYS A 14 3.06 -9.52 12.21
N ALA A 15 3.28 -8.59 11.26
CA ALA A 15 4.40 -8.66 10.30
C ALA A 15 5.57 -7.76 10.77
N GLU A 16 5.38 -7.09 11.92
CA GLU A 16 6.34 -6.13 12.48
C GLU A 16 7.38 -6.83 13.40
N GLU A 17 6.89 -7.65 14.33
CA GLU A 17 7.73 -8.34 15.32
C GLU A 17 7.96 -9.81 14.90
N LEU A 18 6.96 -10.39 14.23
CA LEU A 18 7.05 -11.75 13.66
C LEU A 18 7.21 -11.63 12.14
N ASN A 19 8.15 -12.41 11.57
CA ASN A 19 8.36 -12.47 10.10
C ASN A 19 7.41 -13.52 9.50
N GLN A 20 6.11 -13.30 9.69
CA GLN A 20 5.03 -14.16 9.16
C GLN A 20 4.43 -13.52 7.90
N GLY A 21 5.29 -12.84 7.10
CA GLY A 21 4.86 -12.15 5.88
C GLY A 21 4.23 -13.09 4.85
N GLU A 22 3.63 -12.50 3.79
CA GLU A 22 2.79 -13.19 2.78
C GLU A 22 1.37 -13.45 3.34
N LEU A 23 1.27 -13.87 4.64
CA LEU A 23 -0.01 -13.88 5.40
C LEU A 23 -0.58 -12.45 5.50
N MET A 24 0.33 -11.46 5.52
CA MET A 24 0.01 -10.03 5.68
C MET A 24 0.63 -9.20 4.55
N GLY A 25 0.37 -7.89 4.60
CA GLY A 25 0.70 -6.95 3.54
C GLY A 25 -0.51 -6.65 2.69
N ARG A 26 -1.20 -7.75 2.30
CA ARG A 26 -2.48 -7.71 1.57
C ARG A 26 -3.51 -6.85 2.32
N ALA A 27 -3.63 -7.10 3.64
CA ALA A 27 -4.62 -6.46 4.50
C ALA A 27 -4.53 -4.92 4.49
N LEU A 28 -3.28 -4.37 4.48
CA LEU A 28 -3.08 -2.90 4.38
C LEU A 28 -3.58 -2.38 3.03
N TYR A 29 -3.20 -3.09 1.95
CA TYR A 29 -3.60 -2.79 0.57
C TYR A 29 -5.16 -2.77 0.43
N ASN A 30 -5.82 -3.73 1.12
CA ASN A 30 -7.27 -3.94 1.04
C ASN A 30 -8.04 -2.85 1.80
N ILE A 31 -7.45 -2.39 2.94
CA ILE A 31 -7.96 -1.22 3.69
C ILE A 31 -7.84 0.03 2.80
N GLY A 32 -6.66 0.15 2.14
CA GLY A 32 -6.33 1.28 1.29
C GLY A 32 -7.25 1.42 0.09
N LEU A 33 -7.67 0.27 -0.48
CA LEU A 33 -8.63 0.24 -1.60
C LEU A 33 -9.95 0.89 -1.18
N GLU A 34 -10.37 0.62 0.06
CA GLU A 34 -11.60 1.16 0.63
C GLU A 34 -11.45 2.63 1.05
N LYS A 35 -10.23 3.04 1.43
CA LYS A 35 -9.94 4.46 1.75
C LYS A 35 -10.07 5.32 0.47
N ASN A 36 -9.42 4.86 -0.62
CA ASN A 36 -9.45 5.55 -1.94
C ASN A 36 -10.89 5.54 -2.51
N LYS A 37 -11.63 4.47 -2.20
CA LYS A 37 -13.07 4.31 -2.51
C LYS A 37 -13.93 5.34 -1.74
N MET A 38 -13.56 5.61 -0.47
CA MET A 38 -14.26 6.60 0.39
C MET A 38 -13.70 8.02 0.19
N GLY A 39 -12.74 8.18 -0.73
CA GLY A 39 -12.12 9.48 -1.03
C GLY A 39 -10.99 9.86 -0.07
N LYS A 40 -10.70 8.97 0.90
CA LYS A 40 -9.61 9.11 1.87
C LYS A 40 -8.28 8.64 1.24
N ALA A 41 -7.95 9.25 0.09
CA ALA A 41 -6.83 8.85 -0.78
C ALA A 41 -5.48 9.13 -0.12
N ARG A 42 -5.45 10.16 0.77
CA ARG A 42 -4.29 10.50 1.61
C ARG A 42 -3.82 9.27 2.41
N GLU A 43 -4.75 8.61 3.11
CA GLU A 43 -4.45 7.42 3.93
C GLU A 43 -4.34 6.16 3.06
N ALA A 44 -5.09 6.14 1.93
CA ALA A 44 -5.09 5.02 0.97
C ALA A 44 -3.68 4.75 0.45
N ALA A 45 -3.05 5.81 -0.07
CA ALA A 45 -1.70 5.79 -0.63
C ALA A 45 -0.67 5.32 0.42
N GLU A 46 -0.91 5.72 1.68
CA GLU A 46 -0.05 5.38 2.83
C GLU A 46 -0.13 3.86 3.12
N TYR A 47 -1.35 3.31 3.04
CA TYR A 47 -1.62 1.87 3.19
C TYR A 47 -0.99 1.07 2.04
N PHE A 48 -1.02 1.64 0.81
CA PHE A 48 -0.44 1.01 -0.39
C PHE A 48 1.09 0.99 -0.30
N PHE A 49 1.66 2.02 0.37
CA PHE A 49 3.10 2.15 0.57
C PHE A 49 3.60 1.07 1.54
N ARG A 50 2.93 0.97 2.70
CA ARG A 50 3.28 0.01 3.75
C ARG A 50 3.02 -1.44 3.28
N ALA A 51 1.98 -1.61 2.45
CA ALA A 51 1.69 -2.90 1.79
C ALA A 51 2.87 -3.27 0.87
N ALA A 52 3.31 -2.28 0.06
CA ALA A 52 4.41 -2.44 -0.90
C ALA A 52 5.72 -2.81 -0.19
N ILE A 53 5.92 -2.26 1.03
CA ILE A 53 7.07 -2.60 1.91
C ILE A 53 7.09 -4.12 2.18
N VAL A 54 5.94 -4.67 2.66
CA VAL A 54 5.82 -6.08 3.05
C VAL A 54 6.02 -7.00 1.83
N PHE A 55 5.38 -6.64 0.69
CA PHE A 55 5.49 -7.40 -0.58
C PHE A 55 6.92 -7.36 -1.14
N TYR A 56 7.66 -6.27 -0.86
CA TYR A 56 9.06 -6.12 -1.27
C TYR A 56 9.97 -7.03 -0.41
N LYS A 57 9.67 -7.07 0.91
CA LYS A 57 10.29 -8.02 1.87
C LYS A 57 10.07 -9.48 1.44
N GLU A 58 8.89 -9.75 0.88
CA GLU A 58 8.52 -11.09 0.40
C GLU A 58 9.01 -11.32 -1.04
N HIS A 59 9.44 -10.23 -1.71
CA HIS A 59 9.90 -10.22 -3.12
C HIS A 59 8.78 -10.68 -4.08
N ASP A 60 7.54 -10.42 -3.63
CA ASP A 60 6.30 -10.69 -4.35
C ASP A 60 6.04 -9.53 -5.32
N THR A 61 6.49 -9.72 -6.58
CA THR A 61 6.40 -8.71 -7.65
C THR A 61 4.94 -8.38 -8.01
N ASP A 62 4.00 -9.33 -7.78
CA ASP A 62 2.56 -9.11 -8.01
C ASP A 62 2.04 -7.94 -7.16
N GLY A 63 2.20 -8.10 -5.84
CA GLY A 63 1.63 -7.18 -4.86
C GLY A 63 2.37 -5.87 -4.76
N LEU A 64 3.72 -5.93 -4.88
CA LEU A 64 4.59 -4.74 -4.85
C LEU A 64 4.25 -3.79 -5.99
N ARG A 65 4.16 -4.38 -7.22
CA ARG A 65 3.84 -3.64 -8.44
C ARG A 65 2.43 -3.06 -8.36
N ARG A 66 1.49 -3.90 -7.91
CA ARG A 66 0.06 -3.57 -7.82
C ARG A 66 -0.17 -2.45 -6.78
N ALA A 67 0.63 -2.47 -5.70
CA ALA A 67 0.57 -1.47 -4.64
C ALA A 67 1.12 -0.13 -5.14
N ALA A 68 2.17 -0.19 -5.98
CA ALA A 68 2.78 1.00 -6.63
C ALA A 68 1.80 1.64 -7.64
N LYS A 69 1.11 0.76 -8.40
CA LYS A 69 0.07 1.14 -9.38
C LYS A 69 -1.09 1.87 -8.68
N SER A 70 -1.57 1.27 -7.57
CA SER A 70 -2.71 1.78 -6.80
C SER A 70 -2.31 3.06 -6.05
N LEU A 71 -1.02 3.15 -5.68
CA LEU A 71 -0.44 4.25 -4.90
C LEU A 71 -0.57 5.57 -5.70
N LYS A 72 -0.04 5.55 -6.95
CA LYS A 72 -0.01 6.74 -7.83
C LYS A 72 -1.44 7.22 -8.21
N GLU A 73 -2.39 6.27 -8.28
CA GLU A 73 -3.80 6.54 -8.58
C GLU A 73 -4.49 7.21 -7.37
N ALA A 74 -4.09 6.79 -6.15
CA ALA A 74 -4.54 7.41 -4.91
C ALA A 74 -3.99 8.84 -4.79
N ILE A 75 -2.73 9.05 -5.24
CA ILE A 75 -2.03 10.36 -5.16
C ILE A 75 -2.71 11.42 -6.06
N THR A 76 -3.11 11.00 -7.27
CA THR A 76 -3.86 11.87 -8.20
C THR A 76 -5.23 12.27 -7.58
N ALA A 77 -5.74 11.42 -6.66
CA ALA A 77 -7.00 11.66 -5.95
C ALA A 77 -6.80 12.42 -4.62
N ILE A 78 -5.55 12.44 -4.05
CA ILE A 78 -5.25 13.13 -2.78
C ILE A 78 -5.45 14.66 -2.95
N PRO A 79 -6.40 15.29 -2.18
CA PRO A 79 -6.49 16.77 -2.06
C PRO A 79 -5.14 17.38 -1.65
N GLU A 80 -4.60 18.27 -2.51
CA GLU A 80 -3.28 18.90 -2.32
C GLU A 80 -3.31 19.85 -1.11
N GLU A 81 -3.08 19.26 0.07
CA GLU A 81 -3.18 19.92 1.38
C GLU A 81 -2.77 18.92 2.47
N GLU A 82 -3.40 17.74 2.43
CA GLU A 82 -3.21 16.66 3.42
C GLU A 82 -1.84 15.97 3.24
N GLY A 83 -1.57 15.54 2.00
CA GLY A 83 -0.33 14.82 1.68
C GLY A 83 0.17 15.20 0.31
N ARG A 84 -0.30 14.47 -0.72
CA ARG A 84 -0.06 14.75 -2.16
C ARG A 84 1.45 14.74 -2.52
N LYS A 85 2.17 15.84 -2.20
CA LYS A 85 3.59 16.02 -2.51
C LYS A 85 4.47 15.00 -1.74
N GLU A 86 4.35 15.01 -0.40
CA GLU A 86 5.06 14.08 0.48
C GLU A 86 4.67 12.61 0.17
N ALA A 87 3.37 12.43 -0.15
CA ALA A 87 2.76 11.14 -0.41
C ALA A 87 3.16 10.58 -1.80
N LYS A 88 3.51 11.49 -2.72
CA LYS A 88 3.91 11.14 -4.09
C LYS A 88 5.23 10.35 -4.09
N GLU A 89 6.10 10.69 -3.13
CA GLU A 89 7.40 10.04 -2.92
C GLU A 89 7.24 8.54 -2.63
N MET A 90 6.10 8.15 -2.04
CA MET A 90 5.83 6.75 -1.67
C MET A 90 5.62 5.87 -2.92
N ALA A 91 4.93 6.43 -3.95
CA ALA A 91 4.74 5.74 -5.25
C ALA A 91 6.10 5.54 -5.94
N LYS A 92 6.95 6.57 -5.80
CA LYS A 92 8.31 6.57 -6.34
C LYS A 92 9.18 5.51 -5.64
N LYS A 93 9.00 5.38 -4.30
CA LYS A 93 9.72 4.37 -3.48
C LYS A 93 9.37 2.95 -3.94
N ALA A 94 8.05 2.72 -4.11
CA ALA A 94 7.49 1.41 -4.53
C ALA A 94 7.90 1.06 -5.98
N GLU A 95 8.07 2.11 -6.81
CA GLU A 95 8.51 1.98 -8.22
C GLU A 95 10.02 1.69 -8.29
N GLU A 96 10.79 2.25 -7.33
CA GLU A 96 12.24 1.99 -7.19
C GLU A 96 12.48 0.52 -6.80
N TRP A 97 11.65 0.00 -5.87
CA TRP A 97 11.69 -1.40 -5.43
C TRP A 97 11.30 -2.33 -6.59
N LEU A 98 10.32 -1.87 -7.39
CA LEU A 98 9.84 -2.59 -8.57
C LEU A 98 10.99 -2.84 -9.56
N GLN A 99 11.83 -1.79 -9.79
CA GLN A 99 13.04 -1.87 -10.65
C GLN A 99 14.02 -2.92 -10.11
N ALA A 100 14.25 -2.85 -8.77
CA ALA A 100 15.18 -3.75 -8.05
C ALA A 100 14.74 -5.22 -8.15
N GLU A 101 13.42 -5.45 -8.29
CA GLU A 101 12.84 -6.80 -8.42
C GLU A 101 12.85 -7.33 -9.86
N GLN A 102 13.18 -6.48 -10.84
CA GLN A 102 13.29 -6.90 -12.25
C GLN A 102 14.69 -7.48 -12.49
N ASN A 103 14.73 -8.79 -12.80
CA ASN A 103 15.98 -9.52 -13.15
C ASN A 103 16.46 -9.11 -14.56
N ASN A 104 15.50 -8.75 -15.43
CA ASN A 104 15.78 -8.25 -16.79
C ASN A 104 16.33 -6.79 -16.74
#